data_1TES
# 
_entry.id   1TES 
# 
_audit_conform.dict_name       mmcif_pdbx.dic 
_audit_conform.dict_version    5.386 
_audit_conform.dict_location   http://mmcif.pdb.org/dictionaries/ascii/mmcif_pdbx.dic 
# 
loop_
_database_2.database_id 
_database_2.database_code 
_database_2.pdbx_database_accession 
_database_2.pdbx_DOI 
PDB   1TES         pdb_00001tes 10.2210/pdb1tes/pdb 
WWPDB D_1000176646 ?            ?                   
# 
loop_
_pdbx_audit_revision_history.ordinal 
_pdbx_audit_revision_history.data_content_type 
_pdbx_audit_revision_history.major_revision 
_pdbx_audit_revision_history.minor_revision 
_pdbx_audit_revision_history.revision_date 
1 'Structure model' 1 0 1996-11-08 
2 'Structure model' 1 1 2008-03-24 
3 'Structure model' 1 2 2011-07-13 
4 'Structure model' 1 3 2024-02-14 
# 
_pdbx_audit_revision_details.ordinal             1 
_pdbx_audit_revision_details.revision_ordinal    1 
_pdbx_audit_revision_details.data_content_type   'Structure model' 
_pdbx_audit_revision_details.provider            repository 
_pdbx_audit_revision_details.type                'Initial release' 
_pdbx_audit_revision_details.description         ? 
_pdbx_audit_revision_details.details             ? 
# 
loop_
_pdbx_audit_revision_group.ordinal 
_pdbx_audit_revision_group.revision_ordinal 
_pdbx_audit_revision_group.data_content_type 
_pdbx_audit_revision_group.group 
1 2 'Structure model' 'Version format compliance' 
2 3 'Structure model' 'Version format compliance' 
3 4 'Structure model' 'Data collection'           
4 4 'Structure model' 'Database references'       
5 4 'Structure model' 'Derived calculations'      
6 4 'Structure model' Other                       
# 
loop_
_pdbx_audit_revision_category.ordinal 
_pdbx_audit_revision_category.revision_ordinal 
_pdbx_audit_revision_category.data_content_type 
_pdbx_audit_revision_category.category 
1 4 'Structure model' chem_comp_atom       
2 4 'Structure model' chem_comp_bond       
3 4 'Structure model' database_2           
4 4 'Structure model' pdbx_database_status 
5 4 'Structure model' struct_conn          
6 4 'Structure model' struct_site          
# 
loop_
_pdbx_audit_revision_item.ordinal 
_pdbx_audit_revision_item.revision_ordinal 
_pdbx_audit_revision_item.data_content_type 
_pdbx_audit_revision_item.item 
1  4 'Structure model' '_database_2.pdbx_DOI'                
2  4 'Structure model' '_database_2.pdbx_database_accession' 
3  4 'Structure model' '_pdbx_database_status.process_site'  
4  4 'Structure model' '_struct_conn.ptnr1_auth_comp_id'     
5  4 'Structure model' '_struct_conn.ptnr1_auth_seq_id'      
6  4 'Structure model' '_struct_conn.ptnr1_label_asym_id'    
7  4 'Structure model' '_struct_conn.ptnr1_label_atom_id'    
8  4 'Structure model' '_struct_conn.ptnr1_label_comp_id'    
9  4 'Structure model' '_struct_conn.ptnr1_label_seq_id'     
10 4 'Structure model' '_struct_conn.ptnr2_auth_comp_id'     
11 4 'Structure model' '_struct_conn.ptnr2_auth_seq_id'      
12 4 'Structure model' '_struct_conn.ptnr2_label_asym_id'    
13 4 'Structure model' '_struct_conn.ptnr2_label_atom_id'    
14 4 'Structure model' '_struct_conn.ptnr2_label_comp_id'    
15 4 'Structure model' '_struct_conn.ptnr2_label_seq_id'     
16 4 'Structure model' '_struct_site.pdbx_auth_asym_id'      
17 4 'Structure model' '_struct_site.pdbx_auth_comp_id'      
18 4 'Structure model' '_struct_site.pdbx_auth_seq_id'       
# 
_pdbx_database_status.status_code                     REL 
_pdbx_database_status.entry_id                        1TES 
_pdbx_database_status.recvd_initial_deposition_date   1996-05-06 
_pdbx_database_status.deposit_site                    ? 
_pdbx_database_status.process_site                    BNL 
_pdbx_database_status.status_code_sf                  REL 
_pdbx_database_status.status_code_mr                  ? 
_pdbx_database_status.SG_entry                        ? 
_pdbx_database_status.pdb_format_compatible           Y 
_pdbx_database_status.status_code_cs                  ? 
_pdbx_database_status.status_code_nmr_data            ? 
_pdbx_database_status.methods_development_category    ? 
# 
loop_
_audit_author.name 
_audit_author.pdbx_ordinal 
'Smith, R.D.'        1 
'Phillips Jr., G.N.' 2 
'Olson, J.S.'        3 
# 
_citation.id                        primary 
_citation.title                     'Mechanism of NO-induced oxidation of myoglobin and hemoglobin.' 
_citation.journal_abbrev            Biochemistry 
_citation.journal_volume            35 
_citation.page_first                6976 
_citation.page_last                 6983 
_citation.year                      1996 
_citation.journal_id_ASTM           BICHAW 
_citation.country                   US 
_citation.journal_id_ISSN           0006-2960 
_citation.journal_id_CSD            0033 
_citation.book_publisher            ? 
_citation.pdbx_database_id_PubMed   8679521 
_citation.pdbx_database_id_DOI      10.1021/bi960442g 
# 
loop_
_citation_author.citation_id 
_citation_author.name 
_citation_author.ordinal 
_citation_author.identifier_ORCID 
primary 'Eich, R.F.'         1  ? 
primary 'Li, T.'             2  ? 
primary 'Lemon, D.D.'        3  ? 
primary 'Doherty, D.H.'      4  ? 
primary 'Curry, S.R.'        5  ? 
primary 'Aitken, J.F.'       6  ? 
primary 'Mathews, A.J.'      7  ? 
primary 'Johnson, K.A.'      8  ? 
primary 'Smith, R.D.'        9  ? 
primary 'Phillips Jr., G.N.' 10 ? 
primary 'Olson, J.S.'        11 ? 
# 
loop_
_entity.id 
_entity.type 
_entity.src_method 
_entity.pdbx_description 
_entity.formula_weight 
_entity.pdbx_number_of_molecules 
_entity.pdbx_ec 
_entity.pdbx_mutation 
_entity.pdbx_fragment 
_entity.details 
1 polymer     man MYOGLOBIN                         17365.164 1   ? 'INITIATOR MET, D123N' ? 'ETHYL ISOCYANIDE, PH 9.0' 
2 non-polymer syn 'SULFATE ION'                     96.063    1   ? ?                      ? ?                          
3 non-polymer syn 'PROTOPORPHYRIN IX CONTAINING FE' 616.487   1   ? ?                      ? ?                          
4 non-polymer syn METHYLETHYLAMINE                  59.110    1   ? ?                      ? ?                          
5 water       nat water                             18.015    152 ? ?                      ? ?                          
# 
_entity_poly.entity_id                      1 
_entity_poly.type                           'polypeptide(L)' 
_entity_poly.nstd_linkage                   no 
_entity_poly.nstd_monomer                   no 
_entity_poly.pdbx_seq_one_letter_code       
;MVLSEGEWQLVLHVWAKVEADVAGHGQDILIRLFKSHPETLEKFDRFKHLKTEAEMKASEDLKKHGVTVLTALGAILKKK
GHHEAELKPLAQSHATKHKIPIKYLEFISEAIIHVLHSRHPGNFGADAQGAMNKALELFRKDIAAKYKELGYQG
;
_entity_poly.pdbx_seq_one_letter_code_can   
;MVLSEGEWQLVLHVWAKVEADVAGHGQDILIRLFKSHPETLEKFDRFKHLKTEAEMKASEDLKKHGVTVLTALGAILKKK
GHHEAELKPLAQSHATKHKIPIKYLEFISEAIIHVLHSRHPGNFGADAQGAMNKALELFRKDIAAKYKELGYQG
;
_entity_poly.pdbx_strand_id                 A 
_entity_poly.pdbx_target_identifier         ? 
# 
loop_
_pdbx_entity_nonpoly.entity_id 
_pdbx_entity_nonpoly.name 
_pdbx_entity_nonpoly.comp_id 
2 'SULFATE ION'                     SO4 
3 'PROTOPORPHYRIN IX CONTAINING FE' HEM 
4 METHYLETHYLAMINE                  ETN 
5 water                             HOH 
# 
loop_
_entity_poly_seq.entity_id 
_entity_poly_seq.num 
_entity_poly_seq.mon_id 
_entity_poly_seq.hetero 
1 1   MET n 
1 2   VAL n 
1 3   LEU n 
1 4   SER n 
1 5   GLU n 
1 6   GLY n 
1 7   GLU n 
1 8   TRP n 
1 9   GLN n 
1 10  LEU n 
1 11  VAL n 
1 12  LEU n 
1 13  HIS n 
1 14  VAL n 
1 15  TRP n 
1 16  ALA n 
1 17  LYS n 
1 18  VAL n 
1 19  GLU n 
1 20  ALA n 
1 21  ASP n 
1 22  VAL n 
1 23  ALA n 
1 24  GLY n 
1 25  HIS n 
1 26  GLY n 
1 27  GLN n 
1 28  ASP n 
1 29  ILE n 
1 30  LEU n 
1 31  ILE n 
1 32  ARG n 
1 33  LEU n 
1 34  PHE n 
1 35  LYS n 
1 36  SER n 
1 37  HIS n 
1 38  PRO n 
1 39  GLU n 
1 40  THR n 
1 41  LEU n 
1 42  GLU n 
1 43  LYS n 
1 44  PHE n 
1 45  ASP n 
1 46  ARG n 
1 47  PHE n 
1 48  LYS n 
1 49  HIS n 
1 50  LEU n 
1 51  LYS n 
1 52  THR n 
1 53  GLU n 
1 54  ALA n 
1 55  GLU n 
1 56  MET n 
1 57  LYS n 
1 58  ALA n 
1 59  SER n 
1 60  GLU n 
1 61  ASP n 
1 62  LEU n 
1 63  LYS n 
1 64  LYS n 
1 65  HIS n 
1 66  GLY n 
1 67  VAL n 
1 68  THR n 
1 69  VAL n 
1 70  LEU n 
1 71  THR n 
1 72  ALA n 
1 73  LEU n 
1 74  GLY n 
1 75  ALA n 
1 76  ILE n 
1 77  LEU n 
1 78  LYS n 
1 79  LYS n 
1 80  LYS n 
1 81  GLY n 
1 82  HIS n 
1 83  HIS n 
1 84  GLU n 
1 85  ALA n 
1 86  GLU n 
1 87  LEU n 
1 88  LYS n 
1 89  PRO n 
1 90  LEU n 
1 91  ALA n 
1 92  GLN n 
1 93  SER n 
1 94  HIS n 
1 95  ALA n 
1 96  THR n 
1 97  LYS n 
1 98  HIS n 
1 99  LYS n 
1 100 ILE n 
1 101 PRO n 
1 102 ILE n 
1 103 LYS n 
1 104 TYR n 
1 105 LEU n 
1 106 GLU n 
1 107 PHE n 
1 108 ILE n 
1 109 SER n 
1 110 GLU n 
1 111 ALA n 
1 112 ILE n 
1 113 ILE n 
1 114 HIS n 
1 115 VAL n 
1 116 LEU n 
1 117 HIS n 
1 118 SER n 
1 119 ARG n 
1 120 HIS n 
1 121 PRO n 
1 122 GLY n 
1 123 ASN n 
1 124 PHE n 
1 125 GLY n 
1 126 ALA n 
1 127 ASP n 
1 128 ALA n 
1 129 GLN n 
1 130 GLY n 
1 131 ALA n 
1 132 MET n 
1 133 ASN n 
1 134 LYS n 
1 135 ALA n 
1 136 LEU n 
1 137 GLU n 
1 138 LEU n 
1 139 PHE n 
1 140 ARG n 
1 141 LYS n 
1 142 ASP n 
1 143 ILE n 
1 144 ALA n 
1 145 ALA n 
1 146 LYS n 
1 147 TYR n 
1 148 LYS n 
1 149 GLU n 
1 150 LEU n 
1 151 GLY n 
1 152 TYR n 
1 153 GLN n 
1 154 GLY n 
# 
_entity_src_gen.entity_id                          1 
_entity_src_gen.pdbx_src_id                        1 
_entity_src_gen.pdbx_alt_source_flag               sample 
_entity_src_gen.pdbx_seq_type                      ? 
_entity_src_gen.pdbx_beg_seq_num                   ? 
_entity_src_gen.pdbx_end_seq_num                   ? 
_entity_src_gen.gene_src_common_name               'sperm whale' 
_entity_src_gen.gene_src_genus                     Physeter 
_entity_src_gen.pdbx_gene_src_gene                 ? 
_entity_src_gen.gene_src_species                   ? 
_entity_src_gen.gene_src_strain                    ? 
_entity_src_gen.gene_src_tissue                    ? 
_entity_src_gen.gene_src_tissue_fraction           ? 
_entity_src_gen.gene_src_details                   ? 
_entity_src_gen.pdbx_gene_src_fragment             ? 
_entity_src_gen.pdbx_gene_src_scientific_name      'Physeter catodon' 
_entity_src_gen.pdbx_gene_src_ncbi_taxonomy_id     9755 
_entity_src_gen.pdbx_gene_src_variant              ? 
_entity_src_gen.pdbx_gene_src_cell_line            ? 
_entity_src_gen.pdbx_gene_src_atcc                 ? 
_entity_src_gen.pdbx_gene_src_organ                ? 
_entity_src_gen.pdbx_gene_src_organelle            ? 
_entity_src_gen.pdbx_gene_src_cell                 ? 
_entity_src_gen.pdbx_gene_src_cellular_location    ? 
_entity_src_gen.host_org_common_name               ? 
_entity_src_gen.pdbx_host_org_scientific_name      'Escherichia coli' 
_entity_src_gen.pdbx_host_org_ncbi_taxonomy_id     562 
_entity_src_gen.host_org_genus                     Escherichia 
_entity_src_gen.pdbx_host_org_gene                 ? 
_entity_src_gen.pdbx_host_org_organ                ? 
_entity_src_gen.host_org_species                   ? 
_entity_src_gen.pdbx_host_org_tissue               ? 
_entity_src_gen.pdbx_host_org_tissue_fraction      ? 
_entity_src_gen.pdbx_host_org_strain               ? 
_entity_src_gen.pdbx_host_org_variant              ? 
_entity_src_gen.pdbx_host_org_cell_line            ? 
_entity_src_gen.pdbx_host_org_atcc                 ? 
_entity_src_gen.pdbx_host_org_culture_collection   ? 
_entity_src_gen.pdbx_host_org_cell                 ? 
_entity_src_gen.pdbx_host_org_organelle            ? 
_entity_src_gen.pdbx_host_org_cellular_location    ? 
_entity_src_gen.pdbx_host_org_vector_type          ? 
_entity_src_gen.pdbx_host_org_vector               ? 
_entity_src_gen.host_org_details                   ? 
_entity_src_gen.expression_system_id               ? 
_entity_src_gen.plasmid_name                       ? 
_entity_src_gen.plasmid_details                    ? 
_entity_src_gen.pdbx_description                   ? 
# 
loop_
_chem_comp.id 
_chem_comp.type 
_chem_comp.mon_nstd_flag 
_chem_comp.name 
_chem_comp.pdbx_synonyms 
_chem_comp.formula 
_chem_comp.formula_weight 
ALA 'L-peptide linking' y ALANINE                           ?    'C3 H7 N O2'       89.093  
ARG 'L-peptide linking' y ARGININE                          ?    'C6 H15 N4 O2 1'   175.209 
ASN 'L-peptide linking' y ASPARAGINE                        ?    'C4 H8 N2 O3'      132.118 
ASP 'L-peptide linking' y 'ASPARTIC ACID'                   ?    'C4 H7 N O4'       133.103 
ETN non-polymer         . METHYLETHYLAMINE                  ?    'C3 H9 N'          59.110  
GLN 'L-peptide linking' y GLUTAMINE                         ?    'C5 H10 N2 O3'     146.144 
GLU 'L-peptide linking' y 'GLUTAMIC ACID'                   ?    'C5 H9 N O4'       147.129 
GLY 'peptide linking'   y GLYCINE                           ?    'C2 H5 N O2'       75.067  
HEM non-polymer         . 'PROTOPORPHYRIN IX CONTAINING FE' HEME 'C34 H32 Fe N4 O4' 616.487 
HIS 'L-peptide linking' y HISTIDINE                         ?    'C6 H10 N3 O2 1'   156.162 
HOH non-polymer         . WATER                             ?    'H2 O'             18.015  
ILE 'L-peptide linking' y ISOLEUCINE                        ?    'C6 H13 N O2'      131.173 
LEU 'L-peptide linking' y LEUCINE                           ?    'C6 H13 N O2'      131.173 
LYS 'L-peptide linking' y LYSINE                            ?    'C6 H15 N2 O2 1'   147.195 
MET 'L-peptide linking' y METHIONINE                        ?    'C5 H11 N O2 S'    149.211 
PHE 'L-peptide linking' y PHENYLALANINE                     ?    'C9 H11 N O2'      165.189 
PRO 'L-peptide linking' y PROLINE                           ?    'C5 H9 N O2'       115.130 
SER 'L-peptide linking' y SERINE                            ?    'C3 H7 N O3'       105.093 
SO4 non-polymer         . 'SULFATE ION'                     ?    'O4 S -2'          96.063  
THR 'L-peptide linking' y THREONINE                         ?    'C4 H9 N O3'       119.119 
TRP 'L-peptide linking' y TRYPTOPHAN                        ?    'C11 H12 N2 O2'    204.225 
TYR 'L-peptide linking' y TYROSINE                          ?    'C9 H11 N O3'      181.189 
VAL 'L-peptide linking' y VALINE                            ?    'C5 H11 N O2'      117.146 
# 
loop_
_pdbx_poly_seq_scheme.asym_id 
_pdbx_poly_seq_scheme.entity_id 
_pdbx_poly_seq_scheme.seq_id 
_pdbx_poly_seq_scheme.mon_id 
_pdbx_poly_seq_scheme.ndb_seq_num 
_pdbx_poly_seq_scheme.pdb_seq_num 
_pdbx_poly_seq_scheme.auth_seq_num 
_pdbx_poly_seq_scheme.pdb_mon_id 
_pdbx_poly_seq_scheme.auth_mon_id 
_pdbx_poly_seq_scheme.pdb_strand_id 
_pdbx_poly_seq_scheme.pdb_ins_code 
_pdbx_poly_seq_scheme.hetero 
A 1 1   MET 1   1   1   MET MET A . n 
A 1 2   VAL 2   2   2   VAL VAL A . n 
A 1 3   LEU 3   3   3   LEU LEU A . n 
A 1 4   SER 4   4   4   SER SER A . n 
A 1 5   GLU 5   5   5   GLU GLU A . n 
A 1 6   GLY 6   6   6   GLY GLY A . n 
A 1 7   GLU 7   7   7   GLU GLU A . n 
A 1 8   TRP 8   8   8   TRP TRP A . n 
A 1 9   GLN 9   9   9   GLN GLN A . n 
A 1 10  LEU 10  10  10  LEU LEU A . n 
A 1 11  VAL 11  11  11  VAL VAL A . n 
A 1 12  LEU 12  12  12  LEU LEU A . n 
A 1 13  HIS 13  13  13  HIS HIS A . n 
A 1 14  VAL 14  14  14  VAL VAL A . n 
A 1 15  TRP 15  15  15  TRP TRP A . n 
A 1 16  ALA 16  16  16  ALA ALA A . n 
A 1 17  LYS 17  17  17  LYS LYS A . n 
A 1 18  VAL 18  18  18  VAL VAL A . n 
A 1 19  GLU 19  19  19  GLU GLU A . n 
A 1 20  ALA 20  20  20  ALA ALA A . n 
A 1 21  ASP 21  21  21  ASP ASP A . n 
A 1 22  VAL 22  22  22  VAL VAL A . n 
A 1 23  ALA 23  23  23  ALA ALA A . n 
A 1 24  GLY 24  24  24  GLY GLY A . n 
A 1 25  HIS 25  25  25  HIS HIS A . n 
A 1 26  GLY 26  26  26  GLY GLY A . n 
A 1 27  GLN 27  27  27  GLN GLN A . n 
A 1 28  ASP 28  28  28  ASP ASP A . n 
A 1 29  ILE 29  29  29  ILE ILE A . n 
A 1 30  LEU 30  30  30  LEU LEU A . n 
A 1 31  ILE 31  31  31  ILE ILE A . n 
A 1 32  ARG 32  32  32  ARG ARG A . n 
A 1 33  LEU 33  33  33  LEU LEU A . n 
A 1 34  PHE 34  34  34  PHE PHE A . n 
A 1 35  LYS 35  35  35  LYS LYS A . n 
A 1 36  SER 36  36  36  SER SER A . n 
A 1 37  HIS 37  37  37  HIS HIS A . n 
A 1 38  PRO 38  38  38  PRO PRO A . n 
A 1 39  GLU 39  39  39  GLU GLU A . n 
A 1 40  THR 40  40  40  THR THR A . n 
A 1 41  LEU 41  41  41  LEU LEU A . n 
A 1 42  GLU 42  42  42  GLU GLU A . n 
A 1 43  LYS 43  43  43  LYS LYS A . n 
A 1 44  PHE 44  44  44  PHE PHE A . n 
A 1 45  ASP 45  45  45  ASP ASP A . n 
A 1 46  ARG 46  46  46  ARG ARG A . n 
A 1 47  PHE 47  47  47  PHE PHE A . n 
A 1 48  LYS 48  48  48  LYS LYS A . n 
A 1 49  HIS 49  49  49  HIS HIS A . n 
A 1 50  LEU 50  50  50  LEU LEU A . n 
A 1 51  LYS 51  51  51  LYS LYS A . n 
A 1 52  THR 52  52  52  THR THR A . n 
A 1 53  GLU 53  53  53  GLU GLU A . n 
A 1 54  ALA 54  54  54  ALA ALA A . n 
A 1 55  GLU 55  55  55  GLU GLU A . n 
A 1 56  MET 56  56  56  MET MET A . n 
A 1 57  LYS 57  57  57  LYS LYS A . n 
A 1 58  ALA 58  58  58  ALA ALA A . n 
A 1 59  SER 59  59  59  SER SER A . n 
A 1 60  GLU 60  60  60  GLU GLU A . n 
A 1 61  ASP 61  61  61  ASP ASP A . n 
A 1 62  LEU 62  62  62  LEU LEU A . n 
A 1 63  LYS 63  63  63  LYS LYS A . n 
A 1 64  LYS 64  64  64  LYS LYS A . n 
A 1 65  HIS 65  65  65  HIS HIS A . n 
A 1 66  GLY 66  66  66  GLY GLY A . n 
A 1 67  VAL 67  67  67  VAL VAL A . n 
A 1 68  THR 68  68  68  THR THR A . n 
A 1 69  VAL 69  69  69  VAL VAL A . n 
A 1 70  LEU 70  70  70  LEU LEU A . n 
A 1 71  THR 71  71  71  THR THR A . n 
A 1 72  ALA 72  72  72  ALA ALA A . n 
A 1 73  LEU 73  73  73  LEU LEU A . n 
A 1 74  GLY 74  74  74  GLY GLY A . n 
A 1 75  ALA 75  75  75  ALA ALA A . n 
A 1 76  ILE 76  76  76  ILE ILE A . n 
A 1 77  LEU 77  77  77  LEU LEU A . n 
A 1 78  LYS 78  78  78  LYS LYS A . n 
A 1 79  LYS 79  79  79  LYS LYS A . n 
A 1 80  LYS 80  80  80  LYS LYS A . n 
A 1 81  GLY 81  81  81  GLY GLY A . n 
A 1 82  HIS 82  82  82  HIS HIS A . n 
A 1 83  HIS 83  83  83  HIS HIS A . n 
A 1 84  GLU 84  84  84  GLU GLU A . n 
A 1 85  ALA 85  85  85  ALA ALA A . n 
A 1 86  GLU 86  86  86  GLU GLU A . n 
A 1 87  LEU 87  87  87  LEU LEU A . n 
A 1 88  LYS 88  88  88  LYS LYS A . n 
A 1 89  PRO 89  89  89  PRO PRO A . n 
A 1 90  LEU 90  90  90  LEU LEU A . n 
A 1 91  ALA 91  91  91  ALA ALA A . n 
A 1 92  GLN 92  92  92  GLN GLN A . n 
A 1 93  SER 93  93  93  SER SER A . n 
A 1 94  HIS 94  94  94  HIS HIS A . n 
A 1 95  ALA 95  95  95  ALA ALA A . n 
A 1 96  THR 96  96  96  THR THR A . n 
A 1 97  LYS 97  97  97  LYS LYS A . n 
A 1 98  HIS 98  98  98  HIS HIS A . n 
A 1 99  LYS 99  99  99  LYS LYS A . n 
A 1 100 ILE 100 100 100 ILE ILE A . n 
A 1 101 PRO 101 101 101 PRO PRO A . n 
A 1 102 ILE 102 102 102 ILE ILE A . n 
A 1 103 LYS 103 103 103 LYS LYS A . n 
A 1 104 TYR 104 104 104 TYR TYR A . n 
A 1 105 LEU 105 105 105 LEU LEU A . n 
A 1 106 GLU 106 106 106 GLU GLU A . n 
A 1 107 PHE 107 107 107 PHE PHE A . n 
A 1 108 ILE 108 108 108 ILE ILE A . n 
A 1 109 SER 109 109 109 SER SER A . n 
A 1 110 GLU 110 110 110 GLU GLU A . n 
A 1 111 ALA 111 111 111 ALA ALA A . n 
A 1 112 ILE 112 112 112 ILE ILE A . n 
A 1 113 ILE 113 113 113 ILE ILE A . n 
A 1 114 HIS 114 114 114 HIS HIS A . n 
A 1 115 VAL 115 115 115 VAL VAL A . n 
A 1 116 LEU 116 116 116 LEU LEU A . n 
A 1 117 HIS 117 117 117 HIS HIS A . n 
A 1 118 SER 118 118 118 SER SER A . n 
A 1 119 ARG 119 119 119 ARG ARG A . n 
A 1 120 HIS 120 120 120 HIS HIS A . n 
A 1 121 PRO 121 121 121 PRO PRO A . n 
A 1 122 GLY 122 122 122 GLY GLY A . n 
A 1 123 ASN 123 123 123 ASN ASN A . n 
A 1 124 PHE 124 124 124 PHE PHE A . n 
A 1 125 GLY 125 125 125 GLY GLY A . n 
A 1 126 ALA 126 126 126 ALA ALA A . n 
A 1 127 ASP 127 127 127 ASP ASP A . n 
A 1 128 ALA 128 128 128 ALA ALA A . n 
A 1 129 GLN 129 129 129 GLN GLN A . n 
A 1 130 GLY 130 130 130 GLY GLY A . n 
A 1 131 ALA 131 131 131 ALA ALA A . n 
A 1 132 MET 132 132 132 MET MET A . n 
A 1 133 ASN 133 133 133 ASN ASN A . n 
A 1 134 LYS 134 134 134 LYS LYS A . n 
A 1 135 ALA 135 135 135 ALA ALA A . n 
A 1 136 LEU 136 136 136 LEU LEU A . n 
A 1 137 GLU 137 137 137 GLU GLU A . n 
A 1 138 LEU 138 138 138 LEU LEU A . n 
A 1 139 PHE 139 139 139 PHE PHE A . n 
A 1 140 ARG 140 140 140 ARG ARG A . n 
A 1 141 LYS 141 141 141 LYS LYS A . n 
A 1 142 ASP 142 142 142 ASP ASP A . n 
A 1 143 ILE 143 143 143 ILE ILE A . n 
A 1 144 ALA 144 144 144 ALA ALA A . n 
A 1 145 ALA 145 145 145 ALA ALA A . n 
A 1 146 LYS 146 146 146 LYS LYS A . n 
A 1 147 TYR 147 147 147 TYR TYR A . n 
A 1 148 LYS 148 148 148 LYS LYS A . n 
A 1 149 GLU 149 149 149 GLU GLU A . n 
A 1 150 LEU 150 150 150 LEU LEU A . n 
A 1 151 GLY 151 151 151 GLY GLY A . n 
A 1 152 TYR 152 152 152 TYR TYR A . n 
A 1 153 GLN 153 153 153 GLN GLN A . n 
A 1 154 GLY 154 154 154 GLY GLY A . n 
# 
loop_
_pdbx_nonpoly_scheme.asym_id 
_pdbx_nonpoly_scheme.entity_id 
_pdbx_nonpoly_scheme.mon_id 
_pdbx_nonpoly_scheme.ndb_seq_num 
_pdbx_nonpoly_scheme.pdb_seq_num 
_pdbx_nonpoly_scheme.auth_seq_num 
_pdbx_nonpoly_scheme.pdb_mon_id 
_pdbx_nonpoly_scheme.auth_mon_id 
_pdbx_nonpoly_scheme.pdb_strand_id 
_pdbx_nonpoly_scheme.pdb_ins_code 
B 2 SO4 1   157 157 SO4 SO4 A . 
C 3 HEM 1   155 155 HEM HEM A . 
D 4 ETN 1   156 156 ETN ETN A . 
E 5 HOH 1   201 201 HOH HOH A . 
E 5 HOH 2   202 202 HOH HOH A . 
E 5 HOH 3   203 203 HOH HOH A . 
E 5 HOH 4   204 204 HOH HOH A . 
E 5 HOH 5   205 205 HOH HOH A . 
E 5 HOH 6   206 206 HOH HOH A . 
E 5 HOH 7   207 207 HOH HOH A . 
E 5 HOH 8   208 208 HOH HOH A . 
E 5 HOH 9   209 209 HOH HOH A . 
E 5 HOH 10  210 210 HOH HOH A . 
E 5 HOH 11  211 211 HOH HOH A . 
E 5 HOH 12  212 212 HOH HOH A . 
E 5 HOH 13  214 214 HOH HOH A . 
E 5 HOH 14  215 215 HOH HOH A . 
E 5 HOH 15  216 216 HOH HOH A . 
E 5 HOH 16  217 217 HOH HOH A . 
E 5 HOH 17  218 218 HOH HOH A . 
E 5 HOH 18  219 219 HOH HOH A . 
E 5 HOH 19  220 220 HOH HOH A . 
E 5 HOH 20  221 221 HOH HOH A . 
E 5 HOH 21  222 222 HOH HOH A . 
E 5 HOH 22  223 223 HOH HOH A . 
E 5 HOH 23  224 224 HOH HOH A . 
E 5 HOH 24  225 225 HOH HOH A . 
E 5 HOH 25  226 226 HOH HOH A . 
E 5 HOH 26  227 227 HOH HOH A . 
E 5 HOH 27  229 229 HOH HOH A . 
E 5 HOH 28  230 230 HOH HOH A . 
E 5 HOH 29  232 232 HOH HOH A . 
E 5 HOH 30  233 233 HOH HOH A . 
E 5 HOH 31  235 235 HOH HOH A . 
E 5 HOH 32  237 237 HOH HOH A . 
E 5 HOH 33  240 240 HOH HOH A . 
E 5 HOH 34  241 241 HOH HOH A . 
E 5 HOH 35  242 242 HOH HOH A . 
E 5 HOH 36  243 243 HOH HOH A . 
E 5 HOH 37  245 245 HOH HOH A . 
E 5 HOH 38  246 246 HOH HOH A . 
E 5 HOH 39  247 247 HOH HOH A . 
E 5 HOH 40  248 248 HOH HOH A . 
E 5 HOH 41  249 249 HOH HOH A . 
E 5 HOH 42  250 250 HOH HOH A . 
E 5 HOH 43  252 252 HOH HOH A . 
E 5 HOH 44  253 253 HOH HOH A . 
E 5 HOH 45  254 254 HOH HOH A . 
E 5 HOH 46  255 255 HOH HOH A . 
E 5 HOH 47  256 256 HOH HOH A . 
E 5 HOH 48  257 257 HOH HOH A . 
E 5 HOH 49  258 258 HOH HOH A . 
E 5 HOH 50  260 260 HOH HOH A . 
E 5 HOH 51  261 261 HOH HOH A . 
E 5 HOH 52  262 262 HOH HOH A . 
E 5 HOH 53  263 263 HOH HOH A . 
E 5 HOH 54  264 264 HOH HOH A . 
E 5 HOH 55  265 265 HOH HOH A . 
E 5 HOH 56  268 268 HOH HOH A . 
E 5 HOH 57  269 269 HOH HOH A . 
E 5 HOH 58  271 271 HOH HOH A . 
E 5 HOH 59  273 273 HOH HOH A . 
E 5 HOH 60  274 274 HOH HOH A . 
E 5 HOH 61  275 275 HOH HOH A . 
E 5 HOH 62  276 276 HOH HOH A . 
E 5 HOH 63  281 281 HOH HOH A . 
E 5 HOH 64  282 282 HOH HOH A . 
E 5 HOH 65  283 283 HOH HOH A . 
E 5 HOH 66  284 284 HOH HOH A . 
E 5 HOH 67  286 286 HOH HOH A . 
E 5 HOH 68  287 287 HOH HOH A . 
E 5 HOH 69  288 288 HOH HOH A . 
E 5 HOH 70  289 289 HOH HOH A . 
E 5 HOH 71  291 291 HOH HOH A . 
E 5 HOH 72  293 293 HOH HOH A . 
E 5 HOH 73  294 294 HOH HOH A . 
E 5 HOH 74  295 295 HOH HOH A . 
E 5 HOH 75  297 297 HOH HOH A . 
E 5 HOH 76  299 299 HOH HOH A . 
E 5 HOH 77  300 300 HOH HOH A . 
E 5 HOH 78  301 301 HOH HOH A . 
E 5 HOH 79  302 302 HOH HOH A . 
E 5 HOH 80  303 303 HOH HOH A . 
E 5 HOH 81  304 304 HOH HOH A . 
E 5 HOH 82  308 308 HOH HOH A . 
E 5 HOH 83  310 310 HOH HOH A . 
E 5 HOH 84  311 311 HOH HOH A . 
E 5 HOH 85  315 315 HOH HOH A . 
E 5 HOH 86  316 316 HOH HOH A . 
E 5 HOH 87  317 317 HOH HOH A . 
E 5 HOH 88  318 318 HOH HOH A . 
E 5 HOH 89  321 321 HOH HOH A . 
E 5 HOH 90  322 322 HOH HOH A . 
E 5 HOH 91  323 323 HOH HOH A . 
E 5 HOH 92  324 324 HOH HOH A . 
E 5 HOH 93  325 325 HOH HOH A . 
E 5 HOH 94  326 326 HOH HOH A . 
E 5 HOH 95  327 327 HOH HOH A . 
E 5 HOH 96  328 328 HOH HOH A . 
E 5 HOH 97  329 329 HOH HOH A . 
E 5 HOH 98  331 331 HOH HOH A . 
E 5 HOH 99  332 332 HOH HOH A . 
E 5 HOH 100 333 333 HOH HOH A . 
E 5 HOH 101 334 334 HOH HOH A . 
E 5 HOH 102 335 335 HOH HOH A . 
E 5 HOH 103 336 336 HOH HOH A . 
E 5 HOH 104 337 337 HOH HOH A . 
E 5 HOH 105 338 338 HOH HOH A . 
E 5 HOH 106 339 339 HOH HOH A . 
E 5 HOH 107 340 340 HOH HOH A . 
E 5 HOH 108 342 342 HOH HOH A . 
E 5 HOH 109 343 343 HOH HOH A . 
E 5 HOH 110 344 344 HOH HOH A . 
E 5 HOH 111 345 345 HOH HOH A . 
E 5 HOH 112 346 346 HOH HOH A . 
E 5 HOH 113 348 348 HOH HOH A . 
E 5 HOH 114 349 349 HOH HOH A . 
E 5 HOH 115 350 350 HOH HOH A . 
E 5 HOH 116 351 351 HOH HOH A . 
E 5 HOH 117 352 352 HOH HOH A . 
E 5 HOH 118 355 355 HOH HOH A . 
E 5 HOH 119 356 356 HOH HOH A . 
E 5 HOH 120 357 357 HOH HOH A . 
E 5 HOH 121 358 358 HOH HOH A . 
E 5 HOH 122 360 360 HOH HOH A . 
E 5 HOH 123 361 361 HOH HOH A . 
E 5 HOH 124 362 362 HOH HOH A . 
E 5 HOH 125 364 364 HOH HOH A . 
E 5 HOH 126 365 365 HOH HOH A . 
E 5 HOH 127 366 366 HOH HOH A . 
E 5 HOH 128 367 367 HOH HOH A . 
E 5 HOH 129 368 368 HOH HOH A . 
E 5 HOH 130 369 369 HOH HOH A . 
E 5 HOH 131 370 370 HOH HOH A . 
E 5 HOH 132 371 371 HOH HOH A . 
E 5 HOH 133 372 372 HOH HOH A . 
E 5 HOH 134 373 373 HOH HOH A . 
E 5 HOH 135 374 374 HOH HOH A . 
E 5 HOH 136 375 375 HOH HOH A . 
E 5 HOH 137 376 376 HOH HOH A . 
E 5 HOH 138 377 377 HOH HOH A . 
E 5 HOH 139 380 380 HOH HOH A . 
E 5 HOH 140 381 381 HOH HOH A . 
E 5 HOH 141 382 382 HOH HOH A . 
E 5 HOH 142 383 383 HOH HOH A . 
E 5 HOH 143 384 384 HOH HOH A . 
E 5 HOH 144 385 385 HOH HOH A . 
E 5 HOH 145 386 386 HOH HOH A . 
E 5 HOH 146 387 387 HOH HOH A . 
E 5 HOH 147 388 388 HOH HOH A . 
E 5 HOH 148 389 389 HOH HOH A . 
E 5 HOH 149 390 390 HOH HOH A . 
E 5 HOH 150 391 391 HOH HOH A . 
E 5 HOH 151 392 392 HOH HOH A . 
E 5 HOH 152 393 393 HOH HOH A . 
# 
loop_
_software.name 
_software.classification 
_software.version 
_software.citation_id 
_software.pdbx_ordinal 
X-PLOR 'model building' 3.1 ? 1 
X-PLOR refinement       3.1 ? 2 
R-AXIS 'data reduction' .   ? 3 
R-AXIS 'data scaling'   .   ? 4 
X-PLOR phasing          3.1 ? 5 
# 
_cell.entry_id           1TES 
_cell.length_a           91.622 
_cell.length_b           91.622 
_cell.length_c           45.963 
_cell.angle_alpha        90.00 
_cell.angle_beta         90.00 
_cell.angle_gamma        120.00 
_cell.Z_PDB              6 
_cell.pdbx_unique_axis   ? 
# 
_symmetry.entry_id                         1TES 
_symmetry.space_group_name_H-M             'P 6' 
_symmetry.pdbx_full_space_group_name_H-M   ? 
_symmetry.cell_setting                     ? 
_symmetry.Int_Tables_number                168 
# 
_exptl.entry_id          1TES 
_exptl.method            'X-RAY DIFFRACTION' 
_exptl.crystals_number   1 
# 
_exptl_crystal.id                    1 
_exptl_crystal.density_meas          ? 
_exptl_crystal.density_Matthews      3.13 
_exptl_crystal.density_percent_sol   63. 
_exptl_crystal.description           ? 
# 
_exptl_crystal_grow.crystal_id      1 
_exptl_crystal_grow.method          ? 
_exptl_crystal_grow.temp            ? 
_exptl_crystal_grow.temp_details    ? 
_exptl_crystal_grow.pH              9.0 
_exptl_crystal_grow.pdbx_pH_range   ? 
_exptl_crystal_grow.pdbx_details    'pH 9.0' 
# 
_diffrn.id                     1 
_diffrn.ambient_temp           ? 
_diffrn.ambient_temp_details   ? 
_diffrn.crystal_id             1 
# 
_diffrn_detector.diffrn_id              1 
_diffrn_detector.detector               'IMAGE PLATE' 
_diffrn_detector.type                   RIGAKU 
_diffrn_detector.pdbx_collection_date   1993-06-06 
_diffrn_detector.details                'PINHOLE COLLIMATOR' 
# 
_diffrn_radiation.diffrn_id                        1 
_diffrn_radiation.wavelength_id                    1 
_diffrn_radiation.pdbx_monochromatic_or_laue_m_l   M 
_diffrn_radiation.monochromator                    'GRAPHITE(002)' 
_diffrn_radiation.pdbx_diffrn_protocol             ? 
_diffrn_radiation.pdbx_scattering_type             x-ray 
# 
_diffrn_radiation_wavelength.id           1 
_diffrn_radiation_wavelength.wavelength   1.5418 
_diffrn_radiation_wavelength.wt           1.0 
# 
_diffrn_source.diffrn_id                   1 
_diffrn_source.source                      'ROTATING ANODE' 
_diffrn_source.type                        'RIGAKU RUH2R' 
_diffrn_source.pdbx_synchrotron_site       ? 
_diffrn_source.pdbx_synchrotron_beamline   ? 
_diffrn_source.pdbx_wavelength             1.5418 
_diffrn_source.pdbx_wavelength_list        ? 
# 
_reflns.entry_id                     1TES 
_reflns.observed_criterion_sigma_I   0.0 
_reflns.observed_criterion_sigma_F   ? 
_reflns.d_resolution_low             45.6 
_reflns.d_resolution_high            1.7 
_reflns.number_obs                   18453 
_reflns.number_all                   ? 
_reflns.percent_possible_obs         75.1 
_reflns.pdbx_Rmerge_I_obs            0.0623000 
_reflns.pdbx_Rsym_value              ? 
_reflns.pdbx_netI_over_sigmaI        ? 
_reflns.B_iso_Wilson_estimate        ? 
_reflns.pdbx_redundancy              3.28 
_reflns.pdbx_diffrn_id               1 
_reflns.pdbx_ordinal                 1 
# 
_refine.entry_id                                 1TES 
_refine.ls_number_reflns_obs                     17784 
_refine.ls_number_reflns_all                     ? 
_refine.pdbx_ls_sigma_I                          ? 
_refine.pdbx_ls_sigma_F                          0.0 
_refine.pdbx_data_cutoff_high_absF               ? 
_refine.pdbx_data_cutoff_low_absF                ? 
_refine.pdbx_data_cutoff_high_rms_absF           ? 
_refine.ls_d_res_low                             5.0 
_refine.ls_d_res_high                            1.7 
_refine.ls_percent_reflns_obs                    76.0 
_refine.ls_R_factor_obs                          0.1590000 
_refine.ls_R_factor_all                          ? 
_refine.ls_R_factor_R_work                       0.1590000 
_refine.ls_R_factor_R_free                       ? 
_refine.ls_R_factor_R_free_error                 ? 
_refine.ls_R_factor_R_free_error_details         ? 
_refine.ls_percent_reflns_R_free                 ? 
_refine.ls_number_reflns_R_free                  ? 
_refine.ls_number_parameters                     ? 
_refine.ls_number_restraints                     ? 
_refine.occupancy_min                            ? 
_refine.occupancy_max                            ? 
_refine.B_iso_mean                               ? 
_refine.aniso_B[1][1]                            ? 
_refine.aniso_B[2][2]                            ? 
_refine.aniso_B[3][3]                            ? 
_refine.aniso_B[1][2]                            ? 
_refine.aniso_B[1][3]                            ? 
_refine.aniso_B[2][3]                            ? 
_refine.solvent_model_details                    ? 
_refine.solvent_model_param_ksol                 ? 
_refine.solvent_model_param_bsol                 ? 
_refine.pdbx_ls_cross_valid_method               ? 
_refine.details                                  ? 
_refine.pdbx_starting_model                      ? 
_refine.pdbx_method_to_determine_struct          ? 
_refine.pdbx_isotropic_thermal_model             ? 
_refine.pdbx_stereochemistry_target_values       ? 
_refine.pdbx_stereochem_target_val_spec_case     ? 
_refine.pdbx_R_Free_selection_details            ? 
_refine.pdbx_overall_ESU_R                       ? 
_refine.pdbx_overall_ESU_R_Free                  ? 
_refine.overall_SU_ML                            ? 
_refine.overall_SU_B                             ? 
_refine.pdbx_refine_id                           'X-RAY DIFFRACTION' 
_refine.pdbx_diffrn_id                           1 
_refine.pdbx_TLS_residual_ADP_flag               ? 
_refine.correlation_coeff_Fo_to_Fc               ? 
_refine.correlation_coeff_Fo_to_Fc_free          ? 
_refine.pdbx_solvent_vdw_probe_radii             ? 
_refine.pdbx_solvent_ion_probe_radii             ? 
_refine.pdbx_solvent_shrinkage_radii             ? 
_refine.pdbx_overall_phase_error                 ? 
_refine.overall_SU_R_Cruickshank_DPI             ? 
_refine.pdbx_overall_SU_R_free_Cruickshank_DPI   ? 
_refine.pdbx_overall_SU_R_Blow_DPI               ? 
_refine.pdbx_overall_SU_R_free_Blow_DPI          ? 
# 
_refine_hist.pdbx_refine_id                   'X-RAY DIFFRACTION' 
_refine_hist.cycle_id                         LAST 
_refine_hist.pdbx_number_atoms_protein        1496 
_refine_hist.pdbx_number_atoms_nucleic_acid   0 
_refine_hist.pdbx_number_atoms_ligand         51 
_refine_hist.number_atoms_solvent             428 
_refine_hist.number_atoms_total               1975 
_refine_hist.d_res_high                       1.7 
_refine_hist.d_res_low                        5.0 
# 
loop_
_refine_ls_restr.type 
_refine_ls_restr.dev_ideal 
_refine_ls_restr.dev_ideal_target 
_refine_ls_restr.weight 
_refine_ls_restr.number 
_refine_ls_restr.pdbx_refine_id 
_refine_ls_restr.pdbx_restraint_function 
x_bond_d                0.020 ? ? ? 'X-RAY DIFFRACTION' ? 
x_bond_d_na             ?     ? ? ? 'X-RAY DIFFRACTION' ? 
x_bond_d_prot           ?     ? ? ? 'X-RAY DIFFRACTION' ? 
x_angle_d               ?     ? ? ? 'X-RAY DIFFRACTION' ? 
x_angle_d_na            ?     ? ? ? 'X-RAY DIFFRACTION' ? 
x_angle_d_prot          ?     ? ? ? 'X-RAY DIFFRACTION' ? 
x_angle_deg             2.3   ? ? ? 'X-RAY DIFFRACTION' ? 
x_angle_deg_na          ?     ? ? ? 'X-RAY DIFFRACTION' ? 
x_angle_deg_prot        ?     ? ? ? 'X-RAY DIFFRACTION' ? 
x_dihedral_angle_d      21.7  ? ? ? 'X-RAY DIFFRACTION' ? 
x_dihedral_angle_d_na   ?     ? ? ? 'X-RAY DIFFRACTION' ? 
x_dihedral_angle_d_prot ?     ? ? ? 'X-RAY DIFFRACTION' ? 
x_improper_angle_d      4.40  ? ? ? 'X-RAY DIFFRACTION' ? 
x_improper_angle_d_na   ?     ? ? ? 'X-RAY DIFFRACTION' ? 
x_improper_angle_d_prot ?     ? ? ? 'X-RAY DIFFRACTION' ? 
x_mcbond_it             ?     ? ? ? 'X-RAY DIFFRACTION' ? 
x_mcangle_it            ?     ? ? ? 'X-RAY DIFFRACTION' ? 
x_scbond_it             ?     ? ? ? 'X-RAY DIFFRACTION' ? 
x_scangle_it            ?     ? ? ? 'X-RAY DIFFRACTION' ? 
# 
_struct.entry_id                  1TES 
_struct.title                     'OXYGEN BINDING MUSCLE PROTEIN' 
_struct.pdbx_model_details        ? 
_struct.pdbx_CASP_flag            ? 
_struct.pdbx_model_type_details   ? 
# 
_struct_keywords.entry_id        1TES 
_struct_keywords.pdbx_keywords   'MYOGLOBIN (ETHYL ISOCYANIDE)' 
_struct_keywords.text            'MYOGLOBIN (ETHYL ISOCYANIDE)' 
# 
loop_
_struct_asym.id 
_struct_asym.pdbx_blank_PDB_chainid_flag 
_struct_asym.pdbx_modified 
_struct_asym.entity_id 
_struct_asym.details 
A N N 1 ? 
B N N 2 ? 
C N N 3 ? 
D N N 4 ? 
E N N 5 ? 
# 
_struct_ref.id                         1 
_struct_ref.db_name                    UNP 
_struct_ref.db_code                    MYG_PHYCA 
_struct_ref.entity_id                  1 
_struct_ref.pdbx_db_accession          P02185 
_struct_ref.pdbx_align_begin           1 
_struct_ref.pdbx_seq_one_letter_code   
;MVLSEGEWQLVLHVWAKVEADVAGHGQDILIRLFKSHPETLEKFDRFKHLKTEAEMKASEDLKKHGVTVLTALGAILKKK
GHHEAELKPLAQSHATKHKIPIKYLEFISEAIIHVLHSRHPGNFGADAQGAMNKALELFRKDIAAKYKELGYQG
;
_struct_ref.pdbx_db_isoform            ? 
# 
_struct_ref_seq.align_id                      1 
_struct_ref_seq.ref_id                        1 
_struct_ref_seq.pdbx_PDB_id_code              1TES 
_struct_ref_seq.pdbx_strand_id                A 
_struct_ref_seq.seq_align_beg                 1 
_struct_ref_seq.pdbx_seq_align_beg_ins_code   ? 
_struct_ref_seq.seq_align_end                 154 
_struct_ref_seq.pdbx_seq_align_end_ins_code   ? 
_struct_ref_seq.pdbx_db_accession             P02185 
_struct_ref_seq.db_align_beg                  1 
_struct_ref_seq.pdbx_db_align_beg_ins_code    ? 
_struct_ref_seq.db_align_end                  154 
_struct_ref_seq.pdbx_db_align_end_ins_code    ? 
_struct_ref_seq.pdbx_auth_seq_align_beg       1 
_struct_ref_seq.pdbx_auth_seq_align_end       154 
# 
_pdbx_struct_assembly.id                   1 
_pdbx_struct_assembly.details              author_defined_assembly 
_pdbx_struct_assembly.method_details       ? 
_pdbx_struct_assembly.oligomeric_details   monomeric 
_pdbx_struct_assembly.oligomeric_count     1 
# 
_pdbx_struct_assembly_gen.assembly_id       1 
_pdbx_struct_assembly_gen.oper_expression   1 
_pdbx_struct_assembly_gen.asym_id_list      A,B,C,D,E 
# 
_pdbx_struct_oper_list.id                   1 
_pdbx_struct_oper_list.type                 'identity operation' 
_pdbx_struct_oper_list.name                 1_555 
_pdbx_struct_oper_list.symmetry_operation   x,y,z 
_pdbx_struct_oper_list.matrix[1][1]         1.0000000000 
_pdbx_struct_oper_list.matrix[1][2]         0.0000000000 
_pdbx_struct_oper_list.matrix[1][3]         0.0000000000 
_pdbx_struct_oper_list.vector[1]            0.0000000000 
_pdbx_struct_oper_list.matrix[2][1]         0.0000000000 
_pdbx_struct_oper_list.matrix[2][2]         1.0000000000 
_pdbx_struct_oper_list.matrix[2][3]         0.0000000000 
_pdbx_struct_oper_list.vector[2]            0.0000000000 
_pdbx_struct_oper_list.matrix[3][1]         0.0000000000 
_pdbx_struct_oper_list.matrix[3][2]         0.0000000000 
_pdbx_struct_oper_list.matrix[3][3]         1.0000000000 
_pdbx_struct_oper_list.vector[3]            0.0000000000 
# 
_struct_biol.id   1 
# 
loop_
_struct_conf.conf_type_id 
_struct_conf.id 
_struct_conf.pdbx_PDB_helix_id 
_struct_conf.beg_label_comp_id 
_struct_conf.beg_label_asym_id 
_struct_conf.beg_label_seq_id 
_struct_conf.pdbx_beg_PDB_ins_code 
_struct_conf.end_label_comp_id 
_struct_conf.end_label_asym_id 
_struct_conf.end_label_seq_id 
_struct_conf.pdbx_end_PDB_ins_code 
_struct_conf.beg_auth_comp_id 
_struct_conf.beg_auth_asym_id 
_struct_conf.beg_auth_seq_id 
_struct_conf.end_auth_comp_id 
_struct_conf.end_auth_asym_id 
_struct_conf.end_auth_seq_id 
_struct_conf.pdbx_PDB_helix_class 
_struct_conf.details 
_struct_conf.pdbx_PDB_helix_length 
HELX_P HELX_P1 1 GLU A 5   ? ALA A 20  ? GLU A 5   ALA A 20  1 ? 16 
HELX_P HELX_P2 2 VAL A 22  ? SER A 36  ? VAL A 22  SER A 36  1 ? 15 
HELX_P HELX_P3 3 PRO A 38  ? LYS A 43  ? PRO A 38  LYS A 43  1 ? 6  
HELX_P HELX_P4 4 GLU A 53  ? ALA A 58  ? GLU A 53  ALA A 58  1 ? 6  
HELX_P HELX_P5 5 GLU A 60  ? LYS A 79  ? GLU A 60  LYS A 79  1 ? 20 
HELX_P HELX_P6 6 GLU A 84  ? THR A 96  ? GLU A 84  THR A 96  1 ? 13 
HELX_P HELX_P7 7 ILE A 102 ? ARG A 119 ? ILE A 102 ARG A 119 1 ? 18 
HELX_P HELX_P8 8 PRO A 121 ? ASN A 123 ? PRO A 121 ASN A 123 5 ? 3  
HELX_P HELX_P9 9 ALA A 126 ? LEU A 150 ? ALA A 126 LEU A 150 1 ? 25 
# 
_struct_conf_type.id          HELX_P 
_struct_conf_type.criteria    ? 
_struct_conf_type.reference   ? 
# 
loop_
_struct_conn.id 
_struct_conn.conn_type_id 
_struct_conn.pdbx_leaving_atom_flag 
_struct_conn.pdbx_PDB_id 
_struct_conn.ptnr1_label_asym_id 
_struct_conn.ptnr1_label_comp_id 
_struct_conn.ptnr1_label_seq_id 
_struct_conn.ptnr1_label_atom_id 
_struct_conn.pdbx_ptnr1_label_alt_id 
_struct_conn.pdbx_ptnr1_PDB_ins_code 
_struct_conn.pdbx_ptnr1_standard_comp_id 
_struct_conn.ptnr1_symmetry 
_struct_conn.ptnr2_label_asym_id 
_struct_conn.ptnr2_label_comp_id 
_struct_conn.ptnr2_label_seq_id 
_struct_conn.ptnr2_label_atom_id 
_struct_conn.pdbx_ptnr2_label_alt_id 
_struct_conn.pdbx_ptnr2_PDB_ins_code 
_struct_conn.ptnr1_auth_asym_id 
_struct_conn.ptnr1_auth_comp_id 
_struct_conn.ptnr1_auth_seq_id 
_struct_conn.ptnr2_auth_asym_id 
_struct_conn.ptnr2_auth_comp_id 
_struct_conn.ptnr2_auth_seq_id 
_struct_conn.ptnr2_symmetry 
_struct_conn.pdbx_ptnr3_label_atom_id 
_struct_conn.pdbx_ptnr3_label_seq_id 
_struct_conn.pdbx_ptnr3_label_comp_id 
_struct_conn.pdbx_ptnr3_label_asym_id 
_struct_conn.pdbx_ptnr3_label_alt_id 
_struct_conn.pdbx_ptnr3_PDB_ins_code 
_struct_conn.details 
_struct_conn.pdbx_dist_value 
_struct_conn.pdbx_value_order 
_struct_conn.pdbx_role 
metalc1 metalc ? ? A HIS 94 NE2 ? ? ? 1_555 C HEM . FE ? ? A HIS 94  A HEM 155 1_555 ? ? ? ? ? ? ? 2.227 ? ? 
metalc2 metalc ? ? C HEM .  FE  ? ? ? 1_555 D ETN . C  ? ? A HEM 155 A ETN 156 1_555 ? ? ? ? ? ? ? 2.055 ? ? 
metalc3 metalc ? ? C HEM .  FE  ? ? ? 1_555 D ETN . N  ? ? A HEM 155 A ETN 156 1_555 ? ? ? ? ? ? ? 3.122 ? ? 
# 
_struct_conn_type.id          metalc 
_struct_conn_type.criteria    ? 
_struct_conn_type.reference   ? 
# 
loop_
_pdbx_struct_conn_angle.id 
_pdbx_struct_conn_angle.ptnr1_label_atom_id 
_pdbx_struct_conn_angle.ptnr1_label_alt_id 
_pdbx_struct_conn_angle.ptnr1_label_asym_id 
_pdbx_struct_conn_angle.ptnr1_label_comp_id 
_pdbx_struct_conn_angle.ptnr1_label_seq_id 
_pdbx_struct_conn_angle.ptnr1_auth_atom_id 
_pdbx_struct_conn_angle.ptnr1_auth_asym_id 
_pdbx_struct_conn_angle.ptnr1_auth_comp_id 
_pdbx_struct_conn_angle.ptnr1_auth_seq_id 
_pdbx_struct_conn_angle.ptnr1_PDB_ins_code 
_pdbx_struct_conn_angle.ptnr1_symmetry 
_pdbx_struct_conn_angle.ptnr2_label_atom_id 
_pdbx_struct_conn_angle.ptnr2_label_alt_id 
_pdbx_struct_conn_angle.ptnr2_label_asym_id 
_pdbx_struct_conn_angle.ptnr2_label_comp_id 
_pdbx_struct_conn_angle.ptnr2_label_seq_id 
_pdbx_struct_conn_angle.ptnr2_auth_atom_id 
_pdbx_struct_conn_angle.ptnr2_auth_asym_id 
_pdbx_struct_conn_angle.ptnr2_auth_comp_id 
_pdbx_struct_conn_angle.ptnr2_auth_seq_id 
_pdbx_struct_conn_angle.ptnr2_PDB_ins_code 
_pdbx_struct_conn_angle.ptnr2_symmetry 
_pdbx_struct_conn_angle.ptnr3_label_atom_id 
_pdbx_struct_conn_angle.ptnr3_label_alt_id 
_pdbx_struct_conn_angle.ptnr3_label_asym_id 
_pdbx_struct_conn_angle.ptnr3_label_comp_id 
_pdbx_struct_conn_angle.ptnr3_label_seq_id 
_pdbx_struct_conn_angle.ptnr3_auth_atom_id 
_pdbx_struct_conn_angle.ptnr3_auth_asym_id 
_pdbx_struct_conn_angle.ptnr3_auth_comp_id 
_pdbx_struct_conn_angle.ptnr3_auth_seq_id 
_pdbx_struct_conn_angle.ptnr3_PDB_ins_code 
_pdbx_struct_conn_angle.ptnr3_symmetry 
_pdbx_struct_conn_angle.value 
_pdbx_struct_conn_angle.value_esd 
1  NE2 ? A HIS 94 ? A HIS 94  ? 1_555 FE ? C HEM . ? A HEM 155 ? 1_555 NA ? C HEM . ? A HEM 155 ? 1_555 87.4  ? 
2  NE2 ? A HIS 94 ? A HIS 94  ? 1_555 FE ? C HEM . ? A HEM 155 ? 1_555 NB ? C HEM . ? A HEM 155 ? 1_555 91.7  ? 
3  NA  ? C HEM .  ? A HEM 155 ? 1_555 FE ? C HEM . ? A HEM 155 ? 1_555 NB ? C HEM . ? A HEM 155 ? 1_555 94.4  ? 
4  NE2 ? A HIS 94 ? A HIS 94  ? 1_555 FE ? C HEM . ? A HEM 155 ? 1_555 NC ? C HEM . ? A HEM 155 ? 1_555 95.2  ? 
5  NA  ? C HEM .  ? A HEM 155 ? 1_555 FE ? C HEM . ? A HEM 155 ? 1_555 NC ? C HEM . ? A HEM 155 ? 1_555 175.5 ? 
6  NB  ? C HEM .  ? A HEM 155 ? 1_555 FE ? C HEM . ? A HEM 155 ? 1_555 NC ? C HEM . ? A HEM 155 ? 1_555 89.2  ? 
7  NE2 ? A HIS 94 ? A HIS 94  ? 1_555 FE ? C HEM . ? A HEM 155 ? 1_555 ND ? C HEM . ? A HEM 155 ? 1_555 88.8  ? 
8  NA  ? C HEM .  ? A HEM 155 ? 1_555 FE ? C HEM . ? A HEM 155 ? 1_555 ND ? C HEM . ? A HEM 155 ? 1_555 86.7  ? 
9  NB  ? C HEM .  ? A HEM 155 ? 1_555 FE ? C HEM . ? A HEM 155 ? 1_555 ND ? C HEM . ? A HEM 155 ? 1_555 178.8 ? 
10 NC  ? C HEM .  ? A HEM 155 ? 1_555 FE ? C HEM . ? A HEM 155 ? 1_555 ND ? C HEM . ? A HEM 155 ? 1_555 89.7  ? 
11 NE2 ? A HIS 94 ? A HIS 94  ? 1_555 FE ? C HEM . ? A HEM 155 ? 1_555 C  ? D ETN . ? A ETN 156 ? 1_555 176.6 ? 
12 NA  ? C HEM .  ? A HEM 155 ? 1_555 FE ? C HEM . ? A HEM 155 ? 1_555 C  ? D ETN . ? A ETN 156 ? 1_555 96.0  ? 
13 NB  ? C HEM .  ? A HEM 155 ? 1_555 FE ? C HEM . ? A HEM 155 ? 1_555 C  ? D ETN . ? A ETN 156 ? 1_555 87.8  ? 
14 NC  ? C HEM .  ? A HEM 155 ? 1_555 FE ? C HEM . ? A HEM 155 ? 1_555 C  ? D ETN . ? A ETN 156 ? 1_555 81.4  ? 
15 ND  ? C HEM .  ? A HEM 155 ? 1_555 FE ? C HEM . ? A HEM 155 ? 1_555 C  ? D ETN . ? A ETN 156 ? 1_555 91.6  ? 
16 NE2 ? A HIS 94 ? A HIS 94  ? 1_555 FE ? C HEM . ? A HEM 155 ? 1_555 N  ? D ETN . ? A ETN 156 ? 1_555 168.1 ? 
17 NA  ? C HEM .  ? A HEM 155 ? 1_555 FE ? C HEM . ? A HEM 155 ? 1_555 N  ? D ETN . ? A ETN 156 ? 1_555 98.8  ? 
18 NB  ? C HEM .  ? A HEM 155 ? 1_555 FE ? C HEM . ? A HEM 155 ? 1_555 N  ? D ETN . ? A ETN 156 ? 1_555 97.9  ? 
19 NC  ? C HEM .  ? A HEM 155 ? 1_555 FE ? C HEM . ? A HEM 155 ? 1_555 N  ? D ETN . ? A ETN 156 ? 1_555 78.0  ? 
20 ND  ? C HEM .  ? A HEM 155 ? 1_555 FE ? C HEM . ? A HEM 155 ? 1_555 N  ? D ETN . ? A ETN 156 ? 1_555 81.5  ? 
21 C   ? D ETN .  ? A ETN 156 ? 1_555 FE ? C HEM . ? A HEM 155 ? 1_555 N  ? D ETN . ? A ETN 156 ? 1_555 10.8  ? 
# 
loop_
_struct_site.id 
_struct_site.pdbx_evidence_code 
_struct_site.pdbx_auth_asym_id 
_struct_site.pdbx_auth_comp_id 
_struct_site.pdbx_auth_seq_id 
_struct_site.pdbx_auth_ins_code 
_struct_site.pdbx_num_residues 
_struct_site.details 
AC1 Software A SO4 157 ? 5  'BINDING SITE FOR RESIDUE SO4 A 157' 
AC2 Software A HEM 155 ? 16 'BINDING SITE FOR RESIDUE HEM A 155' 
AC3 Software A ETN 156 ? 6  'BINDING SITE FOR RESIDUE ETN A 156' 
# 
loop_
_struct_site_gen.id 
_struct_site_gen.site_id 
_struct_site_gen.pdbx_num_res 
_struct_site_gen.label_comp_id 
_struct_site_gen.label_asym_id 
_struct_site_gen.label_seq_id 
_struct_site_gen.pdbx_auth_ins_code 
_struct_site_gen.auth_comp_id 
_struct_site_gen.auth_asym_id 
_struct_site_gen.auth_seq_id 
_struct_site_gen.label_atom_id 
_struct_site_gen.label_alt_id 
_struct_site_gen.symmetry 
_struct_site_gen.details 
1  AC1 5  SER A 4   ? SER A 4   . ? 1_556 ? 
2  AC1 5  GLU A 5   ? GLU A 5   . ? 1_556 ? 
3  AC1 5  THR A 52  ? THR A 52  . ? 1_555 ? 
4  AC1 5  GLU A 53  ? GLU A 53  . ? 1_555 ? 
5  AC1 5  HOH E .   ? HOH A 326 . ? 1_556 ? 
6  AC2 16 THR A 40  ? THR A 40  . ? 1_555 ? 
7  AC2 16 LYS A 43  ? LYS A 43  . ? 1_555 ? 
8  AC2 16 PHE A 44  ? PHE A 44  . ? 1_555 ? 
9  AC2 16 ARG A 46  ? ARG A 46  . ? 1_555 ? 
10 AC2 16 HIS A 65  ? HIS A 65  . ? 1_555 ? 
11 AC2 16 LEU A 90  ? LEU A 90  . ? 1_555 ? 
12 AC2 16 SER A 93  ? SER A 93  . ? 1_555 ? 
13 AC2 16 HIS A 94  ? HIS A 94  . ? 1_555 ? 
14 AC2 16 HIS A 98  ? HIS A 98  . ? 1_555 ? 
15 AC2 16 ILE A 100 ? ILE A 100 . ? 1_555 ? 
16 AC2 16 TYR A 104 ? TYR A 104 . ? 1_555 ? 
17 AC2 16 ETN D .   ? ETN A 156 . ? 1_555 ? 
18 AC2 16 HOH E .   ? HOH A 243 . ? 1_555 ? 
19 AC2 16 HOH E .   ? HOH A 304 . ? 1_555 ? 
20 AC2 16 HOH E .   ? HOH A 310 . ? 1_555 ? 
21 AC2 16 HOH E .   ? HOH A 377 . ? 5_555 ? 
22 AC3 6  LEU A 30  ? LEU A 30  . ? 1_555 ? 
23 AC3 6  PHE A 44  ? PHE A 44  . ? 1_555 ? 
24 AC3 6  HIS A 65  ? HIS A 65  . ? 1_555 ? 
25 AC3 6  VAL A 69  ? VAL A 69  . ? 1_555 ? 
26 AC3 6  ILE A 108 ? ILE A 108 . ? 1_555 ? 
27 AC3 6  HEM C .   ? HEM A 155 . ? 1_555 ? 
# 
loop_
_pdbx_validate_rmsd_bond.id 
_pdbx_validate_rmsd_bond.PDB_model_num 
_pdbx_validate_rmsd_bond.auth_atom_id_1 
_pdbx_validate_rmsd_bond.auth_asym_id_1 
_pdbx_validate_rmsd_bond.auth_comp_id_1 
_pdbx_validate_rmsd_bond.auth_seq_id_1 
_pdbx_validate_rmsd_bond.PDB_ins_code_1 
_pdbx_validate_rmsd_bond.label_alt_id_1 
_pdbx_validate_rmsd_bond.auth_atom_id_2 
_pdbx_validate_rmsd_bond.auth_asym_id_2 
_pdbx_validate_rmsd_bond.auth_comp_id_2 
_pdbx_validate_rmsd_bond.auth_seq_id_2 
_pdbx_validate_rmsd_bond.PDB_ins_code_2 
_pdbx_validate_rmsd_bond.label_alt_id_2 
_pdbx_validate_rmsd_bond.bond_value 
_pdbx_validate_rmsd_bond.bond_target_value 
_pdbx_validate_rmsd_bond.bond_deviation 
_pdbx_validate_rmsd_bond.bond_standard_deviation 
_pdbx_validate_rmsd_bond.linker_flag 
1 1 CG A HIS 25  ? ? CD2 A HIS 25  ? ? 1.413 1.354 0.059 0.009 N 
2 1 CG A HIS 83  ? ? CD2 A HIS 83  ? ? 1.418 1.354 0.064 0.009 N 
3 1 CG A HIS 117 ? ? CD2 A HIS 117 ? ? 1.411 1.354 0.057 0.009 N 
# 
loop_
_pdbx_validate_rmsd_angle.id 
_pdbx_validate_rmsd_angle.PDB_model_num 
_pdbx_validate_rmsd_angle.auth_atom_id_1 
_pdbx_validate_rmsd_angle.auth_asym_id_1 
_pdbx_validate_rmsd_angle.auth_comp_id_1 
_pdbx_validate_rmsd_angle.auth_seq_id_1 
_pdbx_validate_rmsd_angle.PDB_ins_code_1 
_pdbx_validate_rmsd_angle.label_alt_id_1 
_pdbx_validate_rmsd_angle.auth_atom_id_2 
_pdbx_validate_rmsd_angle.auth_asym_id_2 
_pdbx_validate_rmsd_angle.auth_comp_id_2 
_pdbx_validate_rmsd_angle.auth_seq_id_2 
_pdbx_validate_rmsd_angle.PDB_ins_code_2 
_pdbx_validate_rmsd_angle.label_alt_id_2 
_pdbx_validate_rmsd_angle.auth_atom_id_3 
_pdbx_validate_rmsd_angle.auth_asym_id_3 
_pdbx_validate_rmsd_angle.auth_comp_id_3 
_pdbx_validate_rmsd_angle.auth_seq_id_3 
_pdbx_validate_rmsd_angle.PDB_ins_code_3 
_pdbx_validate_rmsd_angle.label_alt_id_3 
_pdbx_validate_rmsd_angle.angle_value 
_pdbx_validate_rmsd_angle.angle_target_value 
_pdbx_validate_rmsd_angle.angle_deviation 
_pdbx_validate_rmsd_angle.angle_standard_deviation 
_pdbx_validate_rmsd_angle.linker_flag 
1 1 CE2 A TRP 8   ? ? CD2 A TRP 8   ? ? CG  A TRP 8   ? ? 102.27 107.30 -5.03 0.80 N 
2 1 CD1 A TRP 15  ? ? CG  A TRP 15  ? ? CD2 A TRP 15  ? ? 111.99 106.30 5.69  0.80 N 
3 1 CE2 A TRP 15  ? ? CD2 A TRP 15  ? ? CG  A TRP 15  ? ? 101.71 107.30 -5.59 0.80 N 
4 1 NE  A ARG 32  ? ? CZ  A ARG 32  ? ? NH2 A ARG 32  ? ? 113.88 120.30 -6.42 0.50 N 
5 1 NE  A ARG 46  ? ? CZ  A ARG 46  ? ? NH2 A ARG 46  ? ? 115.42 120.30 -4.88 0.50 N 
6 1 NE  A ARG 119 ? ? CZ  A ARG 119 ? ? NH2 A ARG 119 ? ? 117.28 120.30 -3.02 0.50 N 
7 1 NE  A ARG 140 ? ? CZ  A ARG 140 ? ? NH2 A ARG 140 ? ? 116.62 120.30 -3.68 0.50 N 
8 1 CB  A TYR 147 ? ? CG  A TYR 147 ? ? CD2 A TYR 147 ? ? 116.88 121.00 -4.12 0.60 N 
# 
loop_
_pdbx_validate_torsion.id 
_pdbx_validate_torsion.PDB_model_num 
_pdbx_validate_torsion.auth_comp_id 
_pdbx_validate_torsion.auth_asym_id 
_pdbx_validate_torsion.auth_seq_id 
_pdbx_validate_torsion.PDB_ins_code 
_pdbx_validate_torsion.label_alt_id 
_pdbx_validate_torsion.phi 
_pdbx_validate_torsion.psi 
1 1 LYS A 48  ? ? -29.87 -51.07 
2 1 LYS A 99  ? ? 63.09  78.75  
3 1 GLN A 153 ? ? 27.21  71.87  
# 
loop_
_pdbx_validate_planes.id 
_pdbx_validate_planes.PDB_model_num 
_pdbx_validate_planes.auth_comp_id 
_pdbx_validate_planes.auth_asym_id 
_pdbx_validate_planes.auth_seq_id 
_pdbx_validate_planes.PDB_ins_code 
_pdbx_validate_planes.label_alt_id 
_pdbx_validate_planes.rmsd 
_pdbx_validate_planes.type 
1 1 GLU A 19  ? ? 0.094 'SIDE CHAIN' 
2 1 ASP A 28  ? ? 0.086 'SIDE CHAIN' 
3 1 ARG A 32  ? ? 0.096 'SIDE CHAIN' 
4 1 GLU A 39  ? ? 0.076 'SIDE CHAIN' 
5 1 ARG A 46  ? ? 0.093 'SIDE CHAIN' 
6 1 GLU A 106 ? ? 0.114 'SIDE CHAIN' 
7 1 ASP A 127 ? ? 0.072 'SIDE CHAIN' 
8 1 GLU A 137 ? ? 0.071 'SIDE CHAIN' 
9 1 GLU A 149 ? ? 0.079 'SIDE CHAIN' 
# 
loop_
_pdbx_validate_main_chain_plane.id 
_pdbx_validate_main_chain_plane.PDB_model_num 
_pdbx_validate_main_chain_plane.auth_comp_id 
_pdbx_validate_main_chain_plane.auth_asym_id 
_pdbx_validate_main_chain_plane.auth_seq_id 
_pdbx_validate_main_chain_plane.PDB_ins_code 
_pdbx_validate_main_chain_plane.label_alt_id 
_pdbx_validate_main_chain_plane.improper_torsion_angle 
1  1 PHE A 34  ? ? 10.18  
2  1 GLU A 42  ? ? 10.59  
3  1 LYS A 48  ? ? 19.68  
4  1 HIS A 83  ? ? 13.88  
5  1 ALA A 85  ? ? 10.34  
6  1 ALA A 95  ? ? -10.27 
7  1 LYS A 97  ? ? -16.88 
8  1 LYS A 99  ? ? -12.16 
9  1 GLY A 122 ? ? 13.22  
10 1 PHE A 124 ? ? 13.08  
11 1 LEU A 136 ? ? 10.54  
12 1 GLN A 153 ? ? 15.77  
# 
_pdbx_entry_details.entry_id                 1TES 
_pdbx_entry_details.compound_details         ? 
_pdbx_entry_details.source_details           ? 
_pdbx_entry_details.nonpolymer_details       ? 
_pdbx_entry_details.sequence_details         
;THIS STRUCTURE HAS 2 DIFFERENCE(S) RELATIVE TO THE NATIVE
SPERM WHALE PROTEIN - INITIATOR METHIONINE AND D122N
SUBSTITUTION.
;
_pdbx_entry_details.has_ligand_of_interest   ? 
# 
loop_
_chem_comp_atom.comp_id 
_chem_comp_atom.atom_id 
_chem_comp_atom.type_symbol 
_chem_comp_atom.pdbx_aromatic_flag 
_chem_comp_atom.pdbx_stereo_config 
_chem_comp_atom.pdbx_ordinal 
ALA N    N  N N 1   
ALA CA   C  N S 2   
ALA C    C  N N 3   
ALA O    O  N N 4   
ALA CB   C  N N 5   
ALA OXT  O  N N 6   
ALA H    H  N N 7   
ALA H2   H  N N 8   
ALA HA   H  N N 9   
ALA HB1  H  N N 10  
ALA HB2  H  N N 11  
ALA HB3  H  N N 12  
ALA HXT  H  N N 13  
ARG N    N  N N 14  
ARG CA   C  N S 15  
ARG C    C  N N 16  
ARG O    O  N N 17  
ARG CB   C  N N 18  
ARG CG   C  N N 19  
ARG CD   C  N N 20  
ARG NE   N  N N 21  
ARG CZ   C  N N 22  
ARG NH1  N  N N 23  
ARG NH2  N  N N 24  
ARG OXT  O  N N 25  
ARG H    H  N N 26  
ARG H2   H  N N 27  
ARG HA   H  N N 28  
ARG HB2  H  N N 29  
ARG HB3  H  N N 30  
ARG HG2  H  N N 31  
ARG HG3  H  N N 32  
ARG HD2  H  N N 33  
ARG HD3  H  N N 34  
ARG HE   H  N N 35  
ARG HH11 H  N N 36  
ARG HH12 H  N N 37  
ARG HH21 H  N N 38  
ARG HH22 H  N N 39  
ARG HXT  H  N N 40  
ASN N    N  N N 41  
ASN CA   C  N S 42  
ASN C    C  N N 43  
ASN O    O  N N 44  
ASN CB   C  N N 45  
ASN CG   C  N N 46  
ASN OD1  O  N N 47  
ASN ND2  N  N N 48  
ASN OXT  O  N N 49  
ASN H    H  N N 50  
ASN H2   H  N N 51  
ASN HA   H  N N 52  
ASN HB2  H  N N 53  
ASN HB3  H  N N 54  
ASN HD21 H  N N 55  
ASN HD22 H  N N 56  
ASN HXT  H  N N 57  
ASP N    N  N N 58  
ASP CA   C  N S 59  
ASP C    C  N N 60  
ASP O    O  N N 61  
ASP CB   C  N N 62  
ASP CG   C  N N 63  
ASP OD1  O  N N 64  
ASP OD2  O  N N 65  
ASP OXT  O  N N 66  
ASP H    H  N N 67  
ASP H2   H  N N 68  
ASP HA   H  N N 69  
ASP HB2  H  N N 70  
ASP HB3  H  N N 71  
ASP HD2  H  N N 72  
ASP HXT  H  N N 73  
ETN N    N  N N 74  
ETN C    C  N N 75  
ETN C1   C  N N 76  
ETN C2   C  N N 77  
ETN HN   H  N N 78  
ETN H1   H  N N 79  
ETN H2   H  N N 80  
ETN H3   H  N N 81  
ETN H11  H  N N 82  
ETN H12  H  N N 83  
ETN H21  H  N N 84  
ETN H22  H  N N 85  
ETN H23  H  N N 86  
GLN N    N  N N 87  
GLN CA   C  N S 88  
GLN C    C  N N 89  
GLN O    O  N N 90  
GLN CB   C  N N 91  
GLN CG   C  N N 92  
GLN CD   C  N N 93  
GLN OE1  O  N N 94  
GLN NE2  N  N N 95  
GLN OXT  O  N N 96  
GLN H    H  N N 97  
GLN H2   H  N N 98  
GLN HA   H  N N 99  
GLN HB2  H  N N 100 
GLN HB3  H  N N 101 
GLN HG2  H  N N 102 
GLN HG3  H  N N 103 
GLN HE21 H  N N 104 
GLN HE22 H  N N 105 
GLN HXT  H  N N 106 
GLU N    N  N N 107 
GLU CA   C  N S 108 
GLU C    C  N N 109 
GLU O    O  N N 110 
GLU CB   C  N N 111 
GLU CG   C  N N 112 
GLU CD   C  N N 113 
GLU OE1  O  N N 114 
GLU OE2  O  N N 115 
GLU OXT  O  N N 116 
GLU H    H  N N 117 
GLU H2   H  N N 118 
GLU HA   H  N N 119 
GLU HB2  H  N N 120 
GLU HB3  H  N N 121 
GLU HG2  H  N N 122 
GLU HG3  H  N N 123 
GLU HE2  H  N N 124 
GLU HXT  H  N N 125 
GLY N    N  N N 126 
GLY CA   C  N N 127 
GLY C    C  N N 128 
GLY O    O  N N 129 
GLY OXT  O  N N 130 
GLY H    H  N N 131 
GLY H2   H  N N 132 
GLY HA2  H  N N 133 
GLY HA3  H  N N 134 
GLY HXT  H  N N 135 
HEM CHA  C  N N 136 
HEM CHB  C  N N 137 
HEM CHC  C  N N 138 
HEM CHD  C  N N 139 
HEM C1A  C  Y N 140 
HEM C2A  C  Y N 141 
HEM C3A  C  Y N 142 
HEM C4A  C  Y N 143 
HEM CMA  C  N N 144 
HEM CAA  C  N N 145 
HEM CBA  C  N N 146 
HEM CGA  C  N N 147 
HEM O1A  O  N N 148 
HEM O2A  O  N N 149 
HEM C1B  C  N N 150 
HEM C2B  C  N N 151 
HEM C3B  C  N N 152 
HEM C4B  C  N N 153 
HEM CMB  C  N N 154 
HEM CAB  C  N N 155 
HEM CBB  C  N N 156 
HEM C1C  C  Y N 157 
HEM C2C  C  Y N 158 
HEM C3C  C  Y N 159 
HEM C4C  C  Y N 160 
HEM CMC  C  N N 161 
HEM CAC  C  N N 162 
HEM CBC  C  N N 163 
HEM C1D  C  N N 164 
HEM C2D  C  N N 165 
HEM C3D  C  N N 166 
HEM C4D  C  N N 167 
HEM CMD  C  N N 168 
HEM CAD  C  N N 169 
HEM CBD  C  N N 170 
HEM CGD  C  N N 171 
HEM O1D  O  N N 172 
HEM O2D  O  N N 173 
HEM NA   N  Y N 174 
HEM NB   N  N N 175 
HEM NC   N  Y N 176 
HEM ND   N  N N 177 
HEM FE   FE N N 178 
HEM HHB  H  N N 179 
HEM HHC  H  N N 180 
HEM HHD  H  N N 181 
HEM HMA  H  N N 182 
HEM HMAA H  N N 183 
HEM HMAB H  N N 184 
HEM HAA  H  N N 185 
HEM HAAA H  N N 186 
HEM HBA  H  N N 187 
HEM HBAA H  N N 188 
HEM HMB  H  N N 189 
HEM HMBA H  N N 190 
HEM HMBB H  N N 191 
HEM HAB  H  N N 192 
HEM HBB  H  N N 193 
HEM HBBA H  N N 194 
HEM HMC  H  N N 195 
HEM HMCA H  N N 196 
HEM HMCB H  N N 197 
HEM HAC  H  N N 198 
HEM HBC  H  N N 199 
HEM HBCA H  N N 200 
HEM HMD  H  N N 201 
HEM HMDA H  N N 202 
HEM HMDB H  N N 203 
HEM HAD  H  N N 204 
HEM HADA H  N N 205 
HEM HBD  H  N N 206 
HEM HBDA H  N N 207 
HEM H2A  H  N N 208 
HEM H2D  H  N N 209 
HEM HHA  H  N N 210 
HIS N    N  N N 211 
HIS CA   C  N S 212 
HIS C    C  N N 213 
HIS O    O  N N 214 
HIS CB   C  N N 215 
HIS CG   C  Y N 216 
HIS ND1  N  Y N 217 
HIS CD2  C  Y N 218 
HIS CE1  C  Y N 219 
HIS NE2  N  Y N 220 
HIS OXT  O  N N 221 
HIS H    H  N N 222 
HIS H2   H  N N 223 
HIS HA   H  N N 224 
HIS HB2  H  N N 225 
HIS HB3  H  N N 226 
HIS HD1  H  N N 227 
HIS HD2  H  N N 228 
HIS HE1  H  N N 229 
HIS HE2  H  N N 230 
HIS HXT  H  N N 231 
HOH O    O  N N 232 
HOH H1   H  N N 233 
HOH H2   H  N N 234 
ILE N    N  N N 235 
ILE CA   C  N S 236 
ILE C    C  N N 237 
ILE O    O  N N 238 
ILE CB   C  N S 239 
ILE CG1  C  N N 240 
ILE CG2  C  N N 241 
ILE CD1  C  N N 242 
ILE OXT  O  N N 243 
ILE H    H  N N 244 
ILE H2   H  N N 245 
ILE HA   H  N N 246 
ILE HB   H  N N 247 
ILE HG12 H  N N 248 
ILE HG13 H  N N 249 
ILE HG21 H  N N 250 
ILE HG22 H  N N 251 
ILE HG23 H  N N 252 
ILE HD11 H  N N 253 
ILE HD12 H  N N 254 
ILE HD13 H  N N 255 
ILE HXT  H  N N 256 
LEU N    N  N N 257 
LEU CA   C  N S 258 
LEU C    C  N N 259 
LEU O    O  N N 260 
LEU CB   C  N N 261 
LEU CG   C  N N 262 
LEU CD1  C  N N 263 
LEU CD2  C  N N 264 
LEU OXT  O  N N 265 
LEU H    H  N N 266 
LEU H2   H  N N 267 
LEU HA   H  N N 268 
LEU HB2  H  N N 269 
LEU HB3  H  N N 270 
LEU HG   H  N N 271 
LEU HD11 H  N N 272 
LEU HD12 H  N N 273 
LEU HD13 H  N N 274 
LEU HD21 H  N N 275 
LEU HD22 H  N N 276 
LEU HD23 H  N N 277 
LEU HXT  H  N N 278 
LYS N    N  N N 279 
LYS CA   C  N S 280 
LYS C    C  N N 281 
LYS O    O  N N 282 
LYS CB   C  N N 283 
LYS CG   C  N N 284 
LYS CD   C  N N 285 
LYS CE   C  N N 286 
LYS NZ   N  N N 287 
LYS OXT  O  N N 288 
LYS H    H  N N 289 
LYS H2   H  N N 290 
LYS HA   H  N N 291 
LYS HB2  H  N N 292 
LYS HB3  H  N N 293 
LYS HG2  H  N N 294 
LYS HG3  H  N N 295 
LYS HD2  H  N N 296 
LYS HD3  H  N N 297 
LYS HE2  H  N N 298 
LYS HE3  H  N N 299 
LYS HZ1  H  N N 300 
LYS HZ2  H  N N 301 
LYS HZ3  H  N N 302 
LYS HXT  H  N N 303 
MET N    N  N N 304 
MET CA   C  N S 305 
MET C    C  N N 306 
MET O    O  N N 307 
MET CB   C  N N 308 
MET CG   C  N N 309 
MET SD   S  N N 310 
MET CE   C  N N 311 
MET OXT  O  N N 312 
MET H    H  N N 313 
MET H2   H  N N 314 
MET HA   H  N N 315 
MET HB2  H  N N 316 
MET HB3  H  N N 317 
MET HG2  H  N N 318 
MET HG3  H  N N 319 
MET HE1  H  N N 320 
MET HE2  H  N N 321 
MET HE3  H  N N 322 
MET HXT  H  N N 323 
PHE N    N  N N 324 
PHE CA   C  N S 325 
PHE C    C  N N 326 
PHE O    O  N N 327 
PHE CB   C  N N 328 
PHE CG   C  Y N 329 
PHE CD1  C  Y N 330 
PHE CD2  C  Y N 331 
PHE CE1  C  Y N 332 
PHE CE2  C  Y N 333 
PHE CZ   C  Y N 334 
PHE OXT  O  N N 335 
PHE H    H  N N 336 
PHE H2   H  N N 337 
PHE HA   H  N N 338 
PHE HB2  H  N N 339 
PHE HB3  H  N N 340 
PHE HD1  H  N N 341 
PHE HD2  H  N N 342 
PHE HE1  H  N N 343 
PHE HE2  H  N N 344 
PHE HZ   H  N N 345 
PHE HXT  H  N N 346 
PRO N    N  N N 347 
PRO CA   C  N S 348 
PRO C    C  N N 349 
PRO O    O  N N 350 
PRO CB   C  N N 351 
PRO CG   C  N N 352 
PRO CD   C  N N 353 
PRO OXT  O  N N 354 
PRO H    H  N N 355 
PRO HA   H  N N 356 
PRO HB2  H  N N 357 
PRO HB3  H  N N 358 
PRO HG2  H  N N 359 
PRO HG3  H  N N 360 
PRO HD2  H  N N 361 
PRO HD3  H  N N 362 
PRO HXT  H  N N 363 
SER N    N  N N 364 
SER CA   C  N S 365 
SER C    C  N N 366 
SER O    O  N N 367 
SER CB   C  N N 368 
SER OG   O  N N 369 
SER OXT  O  N N 370 
SER H    H  N N 371 
SER H2   H  N N 372 
SER HA   H  N N 373 
SER HB2  H  N N 374 
SER HB3  H  N N 375 
SER HG   H  N N 376 
SER HXT  H  N N 377 
SO4 S    S  N N 378 
SO4 O1   O  N N 379 
SO4 O2   O  N N 380 
SO4 O3   O  N N 381 
SO4 O4   O  N N 382 
THR N    N  N N 383 
THR CA   C  N S 384 
THR C    C  N N 385 
THR O    O  N N 386 
THR CB   C  N R 387 
THR OG1  O  N N 388 
THR CG2  C  N N 389 
THR OXT  O  N N 390 
THR H    H  N N 391 
THR H2   H  N N 392 
THR HA   H  N N 393 
THR HB   H  N N 394 
THR HG1  H  N N 395 
THR HG21 H  N N 396 
THR HG22 H  N N 397 
THR HG23 H  N N 398 
THR HXT  H  N N 399 
TRP N    N  N N 400 
TRP CA   C  N S 401 
TRP C    C  N N 402 
TRP O    O  N N 403 
TRP CB   C  N N 404 
TRP CG   C  Y N 405 
TRP CD1  C  Y N 406 
TRP CD2  C  Y N 407 
TRP NE1  N  Y N 408 
TRP CE2  C  Y N 409 
TRP CE3  C  Y N 410 
TRP CZ2  C  Y N 411 
TRP CZ3  C  Y N 412 
TRP CH2  C  Y N 413 
TRP OXT  O  N N 414 
TRP H    H  N N 415 
TRP H2   H  N N 416 
TRP HA   H  N N 417 
TRP HB2  H  N N 418 
TRP HB3  H  N N 419 
TRP HD1  H  N N 420 
TRP HE1  H  N N 421 
TRP HE3  H  N N 422 
TRP HZ2  H  N N 423 
TRP HZ3  H  N N 424 
TRP HH2  H  N N 425 
TRP HXT  H  N N 426 
TYR N    N  N N 427 
TYR CA   C  N S 428 
TYR C    C  N N 429 
TYR O    O  N N 430 
TYR CB   C  N N 431 
TYR CG   C  Y N 432 
TYR CD1  C  Y N 433 
TYR CD2  C  Y N 434 
TYR CE1  C  Y N 435 
TYR CE2  C  Y N 436 
TYR CZ   C  Y N 437 
TYR OH   O  N N 438 
TYR OXT  O  N N 439 
TYR H    H  N N 440 
TYR H2   H  N N 441 
TYR HA   H  N N 442 
TYR HB2  H  N N 443 
TYR HB3  H  N N 444 
TYR HD1  H  N N 445 
TYR HD2  H  N N 446 
TYR HE1  H  N N 447 
TYR HE2  H  N N 448 
TYR HH   H  N N 449 
TYR HXT  H  N N 450 
VAL N    N  N N 451 
VAL CA   C  N S 452 
VAL C    C  N N 453 
VAL O    O  N N 454 
VAL CB   C  N N 455 
VAL CG1  C  N N 456 
VAL CG2  C  N N 457 
VAL OXT  O  N N 458 
VAL H    H  N N 459 
VAL H2   H  N N 460 
VAL HA   H  N N 461 
VAL HB   H  N N 462 
VAL HG11 H  N N 463 
VAL HG12 H  N N 464 
VAL HG13 H  N N 465 
VAL HG21 H  N N 466 
VAL HG22 H  N N 467 
VAL HG23 H  N N 468 
VAL HXT  H  N N 469 
# 
loop_
_chem_comp_bond.comp_id 
_chem_comp_bond.atom_id_1 
_chem_comp_bond.atom_id_2 
_chem_comp_bond.value_order 
_chem_comp_bond.pdbx_aromatic_flag 
_chem_comp_bond.pdbx_stereo_config 
_chem_comp_bond.pdbx_ordinal 
ALA N   CA   sing N N 1   
ALA N   H    sing N N 2   
ALA N   H2   sing N N 3   
ALA CA  C    sing N N 4   
ALA CA  CB   sing N N 5   
ALA CA  HA   sing N N 6   
ALA C   O    doub N N 7   
ALA C   OXT  sing N N 8   
ALA CB  HB1  sing N N 9   
ALA CB  HB2  sing N N 10  
ALA CB  HB3  sing N N 11  
ALA OXT HXT  sing N N 12  
ARG N   CA   sing N N 13  
ARG N   H    sing N N 14  
ARG N   H2   sing N N 15  
ARG CA  C    sing N N 16  
ARG CA  CB   sing N N 17  
ARG CA  HA   sing N N 18  
ARG C   O    doub N N 19  
ARG C   OXT  sing N N 20  
ARG CB  CG   sing N N 21  
ARG CB  HB2  sing N N 22  
ARG CB  HB3  sing N N 23  
ARG CG  CD   sing N N 24  
ARG CG  HG2  sing N N 25  
ARG CG  HG3  sing N N 26  
ARG CD  NE   sing N N 27  
ARG CD  HD2  sing N N 28  
ARG CD  HD3  sing N N 29  
ARG NE  CZ   sing N N 30  
ARG NE  HE   sing N N 31  
ARG CZ  NH1  sing N N 32  
ARG CZ  NH2  doub N N 33  
ARG NH1 HH11 sing N N 34  
ARG NH1 HH12 sing N N 35  
ARG NH2 HH21 sing N N 36  
ARG NH2 HH22 sing N N 37  
ARG OXT HXT  sing N N 38  
ASN N   CA   sing N N 39  
ASN N   H    sing N N 40  
ASN N   H2   sing N N 41  
ASN CA  C    sing N N 42  
ASN CA  CB   sing N N 43  
ASN CA  HA   sing N N 44  
ASN C   O    doub N N 45  
ASN C   OXT  sing N N 46  
ASN CB  CG   sing N N 47  
ASN CB  HB2  sing N N 48  
ASN CB  HB3  sing N N 49  
ASN CG  OD1  doub N N 50  
ASN CG  ND2  sing N N 51  
ASN ND2 HD21 sing N N 52  
ASN ND2 HD22 sing N N 53  
ASN OXT HXT  sing N N 54  
ASP N   CA   sing N N 55  
ASP N   H    sing N N 56  
ASP N   H2   sing N N 57  
ASP CA  C    sing N N 58  
ASP CA  CB   sing N N 59  
ASP CA  HA   sing N N 60  
ASP C   O    doub N N 61  
ASP C   OXT  sing N N 62  
ASP CB  CG   sing N N 63  
ASP CB  HB2  sing N N 64  
ASP CB  HB3  sing N N 65  
ASP CG  OD1  doub N N 66  
ASP CG  OD2  sing N N 67  
ASP OD2 HD2  sing N N 68  
ASP OXT HXT  sing N N 69  
ETN N   C    sing N N 70  
ETN N   C1   sing N N 71  
ETN N   HN   sing N N 72  
ETN C   H1   sing N N 73  
ETN C   H2   sing N N 74  
ETN C   H3   sing N N 75  
ETN C1  C2   sing N N 76  
ETN C1  H11  sing N N 77  
ETN C1  H12  sing N N 78  
ETN C2  H21  sing N N 79  
ETN C2  H22  sing N N 80  
ETN C2  H23  sing N N 81  
GLN N   CA   sing N N 82  
GLN N   H    sing N N 83  
GLN N   H2   sing N N 84  
GLN CA  C    sing N N 85  
GLN CA  CB   sing N N 86  
GLN CA  HA   sing N N 87  
GLN C   O    doub N N 88  
GLN C   OXT  sing N N 89  
GLN CB  CG   sing N N 90  
GLN CB  HB2  sing N N 91  
GLN CB  HB3  sing N N 92  
GLN CG  CD   sing N N 93  
GLN CG  HG2  sing N N 94  
GLN CG  HG3  sing N N 95  
GLN CD  OE1  doub N N 96  
GLN CD  NE2  sing N N 97  
GLN NE2 HE21 sing N N 98  
GLN NE2 HE22 sing N N 99  
GLN OXT HXT  sing N N 100 
GLU N   CA   sing N N 101 
GLU N   H    sing N N 102 
GLU N   H2   sing N N 103 
GLU CA  C    sing N N 104 
GLU CA  CB   sing N N 105 
GLU CA  HA   sing N N 106 
GLU C   O    doub N N 107 
GLU C   OXT  sing N N 108 
GLU CB  CG   sing N N 109 
GLU CB  HB2  sing N N 110 
GLU CB  HB3  sing N N 111 
GLU CG  CD   sing N N 112 
GLU CG  HG2  sing N N 113 
GLU CG  HG3  sing N N 114 
GLU CD  OE1  doub N N 115 
GLU CD  OE2  sing N N 116 
GLU OE2 HE2  sing N N 117 
GLU OXT HXT  sing N N 118 
GLY N   CA   sing N N 119 
GLY N   H    sing N N 120 
GLY N   H2   sing N N 121 
GLY CA  C    sing N N 122 
GLY CA  HA2  sing N N 123 
GLY CA  HA3  sing N N 124 
GLY C   O    doub N N 125 
GLY C   OXT  sing N N 126 
GLY OXT HXT  sing N N 127 
HEM CHA C1A  sing N N 128 
HEM CHA C4D  doub N N 129 
HEM CHA HHA  sing N N 130 
HEM CHB C4A  sing N N 131 
HEM CHB C1B  doub N N 132 
HEM CHB HHB  sing N N 133 
HEM CHC C4B  sing N N 134 
HEM CHC C1C  doub N N 135 
HEM CHC HHC  sing N N 136 
HEM CHD C4C  doub N N 137 
HEM CHD C1D  sing N N 138 
HEM CHD HHD  sing N N 139 
HEM C1A C2A  doub Y N 140 
HEM C1A NA   sing Y N 141 
HEM C2A C3A  sing Y N 142 
HEM C2A CAA  sing N N 143 
HEM C3A C4A  doub Y N 144 
HEM C3A CMA  sing N N 145 
HEM C4A NA   sing Y N 146 
HEM CMA HMA  sing N N 147 
HEM CMA HMAA sing N N 148 
HEM CMA HMAB sing N N 149 
HEM CAA CBA  sing N N 150 
HEM CAA HAA  sing N N 151 
HEM CAA HAAA sing N N 152 
HEM CBA CGA  sing N N 153 
HEM CBA HBA  sing N N 154 
HEM CBA HBAA sing N N 155 
HEM CGA O1A  doub N N 156 
HEM CGA O2A  sing N N 157 
HEM C1B C2B  sing N N 158 
HEM C1B NB   sing N N 159 
HEM C2B C3B  doub N N 160 
HEM C2B CMB  sing N N 161 
HEM C3B C4B  sing N N 162 
HEM C3B CAB  sing N N 163 
HEM C4B NB   doub N N 164 
HEM CMB HMB  sing N N 165 
HEM CMB HMBA sing N N 166 
HEM CMB HMBB sing N N 167 
HEM CAB CBB  doub N N 168 
HEM CAB HAB  sing N N 169 
HEM CBB HBB  sing N N 170 
HEM CBB HBBA sing N N 171 
HEM C1C C2C  sing Y N 172 
HEM C1C NC   sing Y N 173 
HEM C2C C3C  doub Y N 174 
HEM C2C CMC  sing N N 175 
HEM C3C C4C  sing Y N 176 
HEM C3C CAC  sing N N 177 
HEM C4C NC   sing Y N 178 
HEM CMC HMC  sing N N 179 
HEM CMC HMCA sing N N 180 
HEM CMC HMCB sing N N 181 
HEM CAC CBC  doub N N 182 
HEM CAC HAC  sing N N 183 
HEM CBC HBC  sing N N 184 
HEM CBC HBCA sing N N 185 
HEM C1D C2D  sing N N 186 
HEM C1D ND   doub N N 187 
HEM C2D C3D  doub N N 188 
HEM C2D CMD  sing N N 189 
HEM C3D C4D  sing N N 190 
HEM C3D CAD  sing N N 191 
HEM C4D ND   sing N N 192 
HEM CMD HMD  sing N N 193 
HEM CMD HMDA sing N N 194 
HEM CMD HMDB sing N N 195 
HEM CAD CBD  sing N N 196 
HEM CAD HAD  sing N N 197 
HEM CAD HADA sing N N 198 
HEM CBD CGD  sing N N 199 
HEM CBD HBD  sing N N 200 
HEM CBD HBDA sing N N 201 
HEM CGD O1D  doub N N 202 
HEM CGD O2D  sing N N 203 
HEM O2A H2A  sing N N 204 
HEM O2D H2D  sing N N 205 
HEM FE  NA   sing N N 206 
HEM FE  NB   sing N N 207 
HEM FE  NC   sing N N 208 
HEM FE  ND   sing N N 209 
HIS N   CA   sing N N 210 
HIS N   H    sing N N 211 
HIS N   H2   sing N N 212 
HIS CA  C    sing N N 213 
HIS CA  CB   sing N N 214 
HIS CA  HA   sing N N 215 
HIS C   O    doub N N 216 
HIS C   OXT  sing N N 217 
HIS CB  CG   sing N N 218 
HIS CB  HB2  sing N N 219 
HIS CB  HB3  sing N N 220 
HIS CG  ND1  sing Y N 221 
HIS CG  CD2  doub Y N 222 
HIS ND1 CE1  doub Y N 223 
HIS ND1 HD1  sing N N 224 
HIS CD2 NE2  sing Y N 225 
HIS CD2 HD2  sing N N 226 
HIS CE1 NE2  sing Y N 227 
HIS CE1 HE1  sing N N 228 
HIS NE2 HE2  sing N N 229 
HIS OXT HXT  sing N N 230 
HOH O   H1   sing N N 231 
HOH O   H2   sing N N 232 
ILE N   CA   sing N N 233 
ILE N   H    sing N N 234 
ILE N   H2   sing N N 235 
ILE CA  C    sing N N 236 
ILE CA  CB   sing N N 237 
ILE CA  HA   sing N N 238 
ILE C   O    doub N N 239 
ILE C   OXT  sing N N 240 
ILE CB  CG1  sing N N 241 
ILE CB  CG2  sing N N 242 
ILE CB  HB   sing N N 243 
ILE CG1 CD1  sing N N 244 
ILE CG1 HG12 sing N N 245 
ILE CG1 HG13 sing N N 246 
ILE CG2 HG21 sing N N 247 
ILE CG2 HG22 sing N N 248 
ILE CG2 HG23 sing N N 249 
ILE CD1 HD11 sing N N 250 
ILE CD1 HD12 sing N N 251 
ILE CD1 HD13 sing N N 252 
ILE OXT HXT  sing N N 253 
LEU N   CA   sing N N 254 
LEU N   H    sing N N 255 
LEU N   H2   sing N N 256 
LEU CA  C    sing N N 257 
LEU CA  CB   sing N N 258 
LEU CA  HA   sing N N 259 
LEU C   O    doub N N 260 
LEU C   OXT  sing N N 261 
LEU CB  CG   sing N N 262 
LEU CB  HB2  sing N N 263 
LEU CB  HB3  sing N N 264 
LEU CG  CD1  sing N N 265 
LEU CG  CD2  sing N N 266 
LEU CG  HG   sing N N 267 
LEU CD1 HD11 sing N N 268 
LEU CD1 HD12 sing N N 269 
LEU CD1 HD13 sing N N 270 
LEU CD2 HD21 sing N N 271 
LEU CD2 HD22 sing N N 272 
LEU CD2 HD23 sing N N 273 
LEU OXT HXT  sing N N 274 
LYS N   CA   sing N N 275 
LYS N   H    sing N N 276 
LYS N   H2   sing N N 277 
LYS CA  C    sing N N 278 
LYS CA  CB   sing N N 279 
LYS CA  HA   sing N N 280 
LYS C   O    doub N N 281 
LYS C   OXT  sing N N 282 
LYS CB  CG   sing N N 283 
LYS CB  HB2  sing N N 284 
LYS CB  HB3  sing N N 285 
LYS CG  CD   sing N N 286 
LYS CG  HG2  sing N N 287 
LYS CG  HG3  sing N N 288 
LYS CD  CE   sing N N 289 
LYS CD  HD2  sing N N 290 
LYS CD  HD3  sing N N 291 
LYS CE  NZ   sing N N 292 
LYS CE  HE2  sing N N 293 
LYS CE  HE3  sing N N 294 
LYS NZ  HZ1  sing N N 295 
LYS NZ  HZ2  sing N N 296 
LYS NZ  HZ3  sing N N 297 
LYS OXT HXT  sing N N 298 
MET N   CA   sing N N 299 
MET N   H    sing N N 300 
MET N   H2   sing N N 301 
MET CA  C    sing N N 302 
MET CA  CB   sing N N 303 
MET CA  HA   sing N N 304 
MET C   O    doub N N 305 
MET C   OXT  sing N N 306 
MET CB  CG   sing N N 307 
MET CB  HB2  sing N N 308 
MET CB  HB3  sing N N 309 
MET CG  SD   sing N N 310 
MET CG  HG2  sing N N 311 
MET CG  HG3  sing N N 312 
MET SD  CE   sing N N 313 
MET CE  HE1  sing N N 314 
MET CE  HE2  sing N N 315 
MET CE  HE3  sing N N 316 
MET OXT HXT  sing N N 317 
PHE N   CA   sing N N 318 
PHE N   H    sing N N 319 
PHE N   H2   sing N N 320 
PHE CA  C    sing N N 321 
PHE CA  CB   sing N N 322 
PHE CA  HA   sing N N 323 
PHE C   O    doub N N 324 
PHE C   OXT  sing N N 325 
PHE CB  CG   sing N N 326 
PHE CB  HB2  sing N N 327 
PHE CB  HB3  sing N N 328 
PHE CG  CD1  doub Y N 329 
PHE CG  CD2  sing Y N 330 
PHE CD1 CE1  sing Y N 331 
PHE CD1 HD1  sing N N 332 
PHE CD2 CE2  doub Y N 333 
PHE CD2 HD2  sing N N 334 
PHE CE1 CZ   doub Y N 335 
PHE CE1 HE1  sing N N 336 
PHE CE2 CZ   sing Y N 337 
PHE CE2 HE2  sing N N 338 
PHE CZ  HZ   sing N N 339 
PHE OXT HXT  sing N N 340 
PRO N   CA   sing N N 341 
PRO N   CD   sing N N 342 
PRO N   H    sing N N 343 
PRO CA  C    sing N N 344 
PRO CA  CB   sing N N 345 
PRO CA  HA   sing N N 346 
PRO C   O    doub N N 347 
PRO C   OXT  sing N N 348 
PRO CB  CG   sing N N 349 
PRO CB  HB2  sing N N 350 
PRO CB  HB3  sing N N 351 
PRO CG  CD   sing N N 352 
PRO CG  HG2  sing N N 353 
PRO CG  HG3  sing N N 354 
PRO CD  HD2  sing N N 355 
PRO CD  HD3  sing N N 356 
PRO OXT HXT  sing N N 357 
SER N   CA   sing N N 358 
SER N   H    sing N N 359 
SER N   H2   sing N N 360 
SER CA  C    sing N N 361 
SER CA  CB   sing N N 362 
SER CA  HA   sing N N 363 
SER C   O    doub N N 364 
SER C   OXT  sing N N 365 
SER CB  OG   sing N N 366 
SER CB  HB2  sing N N 367 
SER CB  HB3  sing N N 368 
SER OG  HG   sing N N 369 
SER OXT HXT  sing N N 370 
SO4 S   O1   doub N N 371 
SO4 S   O2   doub N N 372 
SO4 S   O3   sing N N 373 
SO4 S   O4   sing N N 374 
THR N   CA   sing N N 375 
THR N   H    sing N N 376 
THR N   H2   sing N N 377 
THR CA  C    sing N N 378 
THR CA  CB   sing N N 379 
THR CA  HA   sing N N 380 
THR C   O    doub N N 381 
THR C   OXT  sing N N 382 
THR CB  OG1  sing N N 383 
THR CB  CG2  sing N N 384 
THR CB  HB   sing N N 385 
THR OG1 HG1  sing N N 386 
THR CG2 HG21 sing N N 387 
THR CG2 HG22 sing N N 388 
THR CG2 HG23 sing N N 389 
THR OXT HXT  sing N N 390 
TRP N   CA   sing N N 391 
TRP N   H    sing N N 392 
TRP N   H2   sing N N 393 
TRP CA  C    sing N N 394 
TRP CA  CB   sing N N 395 
TRP CA  HA   sing N N 396 
TRP C   O    doub N N 397 
TRP C   OXT  sing N N 398 
TRP CB  CG   sing N N 399 
TRP CB  HB2  sing N N 400 
TRP CB  HB3  sing N N 401 
TRP CG  CD1  doub Y N 402 
TRP CG  CD2  sing Y N 403 
TRP CD1 NE1  sing Y N 404 
TRP CD1 HD1  sing N N 405 
TRP CD2 CE2  doub Y N 406 
TRP CD2 CE3  sing Y N 407 
TRP NE1 CE2  sing Y N 408 
TRP NE1 HE1  sing N N 409 
TRP CE2 CZ2  sing Y N 410 
TRP CE3 CZ3  doub Y N 411 
TRP CE3 HE3  sing N N 412 
TRP CZ2 CH2  doub Y N 413 
TRP CZ2 HZ2  sing N N 414 
TRP CZ3 CH2  sing Y N 415 
TRP CZ3 HZ3  sing N N 416 
TRP CH2 HH2  sing N N 417 
TRP OXT HXT  sing N N 418 
TYR N   CA   sing N N 419 
TYR N   H    sing N N 420 
TYR N   H2   sing N N 421 
TYR CA  C    sing N N 422 
TYR CA  CB   sing N N 423 
TYR CA  HA   sing N N 424 
TYR C   O    doub N N 425 
TYR C   OXT  sing N N 426 
TYR CB  CG   sing N N 427 
TYR CB  HB2  sing N N 428 
TYR CB  HB3  sing N N 429 
TYR CG  CD1  doub Y N 430 
TYR CG  CD2  sing Y N 431 
TYR CD1 CE1  sing Y N 432 
TYR CD1 HD1  sing N N 433 
TYR CD2 CE2  doub Y N 434 
TYR CD2 HD2  sing N N 435 
TYR CE1 CZ   doub Y N 436 
TYR CE1 HE1  sing N N 437 
TYR CE2 CZ   sing Y N 438 
TYR CE2 HE2  sing N N 439 
TYR CZ  OH   sing N N 440 
TYR OH  HH   sing N N 441 
TYR OXT HXT  sing N N 442 
VAL N   CA   sing N N 443 
VAL N   H    sing N N 444 
VAL N   H2   sing N N 445 
VAL CA  C    sing N N 446 
VAL CA  CB   sing N N 447 
VAL CA  HA   sing N N 448 
VAL C   O    doub N N 449 
VAL C   OXT  sing N N 450 
VAL CB  CG1  sing N N 451 
VAL CB  CG2  sing N N 452 
VAL CB  HB   sing N N 453 
VAL CG1 HG11 sing N N 454 
VAL CG1 HG12 sing N N 455 
VAL CG1 HG13 sing N N 456 
VAL CG2 HG21 sing N N 457 
VAL CG2 HG22 sing N N 458 
VAL CG2 HG23 sing N N 459 
VAL OXT HXT  sing N N 460 
# 
_atom_sites.entry_id                    1TES 
_atom_sites.fract_transf_matrix[1][1]   0.00491083 
_atom_sites.fract_transf_matrix[1][2]   -0.01041688 
_atom_sites.fract_transf_matrix[1][3]   0.00510666 
_atom_sites.fract_transf_matrix[2][1]   0.00722041 
_atom_sites.fract_transf_matrix[2][2]   -0.00763033 
_atom_sites.fract_transf_matrix[2][3]   -0.00696270 
_atom_sites.fract_transf_matrix[3][1]   0.01764234 
_atom_sites.fract_transf_matrix[3][2]   0.01124489 
_atom_sites.fract_transf_matrix[3][3]   0.00597222 
_atom_sites.fract_transf_vector[1]      0.433490 
_atom_sites.fract_transf_vector[2]      0.143293 
_atom_sites.fract_transf_vector[3]      0.147692 
# 
loop_
_atom_type.symbol 
C  
D  
FE 
H  
N  
O  
S  
# 
loop_
_atom_site.group_PDB 
_atom_site.id 
_atom_site.type_symbol 
_atom_site.label_atom_id 
_atom_site.label_alt_id 
_atom_site.label_comp_id 
_atom_site.label_asym_id 
_atom_site.label_entity_id 
_atom_site.label_seq_id 
_atom_site.pdbx_PDB_ins_code 
_atom_site.Cartn_x 
_atom_site.Cartn_y 
_atom_site.Cartn_z 
_atom_site.occupancy 
_atom_site.B_iso_or_equiv 
_atom_site.pdbx_formal_charge 
_atom_site.auth_seq_id 
_atom_site.auth_comp_id 
_atom_site.auth_asym_id 
_atom_site.auth_atom_id 
_atom_site.pdbx_PDB_model_num 
ATOM   1    N  N    . MET A 1 1   ? -16.025 -1.368  -9.668  1.00 35.80 ? 1   MET A N    1 
ATOM   2    C  CA   . MET A 1 1   ? -15.290 -2.409  -10.395 1.00 35.10 ? 1   MET A CA   1 
ATOM   3    C  C    . MET A 1 1   ? -15.355 -3.750  -9.708  1.00 33.70 ? 1   MET A C    1 
ATOM   4    O  O    . MET A 1 1   ? -15.367 -3.828  -8.470  1.00 34.00 ? 1   MET A O    1 
ATOM   5    C  CB   . MET A 1 1   ? -13.835 -2.075  -10.528 1.00 37.10 ? 1   MET A CB   1 
ATOM   6    C  CG   . MET A 1 1   ? -13.429 -0.944  -9.600  1.00 39.40 ? 1   MET A CG   1 
ATOM   7    S  SD   . MET A 1 1   ? -11.733 -0.477  -10.001 1.00 43.00 ? 1   MET A SD   1 
ATOM   8    C  CE   . MET A 1 1   ? -11.055 -2.098  -10.345 1.00 40.50 ? 1   MET A CE   1 
ATOM   9    N  N    . VAL A 1 2   ? -15.123 -4.802  -10.470 1.00 31.50 ? 2   VAL A N    1 
ATOM   10   C  CA   . VAL A 1 2   ? -15.177 -6.099  -9.871  1.00 29.40 ? 2   VAL A CA   1 
ATOM   11   C  C    . VAL A 1 2   ? -14.162 -7.020  -10.512 1.00 27.70 ? 2   VAL A C    1 
ATOM   12   O  O    . VAL A 1 2   ? -14.130 -7.164  -11.744 1.00 28.30 ? 2   VAL A O    1 
ATOM   13   C  CB   . VAL A 1 2   ? -16.551 -6.697  -10.049 1.00 30.00 ? 2   VAL A CB   1 
ATOM   14   C  CG1  . VAL A 1 2   ? -16.566 -8.092  -9.445  1.00 30.00 ? 2   VAL A CG1  1 
ATOM   15   C  CG2  . VAL A 1 2   ? -17.596 -5.814  -9.411  1.00 30.60 ? 2   VAL A CG2  1 
ATOM   16   N  N    . LEU A 1 3   ? -13.279 -7.611  -9.705  1.00 25.00 ? 3   LEU A N    1 
ATOM   17   C  CA   . LEU A 1 3   ? -12.258 -8.489  -10.256 1.00 22.50 ? 3   LEU A CA   1 
ATOM   18   C  C    . LEU A 1 3   ? -12.793 -9.889  -10.447 1.00 21.10 ? 3   LEU A C    1 
ATOM   19   O  O    . LEU A 1 3   ? -13.683 -10.308 -9.730  1.00 20.30 ? 3   LEU A O    1 
ATOM   20   C  CB   . LEU A 1 3   ? -11.047 -8.574  -9.294  1.00 22.20 ? 3   LEU A CB   1 
ATOM   21   C  CG   . LEU A 1 3   ? -10.008 -7.450  -9.397  1.00 22.00 ? 3   LEU A CG   1 
ATOM   22   C  CD1  . LEU A 1 3   ? -10.560 -6.129  -8.880  1.00 21.10 ? 3   LEU A CD1  1 
ATOM   23   C  CD2  . LEU A 1 3   ? -8.741  -7.825  -8.645  1.00 21.90 ? 3   LEU A CD2  1 
ATOM   24   N  N    . SER A 1 4   ? -12.293 -10.623 -11.423 1.00 19.50 ? 4   SER A N    1 
ATOM   25   C  CA   . SER A 1 4   ? -12.740 -11.991 -11.576 1.00 18.80 ? 4   SER A CA   1 
ATOM   26   C  C    . SER A 1 4   ? -12.015 -12.906 -10.564 1.00 18.10 ? 4   SER A C    1 
ATOM   27   O  O    . SER A 1 4   ? -10.998 -12.529 -10.020 1.00 17.30 ? 4   SER A O    1 
ATOM   28   C  CB   . SER A 1 4   ? -12.401 -12.447 -13.006 1.00 19.30 ? 4   SER A CB   1 
ATOM   29   O  OG   . SER A 1 4   ? -10.983 -12.592 -13.185 1.00 19.00 ? 4   SER A OG   1 
ATOM   30   N  N    . GLU A 1 5   ? -12.432 -14.140 -10.354 1.00 18.00 ? 5   GLU A N    1 
ATOM   31   C  CA   . GLU A 1 5   ? -11.666 -14.970 -9.435  1.00 18.60 ? 5   GLU A CA   1 
ATOM   32   C  C    . GLU A 1 5   ? -10.218 -15.220 -9.997  1.00 18.70 ? 5   GLU A C    1 
ATOM   33   O  O    . GLU A 1 5   ? -9.256  -15.367 -9.245  1.00 18.60 ? 5   GLU A O    1 
ATOM   34   C  CB   . GLU A 1 5   ? -12.407 -16.303 -9.262  1.00 19.40 ? 5   GLU A CB   1 
ATOM   35   C  CG   . GLU A 1 5   ? -11.587 -17.405 -8.592  1.00 20.20 ? 5   GLU A CG   1 
ATOM   36   C  CD   . GLU A 1 5   ? -11.510 -17.152 -7.117  1.00 21.80 ? 5   GLU A CD   1 
ATOM   37   O  OE1  . GLU A 1 5   ? -12.290 -16.352 -6.644  1.00 22.60 ? 5   GLU A OE1  1 
ATOM   38   O  OE2  . GLU A 1 5   ? -10.812 -17.868 -6.398  1.00 23.70 ? 5   GLU A OE2  1 
ATOM   39   N  N    . GLY A 1 6   ? -10.005 -15.298 -11.344 1.00 18.30 ? 6   GLY A N    1 
ATOM   40   C  CA   . GLY A 1 6   ? -8.666  -15.523 -11.876 1.00 17.70 ? 6   GLY A CA   1 
ATOM   41   C  C    . GLY A 1 6   ? -7.746  -14.339 -11.564 1.00 16.90 ? 6   GLY A C    1 
ATOM   42   O  O    . GLY A 1 6   ? -6.557  -14.502 -11.298 1.00 16.30 ? 6   GLY A O    1 
ATOM   43   N  N    . GLU A 1 7   ? -8.285  -13.130 -11.598 1.00 16.00 ? 7   GLU A N    1 
ATOM   44   C  CA   . GLU A 1 7   ? -7.465  -11.975 -11.261 1.00 16.30 ? 7   GLU A CA   1 
ATOM   45   C  C    . GLU A 1 7   ? -7.079  -12.017 -9.728  1.00 15.70 ? 7   GLU A C    1 
ATOM   46   O  O    . GLU A 1 7   ? -5.933  -11.750 -9.347  1.00 14.90 ? 7   GLU A O    1 
ATOM   47   C  CB   . GLU A 1 7   ? -8.260  -10.713 -11.610 1.00 16.60 ? 7   GLU A CB   1 
ATOM   48   C  CG   . GLU A 1 7   ? -8.404  -10.560 -13.128 1.00 18.10 ? 7   GLU A CG   1 
ATOM   49   C  CD   . GLU A 1 7   ? -9.332  -9.435  -13.627 1.00 18.70 ? 7   GLU A CD   1 
ATOM   50   O  OE1  . GLU A 1 7   ? -10.257 -9.039  -12.930 1.00 19.80 ? 7   GLU A OE1  1 
ATOM   51   O  OE2  . GLU A 1 7   ? -9.069  -8.884  -14.689 1.00 20.70 ? 7   GLU A OE2  1 
ATOM   52   N  N    . TRP A 1 8   ? -8.051  -12.270 -8.810  1.00 15.30 ? 8   TRP A N    1 
ATOM   53   C  CA   . TRP A 1 8   ? -7.723  -12.382 -7.386  1.00 15.30 ? 8   TRP A CA   1 
ATOM   54   C  C    . TRP A 1 8   ? -6.659  -13.500 -7.206  1.00 15.30 ? 8   TRP A C    1 
ATOM   55   O  O    . TRP A 1 8   ? -5.766  -13.408 -6.355  1.00 14.30 ? 8   TRP A O    1 
ATOM   56   C  CB   . TRP A 1 8   ? -8.992  -12.713 -6.536  1.00 14.80 ? 8   TRP A CB   1 
ATOM   57   C  CG   . TRP A 1 8   ? -9.918  -11.511 -6.310  1.00 15.80 ? 8   TRP A CG   1 
ATOM   58   C  CD1  . TRP A 1 8   ? -11.236 -11.447 -6.773  1.00 15.40 ? 8   TRP A CD1  1 
ATOM   59   C  CD2  . TRP A 1 8   ? -9.570  -10.346 -5.654  1.00 15.70 ? 8   TRP A CD2  1 
ATOM   60   N  NE1  . TRP A 1 8   ? -11.710 -10.264 -6.441  1.00 14.30 ? 8   TRP A NE1  1 
ATOM   61   C  CE2  . TRP A 1 8   ? -10.747 -9.564  -5.783  1.00 15.50 ? 8   TRP A CE2  1 
ATOM   62   C  CE3  . TRP A 1 8   ? -8.427  -9.861  -5.021  1.00 15.80 ? 8   TRP A CE3  1 
ATOM   63   C  CZ2  . TRP A 1 8   ? -10.777 -8.242  -5.302  1.00 16.40 ? 8   TRP A CZ2  1 
ATOM   64   C  CZ3  . TRP A 1 8   ? -8.500  -8.556  -4.514  1.00 16.10 ? 8   TRP A CZ3  1 
ATOM   65   C  CH2  . TRP A 1 8   ? -9.640  -7.761  -4.661  1.00 16.10 ? 8   TRP A CH2  1 
ATOM   66   N  N    . GLN A 1 9   ? -6.747  -14.610 -7.995  1.00 15.60 ? 9   GLN A N    1 
ATOM   67   C  CA   . GLN A 1 9   ? -5.759  -15.667 -7.804  1.00 16.90 ? 9   GLN A CA   1 
ATOM   68   C  C    . GLN A 1 9   ? -4.334  -15.132 -8.128  1.00 16.10 ? 9   GLN A C    1 
ATOM   69   O  O    . GLN A 1 9   ? -3.350  -15.516 -7.428  1.00 15.70 ? 9   GLN A O    1 
ATOM   70   C  CB   . GLN A 1 9   ? -6.053  -16.857 -8.702  1.00 19.60 ? 9   GLN A CB   1 
ATOM   71   C  CG   . GLN A 1 9   ? -7.293  -17.707 -8.432  1.00 24.50 ? 9   GLN A CG   1 
ATOM   72   C  CD   . GLN A 1 9   ? -7.065  -19.027 -9.197  1.00 27.40 ? 9   GLN A CD   1 
ATOM   73   O  OE1  . GLN A 1 9   ? -6.860  -20.095 -8.572  1.00 30.30 ? 9   GLN A OE1  1 
ATOM   74   N  NE2  . GLN A 1 9   ? -6.855  -18.988 -10.557 1.00 29.10 ? 9   GLN A NE2  1 
ATOM   75   N  N    . LEU A 1 10  ? -4.195  -14.352 -9.242  1.00 15.10 ? 10  LEU A N    1 
ATOM   76   C  CA   . LEU A 1 10  ? -2.898  -13.770 -9.584  1.00 15.00 ? 10  LEU A CA   1 
ATOM   77   C  C    . LEU A 1 10  ? -2.357  -12.819 -8.488  1.00 14.70 ? 10  LEU A C    1 
ATOM   78   O  O    . LEU A 1 10  ? -1.188  -12.921 -8.044  1.00 14.70 ? 10  LEU A O    1 
ATOM   79   C  CB   . LEU A 1 10  ? -2.958  -12.986 -10.874 1.00 16.00 ? 10  LEU A CB   1 
ATOM   80   C  CG   . LEU A 1 10  ? -3.135  -13.827 -12.142 1.00 16.90 ? 10  LEU A CG   1 
ATOM   81   C  CD1  . LEU A 1 10  ? -3.403  -12.930 -13.349 1.00 17.20 ? 10  LEU A CD1  1 
ATOM   82   C  CD2  . LEU A 1 10  ? -1.909  -14.719 -12.329 1.00 18.20 ? 10  LEU A CD2  1 
ATOM   83   N  N    . VAL A 1 11  ? -3.286  -12.111 -7.833  1.00 13.90 ? 11  VAL A N    1 
ATOM   84   C  CA   . VAL A 1 11  ? -2.937  -11.151 -6.809  1.00 13.00 ? 11  VAL A CA   1 
ATOM   85   C  C    . VAL A 1 11  ? -2.527  -11.897 -5.545  1.00 12.80 ? 11  VAL A C    1 
ATOM   86   O  O    . VAL A 1 11  ? -1.436  -11.661 -5.009  1.00 11.90 ? 11  VAL A O    1 
ATOM   87   C  CB   . VAL A 1 11  ? -4.151  -10.202 -6.496  1.00 12.90 ? 11  VAL A CB   1 
ATOM   88   C  CG1  . VAL A 1 11  ? -3.957  -9.466  -5.143  1.00 12.50 ? 11  VAL A CG1  1 
ATOM   89   C  CG2  . VAL A 1 11  ? -4.377  -9.161  -7.619  1.00 11.80 ? 11  VAL A CG2  1 
ATOM   90   N  N    . LEU A 1 12  ? -3.304  -12.894 -5.167  1.00 12.80 ? 12  LEU A N    1 
ATOM   91   C  CA   . LEU A 1 12  ? -2.960  -13.591 -3.916  1.00 14.00 ? 12  LEU A CA   1 
ATOM   92   C  C    . LEU A 1 12  ? -1.810  -14.593 -4.055  1.00 14.30 ? 12  LEU A C    1 
ATOM   93   O  O    . LEU A 1 12  ? -1.066  -14.859 -3.098  1.00 13.70 ? 12  LEU A O    1 
ATOM   94   C  CB   . LEU A 1 12  ? -4.209  -14.227 -3.344  1.00 14.80 ? 12  LEU A CB   1 
ATOM   95   C  CG   . LEU A 1 12  ? -5.305  -13.227 -2.960  1.00 15.00 ? 12  LEU A CG   1 
ATOM   96   C  CD1  . LEU A 1 12  ? -6.611  -13.978 -2.729  1.00 16.00 ? 12  LEU A CD1  1 
ATOM   97   C  CD2  . LEU A 1 12  ? -4.911  -12.410 -1.737  1.00 15.00 ? 12  LEU A CD2  1 
ATOM   98   N  N    . HIS A 1 13  ? -1.480  -14.940 -5.327  1.00 15.20 ? 13  HIS A N    1 
ATOM   99   C  CA   . HIS A 1 13  ? -0.328  -15.796 -5.547  1.00 15.60 ? 13  HIS A CA   1 
ATOM   100  C  C    . HIS A 1 13  ? 0.927   -14.966 -5.306  1.00 15.70 ? 13  HIS A C    1 
ATOM   101  O  O    . HIS A 1 13  ? 1.871   -15.452 -4.675  1.00 16.00 ? 13  HIS A O    1 
ATOM   102  C  CB   . HIS A 1 13  ? -0.308  -16.407 -6.949  1.00 16.70 ? 13  HIS A CB   1 
ATOM   103  C  CG   . HIS A 1 13  ? 0.917   -17.318 -7.240  1.00 18.30 ? 13  HIS A CG   1 
ATOM   104  N  ND1  . HIS A 1 13  ? 1.158   -18.555 -6.569  1.00 20.40 ? 13  HIS A ND1  1 
ATOM   105  C  CD2  . HIS A 1 13  ? 1.871   -17.113 -8.249  1.00 19.00 ? 13  HIS A CD2  1 
ATOM   106  C  CE1  . HIS A 1 13  ? 2.250   -19.070 -7.176  1.00 19.30 ? 13  HIS A CE1  1 
ATOM   107  N  NE2  . HIS A 1 13  ? 2.668   -18.269 -8.129  1.00 19.40 ? 13  HIS A NE2  1 
ATOM   108  N  N    . VAL A 1 14  ? 1.057   -13.750 -5.845  1.00 15.30 ? 14  VAL A N    1 
ATOM   109  C  CA   . VAL A 1 14  ? 2.278   -12.986 -5.558  1.00 16.00 ? 14  VAL A CA   1 
ATOM   110  C  C    . VAL A 1 14  ? 2.295   -12.578 -4.100  1.00 15.10 ? 14  VAL A C    1 
ATOM   111  O  O    . VAL A 1 14  ? 3.364   -12.423 -3.494  1.00 14.50 ? 14  VAL A O    1 
ATOM   112  C  CB   . VAL A 1 14  ? 2.412   -11.616 -6.355  1.00 18.30 ? 14  VAL A CB   1 
ATOM   113  C  CG1  . VAL A 1 14  ? 3.867   -11.377 -6.736  1.00 18.50 ? 14  VAL A CG1  1 
ATOM   114  C  CG2  . VAL A 1 14  ? 1.428   -11.474 -7.512  1.00 20.30 ? 14  VAL A CG2  1 
ATOM   115  N  N    . TRP A 1 15  ? 1.144   -12.168 -3.574  1.00 14.40 ? 15  TRP A N    1 
ATOM   116  C  CA   . TRP A 1 15  ? 1.124   -11.756 -2.150  1.00 15.50 ? 15  TRP A CA   1 
ATOM   117  C  C    . TRP A 1 15  ? 1.650   -12.872 -1.226  1.00 15.80 ? 15  TRP A C    1 
ATOM   118  O  O    . TRP A 1 15  ? 2.244   -12.590 -0.180  1.00 16.70 ? 15  TRP A O    1 
ATOM   119  C  CB   . TRP A 1 15  ? -0.270  -11.341 -1.678  1.00 15.60 ? 15  TRP A CB   1 
ATOM   120  C  CG   . TRP A 1 15  ? -0.221  -10.381 -0.483  1.00 15.90 ? 15  TRP A CG   1 
ATOM   121  C  CD1  . TRP A 1 15  ? -0.592  -10.786 0.760   1.00 16.60 ? 15  TRP A CD1  1 
ATOM   122  C  CD2  . TRP A 1 15  ? 0.226   -9.072  -0.490  1.00 17.20 ? 15  TRP A CD2  1 
ATOM   123  N  NE1  . TRP A 1 15  ? -0.323  -9.763  1.564   1.00 15.70 ? 15  TRP A NE1  1 
ATOM   124  C  CE2  . TRP A 1 15  ? 0.150   -8.739  0.869   1.00 17.10 ? 15  TRP A CE2  1 
ATOM   125  C  CE3  . TRP A 1 15  ? 0.732   -8.191  -1.417  1.00 17.90 ? 15  TRP A CE3  1 
ATOM   126  C  CZ2  . TRP A 1 15  ? 0.578   -7.509  1.334   1.00 18.60 ? 15  TRP A CZ2  1 
ATOM   127  C  CZ3  . TRP A 1 15  ? 1.177   -6.958  -0.967  1.00 19.00 ? 15  TRP A CZ3  1 
ATOM   128  C  CH2  . TRP A 1 15  ? 1.090   -6.618  0.389   1.00 18.60 ? 15  TRP A CH2  1 
ATOM   129  N  N    . ALA A 1 16  ? 1.367   -14.159 -1.522  1.00 15.30 ? 16  ALA A N    1 
ATOM   130  C  CA   . ALA A 1 16  ? 1.898   -15.228 -0.695  1.00 14.90 ? 16  ALA A CA   1 
ATOM   131  C  C    . ALA A 1 16  ? 3.447   -15.218 -0.625  1.00 15.30 ? 16  ALA A C    1 
ATOM   132  O  O    . ALA A 1 16  ? 4.071   -15.526 0.407   1.00 15.30 ? 16  ALA A O    1 
ATOM   133  C  CB   . ALA A 1 16  ? 1.403   -16.540 -1.283  1.00 14.40 ? 16  ALA A CB   1 
ATOM   134  N  N    . LYS A 1 17  ? 4.092   -14.749 -1.704  1.00 15.30 ? 17  LYS A N    1 
ATOM   135  C  CA   . LYS A 1 17  ? 5.554   -14.632 -1.749  1.00 15.60 ? 17  LYS A CA   1 
ATOM   136  C  C    . LYS A 1 17  ? 5.937   -13.423 -0.912  1.00 15.40 ? 17  LYS A C    1 
ATOM   137  O  O    . LYS A 1 17  ? 6.937   -13.465 -0.193  1.00 15.30 ? 17  LYS A O    1 
ATOM   138  C  CB   . LYS A 1 17  ? 6.097   -14.458 -3.194  1.00 16.50 ? 17  LYS A CB   1 
ATOM   139  C  CG   . LYS A 1 17  ? 5.553   -15.447 -4.232  1.00 18.20 ? 17  LYS A CG   1 
ATOM   140  C  CD   . LYS A 1 17  ? 5.799   -16.853 -3.709  1.00 20.60 ? 17  LYS A CD   1 
ATOM   141  C  CE   . LYS A 1 17  ? 5.619   -17.964 -4.748  1.00 23.00 ? 17  LYS A CE   1 
ATOM   142  N  NZ   . LYS A 1 17  ? 5.572   -19.289 -4.085  1.00 25.00 ? 17  LYS A NZ   1 
ATOM   143  N  N    . VAL A 1 18  ? 5.257   -12.260 -1.059  1.00 13.80 ? 18  VAL A N    1 
ATOM   144  C  CA   . VAL A 1 18  ? 5.553   -11.152 -0.182  1.00 14.40 ? 18  VAL A CA   1 
ATOM   145  C  C    . VAL A 1 18  ? 5.461   -11.536 1.322   1.00 14.10 ? 18  VAL A C    1 
ATOM   146  O  O    . VAL A 1 18  ? 6.250   -11.112 2.160   1.00 13.70 ? 18  VAL A O    1 
ATOM   147  C  CB   . VAL A 1 18  ? 4.535   -10.047 -0.487  1.00 14.60 ? 18  VAL A CB   1 
ATOM   148  C  CG1  . VAL A 1 18  ? 4.557   -8.940  0.591   1.00 14.90 ? 18  VAL A CG1  1 
ATOM   149  C  CG2  . VAL A 1 18  ? 4.771   -9.528  -1.916  1.00 15.40 ? 18  VAL A CG2  1 
ATOM   150  N  N    . GLU A 1 19  ? 4.468   -12.326 1.720   1.00 14.10 ? 19  GLU A N    1 
ATOM   151  C  CA   . GLU A 1 19  ? 4.335   -12.709 3.126   1.00 15.10 ? 19  GLU A CA   1 
ATOM   152  C  C    . GLU A 1 19  ? 5.530   -13.526 3.627   1.00 15.20 ? 19  GLU A C    1 
ATOM   153  O  O    . GLU A 1 19  ? 5.631   -13.757 4.815   1.00 14.90 ? 19  GLU A O    1 
ATOM   154  C  CB   . GLU A 1 19  ? 3.034   -13.453 3.332   1.00 15.50 ? 19  GLU A CB   1 
ATOM   155  C  CG   . GLU A 1 19  ? 1.846   -12.502 3.186   1.00 17.90 ? 19  GLU A CG   1 
ATOM   156  C  CD   . GLU A 1 19  ? 0.565   -13.155 3.712   1.00 18.30 ? 19  GLU A CD   1 
ATOM   157  O  OE1  . GLU A 1 19  ? 0.392   -14.300 3.410   1.00 20.50 ? 19  GLU A OE1  1 
ATOM   158  O  OE2  . GLU A 1 19  ? -0.396  -12.452 3.841   1.00 19.00 ? 19  GLU A OE2  1 
ATOM   159  N  N    . ALA A 1 20  ? 6.337   -14.156 2.735   1.00 14.70 ? 20  ALA A N    1 
ATOM   160  C  CA   . ALA A 1 20  ? 7.540   -14.865 3.229   1.00 14.90 ? 20  ALA A CA   1 
ATOM   161  C  C    . ALA A 1 20  ? 8.487   -13.871 3.916   1.00 15.20 ? 20  ALA A C    1 
ATOM   162  O  O    . ALA A 1 20  ? 9.320   -14.269 4.737   1.00 15.60 ? 20  ALA A O    1 
ATOM   163  C  CB   . ALA A 1 20  ? 8.348   -15.501 2.094   1.00 14.10 ? 20  ALA A CB   1 
ATOM   164  N  N    . ASP A 1 21  ? 8.430   -12.565 3.581   1.00 14.90 ? 21  ASP A N    1 
ATOM   165  C  CA   . ASP A 1 21  ? 9.315   -11.623 4.260   1.00 15.40 ? 21  ASP A CA   1 
ATOM   166  C  C    . ASP A 1 21  ? 8.552   -10.285 4.400   1.00 15.20 ? 21  ASP A C    1 
ATOM   167  O  O    . ASP A 1 21  ? 8.895   -9.301  3.718   1.00 14.80 ? 21  ASP A O    1 
ATOM   168  C  CB   . ASP A 1 21  ? 10.601  -11.443 3.422   1.00 16.80 ? 21  ASP A CB   1 
ATOM   169  C  CG   . ASP A 1 21  ? 11.593  -10.442 4.073   1.00 18.30 ? 21  ASP A CG   1 
ATOM   170  O  OD1  . ASP A 1 21  ? 11.358  -10.014 5.209   1.00 17.80 ? 21  ASP A OD1  1 
ATOM   171  O  OD2  . ASP A 1 21  ? 12.381  -9.841  3.313   1.00 20.90 ? 21  ASP A OD2  1 
ATOM   172  N  N    . VAL A 1 22  ? 7.627   -10.180 5.332   1.00 14.10 ? 22  VAL A N    1 
ATOM   173  C  CA   . VAL A 1 22  ? 6.787   -8.982  5.344   1.00 15.40 ? 22  VAL A CA   1 
ATOM   174  C  C    . VAL A 1 22  ? 7.573   -7.747  5.723   1.00 14.60 ? 22  VAL A C    1 
ATOM   175  O  O    . VAL A 1 22  ? 7.465   -6.720  5.047   1.00 14.10 ? 22  VAL A O    1 
ATOM   176  C  CB   . VAL A 1 22  ? 5.552   -9.137  6.327   1.00 16.10 ? 22  VAL A CB   1 
ATOM   177  C  CG1  . VAL A 1 22  ? 4.728   -7.836  6.375   1.00 16.90 ? 22  VAL A CG1  1 
ATOM   178  C  CG2  . VAL A 1 22  ? 4.627   -10.266 5.843   1.00 16.50 ? 22  VAL A CG2  1 
ATOM   179  N  N    . ALA A 1 23  ? 8.511   -7.910  6.687   1.00 14.40 ? 23  ALA A N    1 
ATOM   180  C  CA   . ALA A 1 23  ? 9.293   -6.751  7.109   1.00 14.70 ? 23  ALA A CA   1 
ATOM   181  C  C    . ALA A 1 23  ? 10.236  -6.213  6.007   1.00 14.70 ? 23  ALA A C    1 
ATOM   182  O  O    . ALA A 1 23  ? 10.387  -4.991  5.847   1.00 14.10 ? 23  ALA A O    1 
ATOM   183  C  CB   . ALA A 1 23  ? 10.104  -7.147  8.344   1.00 14.80 ? 23  ALA A CB   1 
ATOM   184  N  N    . GLY A 1 24  ? 10.903  -7.123  5.224   1.00 14.10 ? 24  GLY A N    1 
ATOM   185  C  CA   . GLY A 1 24  ? 11.772  -6.633  4.173   1.00 13.60 ? 24  GLY A CA   1 
ATOM   186  C  C    . GLY A 1 24  ? 10.950  -5.988  3.060   1.00 13.10 ? 24  GLY A C    1 
ATOM   187  O  O    . GLY A 1 24  ? 11.397  -4.994  2.479   1.00 12.70 ? 24  GLY A O    1 
ATOM   188  N  N    . HIS A 1 25  ? 9.767   -6.551  2.692   1.00 12.70 ? 25  HIS A N    1 
ATOM   189  C  CA   . HIS A 1 25  ? 8.978   -5.915  1.626   1.00 12.70 ? 25  HIS A CA   1 
ATOM   190  C  C    . HIS A 1 25  ? 8.455   -4.556  2.133   1.00 12.80 ? 25  HIS A C    1 
ATOM   191  O  O    . HIS A 1 25  ? 8.510   -3.593  1.391   1.00 12.20 ? 25  HIS A O    1 
ATOM   192  C  CB   . HIS A 1 25  ? 7.775   -6.744  1.194   1.00 12.30 ? 25  HIS A CB   1 
ATOM   193  C  CG   . HIS A 1 25  ? 8.137   -7.933  0.323   1.00 13.30 ? 25  HIS A CG   1 
ATOM   194  N  ND1  . HIS A 1 25  ? 8.599   -9.094  0.855   1.00 13.00 ? 25  HIS A ND1  1 
ATOM   195  C  CD2  . HIS A 1 25  ? 8.097   -8.019  -1.086  1.00 13.40 ? 25  HIS A CD2  1 
ATOM   196  C  CE1  . HIS A 1 25  ? 8.853   -9.901  -0.210  1.00 13.70 ? 25  HIS A CE1  1 
ATOM   197  N  NE2  . HIS A 1 25  ? 8.568   -9.298  -1.312  1.00 13.30 ? 25  HIS A NE2  1 
ATOM   198  N  N    . GLY A 1 26  ? 8.115   -4.435  3.432   1.00 12.90 ? 26  GLY A N    1 
ATOM   199  C  CA   . GLY A 1 26  ? 7.623   -3.183  3.987   1.00 13.80 ? 26  GLY A CA   1 
ATOM   200  C  C    . GLY A 1 26  ? 8.675   -2.097  3.852   1.00 14.90 ? 26  GLY A C    1 
ATOM   201  O  O    . GLY A 1 26  ? 8.381   -0.921  3.508   1.00 14.80 ? 26  GLY A O    1 
ATOM   202  H  H    . GLY A 1 26  ? 8.401   -5.137  4.046   1.00 0.00  ? 26  GLY A H    1 
ATOM   203  N  N    . GLN A 1 27  ? 9.888   -2.437  4.293   1.00 15.40 ? 27  GLN A N    1 
ATOM   204  C  CA   . GLN A 1 27  ? 10.988  -1.514  4.201   1.00 16.80 ? 27  GLN A CA   1 
ATOM   205  C  C    . GLN A 1 27  ? 11.256  -1.092  2.756   1.00 16.70 ? 27  GLN A C    1 
ATOM   206  O  O    . GLN A 1 27  ? 11.313  0.107   2.473   1.00 17.20 ? 27  GLN A O    1 
ATOM   207  C  CB   . GLN A 1 27  ? 12.224  -2.206  4.690   1.00 19.10 ? 27  GLN A CB   1 
ATOM   208  C  CG   . GLN A 1 27  ? 13.128  -1.363  5.541   1.00 23.20 ? 27  GLN A CG   1 
ATOM   209  C  CD   . GLN A 1 27  ? 14.081  -2.272  6.329   1.00 25.80 ? 27  GLN A CD   1 
ATOM   210  O  OE1  . GLN A 1 27  ? 14.142  -3.493  6.089   1.00 27.90 ? 27  GLN A OE1  1 
ATOM   211  N  NE2  . GLN A 1 27  ? 14.938  -1.729  7.187   1.00 26.30 ? 27  GLN A NE2  1 
ATOM   212  N  N    . ASP A 1 28  ? 11.261  -2.018  1.786   1.00 15.70 ? 28  ASP A N    1 
ATOM   213  C  CA   . ASP A 1 28  ? 11.514  -1.638  0.386   1.00 15.40 ? 28  ASP A CA   1 
ATOM   214  C  C    . ASP A 1 28  ? 10.453  -0.685  -0.186  1.00 14.80 ? 28  ASP A C    1 
ATOM   215  O  O    . ASP A 1 28  ? 10.749  0.283   -0.864  1.00 13.90 ? 28  ASP A O    1 
ATOM   216  C  CB   . ASP A 1 28  ? 11.502  -2.882  -0.494  1.00 16.10 ? 28  ASP A CB   1 
ATOM   217  C  CG   . ASP A 1 28  ? 12.820  -3.564  -0.534  1.00 18.10 ? 28  ASP A CG   1 
ATOM   218  O  OD1  . ASP A 1 28  ? 13.661  -3.224  0.285   1.00 19.70 ? 28  ASP A OD1  1 
ATOM   219  O  OD2  . ASP A 1 28  ? 12.820  -4.717  -0.948  1.00 20.10 ? 28  ASP A OD2  1 
ATOM   220  N  N    . ILE A 1 29  ? 9.198   -0.942  0.163   1.00 14.30 ? 29  ILE A N    1 
ATOM   221  C  CA   . ILE A 1 29  ? 8.103   -0.152  -0.346  1.00 14.90 ? 29  ILE A CA   1 
ATOM   222  C  C    . ILE A 1 29  ? 8.068   1.260   0.238   1.00 15.80 ? 29  ILE A C    1 
ATOM   223  O  O    . ILE A 1 29  ? 7.980   2.271   -0.540  1.00 15.50 ? 29  ILE A O    1 
ATOM   224  C  CB   . ILE A 1 29  ? 6.782   -0.910  -0.093  1.00 15.00 ? 29  ILE A CB   1 
ATOM   225  C  CG1  . ILE A 1 29  ? 6.689   -2.106  -1.062  1.00 14.70 ? 29  ILE A CG1  1 
ATOM   226  C  CG2  . ILE A 1 29  ? 5.585   0.020   -0.280  1.00 14.70 ? 29  ILE A CG2  1 
ATOM   227  C  CD1  . ILE A 1 29  ? 5.738   -3.233  -0.596  1.00 14.50 ? 29  ILE A CD1  1 
ATOM   228  N  N    . LEU A 1 30  ? 8.203   1.380   1.600   1.00 15.80 ? 30  LEU A N    1 
ATOM   229  C  CA   . LEU A 1 30  ? 8.178   2.719   2.215   1.00 16.20 ? 30  LEU A CA   1 
ATOM   230  C  C    . LEU A 1 30  ? 9.370   3.547   1.769   1.00 16.20 ? 30  LEU A C    1 
ATOM   231  O  O    . LEU A 1 30  ? 9.262   4.700   1.379   1.00 16.60 ? 30  LEU A O    1 
ATOM   232  C  CB   . LEU A 1 30  ? 8.199   2.596   3.718   1.00 17.00 ? 30  LEU A CB   1 
ATOM   233  C  CG   . LEU A 1 30  ? 6.955   1.955   4.344   1.00 19.30 ? 30  LEU A CG   1 
ATOM   234  C  CD1  . LEU A 1 30  ? 6.753   2.327   5.832   1.00 19.60 ? 30  LEU A CD1  1 
ATOM   235  C  CD2  . LEU A 1 30  ? 5.759   2.350   3.549   1.00 20.40 ? 30  LEU A CD2  1 
ATOM   236  N  N    . ILE A 1 31  ? 10.528  2.937   1.610   1.00 16.40 ? 31  ILE A N    1 
ATOM   237  C  CA   . ILE A 1 31  ? 11.675  3.693   1.174   1.00 17.40 ? 31  ILE A CA   1 
ATOM   238  C  C    . ILE A 1 31  ? 11.474  4.161   -0.251  1.00 18.00 ? 31  ILE A C    1 
ATOM   239  O  O    . ILE A 1 31  ? 11.860  5.292   -0.605  1.00 18.10 ? 31  ILE A O    1 
ATOM   240  C  CB   . ILE A 1 31  ? 12.956  2.801   1.365   1.00 17.90 ? 31  ILE A CB   1 
ATOM   241  C  CG1  . ILE A 1 31  ? 13.266  2.710   2.881   1.00 17.90 ? 31  ILE A CG1  1 
ATOM   242  C  CG2  . ILE A 1 31  ? 14.111  3.319   0.469   1.00 18.30 ? 31  ILE A CG2  1 
ATOM   243  C  CD1  . ILE A 1 31  ? 14.470  1.840   3.302   1.00 18.30 ? 31  ILE A CD1  1 
ATOM   244  N  N    . ARG A 1 32  ? 11.003  3.255   -1.132  1.00 17.80 ? 32  ARG A N    1 
ATOM   245  C  CA   . ARG A 1 32  ? 10.756  3.624   -2.529  1.00 18.60 ? 32  ARG A CA   1 
ATOM   246  C  C    . ARG A 1 32  ? 9.765   4.793   -2.577  1.00 18.20 ? 32  ARG A C    1 
ATOM   247  O  O    . ARG A 1 32  ? 10.017  5.817   -3.218  1.00 17.40 ? 32  ARG A O    1 
ATOM   248  C  CB   . ARG A 1 32  ? 10.151  2.408   -3.236  1.00 19.80 ? 32  ARG A CB   1 
ATOM   249  C  CG   . ARG A 1 32  ? 9.656   2.568   -4.666  1.00 22.60 ? 32  ARG A CG   1 
ATOM   250  C  CD   . ARG A 1 32  ? 10.423  3.645   -5.388  1.00 25.40 ? 32  ARG A CD   1 
ATOM   251  N  NE   . ARG A 1 32  ? 11.465  3.053   -6.159  1.00 28.30 ? 32  ARG A NE   1 
ATOM   252  C  CZ   . ARG A 1 32  ? 11.755  3.504   -7.387  1.00 28.20 ? 32  ARG A CZ   1 
ATOM   253  N  NH1  . ARG A 1 32  ? 10.820  3.954   -8.213  1.00 29.30 ? 32  ARG A NH1  1 
ATOM   254  N  NH2  . ARG A 1 32  ? 12.737  2.878   -7.958  1.00 29.00 ? 32  ARG A NH2  1 
ATOM   255  N  N    . LEU A 1 33  ? 8.756   4.736   -1.712  1.00 17.70 ? 33  LEU A N    1 
ATOM   256  C  CA   . LEU A 1 33  ? 7.777   5.825   -1.674  1.00 18.40 ? 33  LEU A CA   1 
ATOM   257  C  C    . LEU A 1 33  ? 8.409   7.171   -1.206  1.00 19.00 ? 33  LEU A C    1 
ATOM   258  O  O    . LEU A 1 33  ? 8.307   8.245   -1.864  1.00 18.70 ? 33  LEU A O    1 
ATOM   259  C  CB   . LEU A 1 33  ? 6.604   5.445   -0.728  1.00 17.60 ? 33  LEU A CB   1 
ATOM   260  C  CG   . LEU A 1 33  ? 5.639   6.624   -0.384  1.00 17.60 ? 33  LEU A CG   1 
ATOM   261  C  CD1  . LEU A 1 33  ? 4.824   6.982   -1.644  1.00 16.40 ? 33  LEU A CD1  1 
ATOM   262  C  CD2  . LEU A 1 33  ? 4.747   6.346   0.852   1.00 16.90 ? 33  LEU A CD2  1 
ATOM   263  N  N    . PHE A 1 34  ? 9.149   7.124   -0.084  1.00 19.70 ? 34  PHE A N    1 
ATOM   264  C  CA   . PHE A 1 34  ? 9.753   8.349   0.434   1.00 21.20 ? 34  PHE A CA   1 
ATOM   265  C  C    . PHE A 1 34  ? 10.802  8.930   -0.512  1.00 22.70 ? 34  PHE A C    1 
ATOM   266  O  O    . PHE A 1 34  ? 11.144  10.135  -0.363  1.00 23.20 ? 34  PHE A O    1 
ATOM   267  C  CB   . PHE A 1 34  ? 10.396  8.060   1.772   1.00 20.80 ? 34  PHE A CB   1 
ATOM   268  C  CG   . PHE A 1 34  ? 9.353   7.695   2.807   1.00 21.20 ? 34  PHE A CG   1 
ATOM   269  C  CD1  . PHE A 1 34  ? 8.049   8.191   2.655   1.00 20.90 ? 34  PHE A CD1  1 
ATOM   270  C  CD2  . PHE A 1 34  ? 9.729   6.883   3.909   1.00 21.30 ? 34  PHE A CD2  1 
ATOM   271  C  CE1  . PHE A 1 34  ? 7.122   7.862   3.630   1.00 21.00 ? 34  PHE A CE1  1 
ATOM   272  C  CE2  . PHE A 1 34  ? 8.786   6.560   4.872   1.00 20.80 ? 34  PHE A CE2  1 
ATOM   273  C  CZ   . PHE A 1 34  ? 7.498   7.054   4.713   1.00 21.70 ? 34  PHE A CZ   1 
ATOM   274  N  N    . LYS A 1 35  ? 11.549  8.032   -1.165  1.00 23.10 ? 35  LYS A N    1 
ATOM   275  C  CA   . LYS A 1 35  ? 12.545  8.492   -2.075  1.00 24.50 ? 35  LYS A CA   1 
ATOM   276  C  C    . LYS A 1 35  ? 11.904  9.056   -3.331  1.00 23.90 ? 35  LYS A C    1 
ATOM   277  O  O    . LYS A 1 35  ? 12.382  10.049  -3.866  1.00 24.40 ? 35  LYS A O    1 
ATOM   278  C  CB   . LYS A 1 35  ? 13.528  7.344   -2.446  1.00 26.10 ? 35  LYS A CB   1 
ATOM   279  C  CG   . LYS A 1 35  ? 14.726  7.268   -1.478  1.00 28.90 ? 35  LYS A CG   1 
ATOM   280  C  CD   . LYS A 1 35  ? 15.651  6.066   -1.745  1.00 31.00 ? 35  LYS A CD   1 
ATOM   281  C  CE   . LYS A 1 35  ? 16.377  6.234   -3.086  1.00 32.80 ? 35  LYS A CE   1 
ATOM   282  N  NZ   . LYS A 1 35  ? 16.850  4.945   -3.628  1.00 34.60 ? 35  LYS A NZ   1 
ATOM   283  N  N    . SER A 1 36  ? 10.894  8.410   -3.900  1.00 23.20 ? 36  SER A N    1 
ATOM   284  C  CA   . SER A 1 36  ? 10.331  8.910   -5.133  1.00 22.40 ? 36  SER A CA   1 
ATOM   285  C  C    . SER A 1 36  ? 9.528   10.194  -4.972  1.00 22.90 ? 36  SER A C    1 
ATOM   286  O  O    . SER A 1 36  ? 9.445   10.980  -5.933  1.00 22.20 ? 36  SER A O    1 
ATOM   287  C  CB   . SER A 1 36  ? 9.399   7.877   -5.706  1.00 22.30 ? 36  SER A CB   1 
ATOM   288  O  OG   . SER A 1 36  ? 10.149  6.787   -6.216  1.00 23.30 ? 36  SER A OG   1 
ATOM   289  H  HG   . SER A 1 36  ? 10.718  6.440   -5.527  1.00 0.00  ? 36  SER A HG   1 
ATOM   290  N  N    . HIS A 1 37  ? 8.741   10.282  -3.846  1.00 22.50 ? 37  HIS A N    1 
ATOM   291  C  CA   . HIS A 1 37  ? 7.870   11.418  -3.581  1.00 22.50 ? 37  HIS A CA   1 
ATOM   292  C  C    . HIS A 1 37  ? 8.089   11.837  -2.156  1.00 22.20 ? 37  HIS A C    1 
ATOM   293  O  O    . HIS A 1 37  ? 7.280   11.588  -1.245  1.00 21.80 ? 37  HIS A O    1 
ATOM   294  C  CB   . HIS A 1 37  ? 6.398   11.049  -3.778  1.00 22.90 ? 37  HIS A CB   1 
ATOM   295  C  CG   . HIS A 1 37  ? 6.084   10.311  -5.090  1.00 23.80 ? 37  HIS A CG   1 
ATOM   296  N  ND1  . HIS A 1 37  ? 5.708   10.980  -6.249  1.00 23.90 ? 37  HIS A ND1  1 
ATOM   297  C  CD2  . HIS A 1 37  ? 6.143   8.934   -5.304  1.00 23.70 ? 37  HIS A CD2  1 
ATOM   298  C  CE1  . HIS A 1 37  ? 5.557   10.003  -7.166  1.00 24.00 ? 37  HIS A CE1  1 
ATOM   299  N  NE2  . HIS A 1 37  ? 5.800   8.837   -6.671  1.00 24.50 ? 37  HIS A NE2  1 
ATOM   300  N  N    . PRO A 1 38  ? 9.166   12.596  -1.984  1.00 22.30 ? 38  PRO A N    1 
ATOM   301  C  CA   . PRO A 1 38  ? 9.639   13.044  -0.671  1.00 22.70 ? 38  PRO A CA   1 
ATOM   302  C  C    . PRO A 1 38  ? 8.605   13.860  0.119   1.00 23.10 ? 38  PRO A C    1 
ATOM   303  O  O    . PRO A 1 38  ? 8.650   13.994  1.367   1.00 22.40 ? 38  PRO A O    1 
ATOM   304  C  CB   . PRO A 1 38  ? 10.898  13.825  -0.968  1.00 22.80 ? 38  PRO A CB   1 
ATOM   305  C  CG   . PRO A 1 38  ? 11.185  13.671  -2.431  1.00 22.80 ? 38  PRO A CG   1 
ATOM   306  C  CD   . PRO A 1 38  ? 10.133  12.787  -3.057  1.00 22.10 ? 38  PRO A CD   1 
ATOM   307  N  N    . GLU A 1 39  ? 7.658   14.465  -0.624  1.00 23.80 ? 39  GLU A N    1 
ATOM   308  C  CA   . GLU A 1 39  ? 6.631   15.197  0.107   1.00 25.00 ? 39  GLU A CA   1 
ATOM   309  C  C    . GLU A 1 39  ? 5.796   14.251  0.979   1.00 24.70 ? 39  GLU A C    1 
ATOM   310  O  O    . GLU A 1 39  ? 5.193   14.635  1.994   1.00 25.50 ? 39  GLU A O    1 
ATOM   311  C  CB   . GLU A 1 39  ? 5.758   15.960  -0.889  1.00 25.70 ? 39  GLU A CB   1 
ATOM   312  C  CG   . GLU A 1 39  ? 5.064   15.090  -1.922  1.00 27.10 ? 39  GLU A CG   1 
ATOM   313  C  CD   . GLU A 1 39  ? 5.782   14.936  -3.269  1.00 28.20 ? 39  GLU A CD   1 
ATOM   314  O  OE1  . GLU A 1 39  ? 6.928   14.502  -3.257  1.00 28.70 ? 39  GLU A OE1  1 
ATOM   315  O  OE2  . GLU A 1 39  ? 5.081   14.777  -4.282  1.00 29.30 ? 39  GLU A OE2  1 
ATOM   316  N  N    . THR A 1 40  ? 5.767   12.958  0.658   1.00 23.90 ? 40  THR A N    1 
ATOM   317  C  CA   . THR A 1 40  ? 4.970   12.080  1.474   1.00 23.60 ? 40  THR A CA   1 
ATOM   318  C  C    . THR A 1 40  ? 5.585   11.894  2.860   1.00 23.90 ? 40  THR A C    1 
ATOM   319  O  O    . THR A 1 40  ? 4.892   11.571  3.841   1.00 23.80 ? 40  THR A O    1 
ATOM   320  C  CB   . THR A 1 40  ? 4.780   10.693  0.784   1.00 23.10 ? 40  THR A CB   1 
ATOM   321  O  OG1  . THR A 1 40  ? 6.080   10.129  0.637   1.00 22.90 ? 40  THR A OG1  1 
ATOM   322  C  CG2  . THR A 1 40  ? 4.019   10.724  -0.518  1.00 21.80 ? 40  THR A CG2  1 
ATOM   323  N  N    . LEU A 1 41  ? 6.915   11.946  2.921   1.00 24.60 ? 41  LEU A N    1 
ATOM   324  C  CA   . LEU A 1 41  ? 7.643   11.781  4.173   1.00 25.90 ? 41  LEU A CA   1 
ATOM   325  C  C    . LEU A 1 41  ? 7.275   12.859  5.225   1.00 26.40 ? 41  LEU A C    1 
ATOM   326  O  O    . LEU A 1 41  ? 7.400   12.663  6.460   1.00 26.10 ? 41  LEU A O    1 
ATOM   327  C  CB   . LEU A 1 41  ? 9.152   11.814  3.889   1.00 25.90 ? 41  LEU A CB   1 
ATOM   328  C  CG   . LEU A 1 41  ? 10.063  11.718  5.126   1.00 26.60 ? 41  LEU A CG   1 
ATOM   329  C  CD1  . LEU A 1 41  ? 9.704   10.448  5.900   1.00 27.30 ? 41  LEU A CD1  1 
ATOM   330  C  CD2  . LEU A 1 41  ? 11.553  11.751  4.772   1.00 26.20 ? 41  LEU A CD2  1 
ATOM   331  N  N    . GLU A 1 42  ? 6.898   14.054  4.758   1.00 27.10 ? 42  GLU A N    1 
ATOM   332  C  CA   . GLU A 1 42  ? 6.535   15.114  5.683   1.00 28.30 ? 42  GLU A CA   1 
ATOM   333  C  C    . GLU A 1 42  ? 5.328   14.731  6.519   1.00 28.20 ? 42  GLU A C    1 
ATOM   334  O  O    . GLU A 1 42  ? 4.982   15.462  7.445   1.00 28.50 ? 42  GLU A O    1 
ATOM   335  C  CB   . GLU A 1 42  ? 6.163   16.353  4.902   1.00 30.40 ? 42  GLU A CB   1 
ATOM   336  C  CG   . GLU A 1 42  ? 7.352   17.227  4.600   1.00 33.60 ? 42  GLU A CG   1 
ATOM   337  C  CD   . GLU A 1 42  ? 7.104   17.973  3.313   1.00 36.20 ? 42  GLU A CD   1 
ATOM   338  O  OE1  . GLU A 1 42  ? 6.460   19.058  3.321   1.00 37.70 ? 42  GLU A OE1  1 
ATOM   339  O  OE2  . GLU A 1 42  ? 7.424   17.376  2.266   1.00 38.30 ? 42  GLU A OE2  1 
ATOM   340  N  N    . LYS A 1 43  ? 4.461   13.856  5.998   1.00 27.30 ? 43  LYS A N    1 
ATOM   341  C  CA   . LYS A 1 43  ? 3.271   13.500  6.734   1.00 26.80 ? 43  LYS A CA   1 
ATOM   342  C  C    . LYS A 1 43  ? 3.559   12.718  7.969   1.00 26.20 ? 43  LYS A C    1 
ATOM   343  O  O    . LYS A 1 43  ? 2.685   12.485  8.795   1.00 26.20 ? 43  LYS A O    1 
ATOM   344  C  CB   . LYS A 1 43  ? 2.331   12.695  5.854   1.00 26.90 ? 43  LYS A CB   1 
ATOM   345  C  CG   . LYS A 1 43  ? 1.647   13.537  4.798   1.00 27.80 ? 43  LYS A CG   1 
ATOM   346  C  CD   . LYS A 1 43  ? 0.481   14.321  5.402   1.00 28.20 ? 43  LYS A CD   1 
ATOM   347  C  CE   . LYS A 1 43  ? 0.043   15.330  4.373   1.00 28.80 ? 43  LYS A CE   1 
ATOM   348  N  NZ   . LYS A 1 43  ? -1.148  15.984  4.850   1.00 30.10 ? 43  LYS A NZ   1 
ATOM   349  N  N    . PHE A 1 44  ? 4.799   12.315  8.138   1.00 26.20 ? 44  PHE A N    1 
ATOM   350  C  CA   . PHE A 1 44  ? 5.120   11.487  9.283   1.00 26.20 ? 44  PHE A CA   1 
ATOM   351  C  C    . PHE A 1 44  ? 5.980   12.227  10.301  1.00 27.40 ? 44  PHE A C    1 
ATOM   352  O  O    . PHE A 1 44  ? 7.198   12.157  10.269  1.00 26.90 ? 44  PHE A O    1 
ATOM   353  C  CB   . PHE A 1 44  ? 5.870   10.206  8.829   1.00 24.80 ? 44  PHE A CB   1 
ATOM   354  C  CG   . PHE A 1 44  ? 5.039   9.240   7.994   1.00 23.50 ? 44  PHE A CG   1 
ATOM   355  C  CD1  . PHE A 1 44  ? 4.926   9.452   6.613   1.00 22.50 ? 44  PHE A CD1  1 
ATOM   356  C  CD2  . PHE A 1 44  ? 4.370   8.168   8.604   1.00 22.90 ? 44  PHE A CD2  1 
ATOM   357  C  CE1  . PHE A 1 44  ? 4.140   8.624   5.836   1.00 22.40 ? 44  PHE A CE1  1 
ATOM   358  C  CE2  . PHE A 1 44  ? 3.589   7.332   7.807   1.00 22.40 ? 44  PHE A CE2  1 
ATOM   359  C  CZ   . PHE A 1 44  ? 3.474   7.568   6.437   1.00 22.10 ? 44  PHE A CZ   1 
ATOM   360  N  N    . ASP A 1 45  ? 5.368   12.676  11.403  1.00 29.00 ? 45  ASP A N    1 
ATOM   361  C  CA   . ASP A 1 45  ? 6.115   13.385  12.436  1.00 30.40 ? 45  ASP A CA   1 
ATOM   362  C  C    . ASP A 1 45  ? 7.176   12.501  12.994  1.00 30.40 ? 45  ASP A C    1 
ATOM   363  O  O    . ASP A 1 45  ? 8.249   12.931  13.332  1.00 30.50 ? 45  ASP A O    1 
ATOM   364  C  CB   . ASP A 1 45  ? 5.192   13.759  13.572  1.00 31.90 ? 45  ASP A CB   1 
ATOM   365  C  CG   . ASP A 1 45  ? 4.569   15.111  13.285  1.00 34.00 ? 45  ASP A CG   1 
ATOM   366  O  OD1  . ASP A 1 45  ? 4.569   15.575  12.118  1.00 35.40 ? 45  ASP A OD1  1 
ATOM   367  O  OD2  . ASP A 1 45  ? 4.399   15.830  14.259  1.00 36.20 ? 45  ASP A OD2  1 
ATOM   368  N  N    . ARG A 1 46  ? 6.904   11.221  12.957  1.00 30.70 ? 46  ARG A N    1 
ATOM   369  C  CA   . ARG A 1 46  ? 7.807   10.227  13.461  1.00 31.40 ? 46  ARG A CA   1 
ATOM   370  C  C    . ARG A 1 46  ? 9.063   10.013  12.586  1.00 30.70 ? 46  ARG A C    1 
ATOM   371  O  O    . ARG A 1 46  ? 10.170  9.854   13.102  1.00 30.20 ? 46  ARG A O    1 
ATOM   372  C  CB   . ARG A 1 46  ? 7.010   8.933   13.473  1.00 33.30 ? 46  ARG A CB   1 
ATOM   373  C  CG   . ARG A 1 46  ? 7.304   8.021   14.647  1.00 36.20 ? 46  ARG A CG   1 
ATOM   374  C  CD   . ARG A 1 46  ? 6.034   7.246   15.059  1.00 38.10 ? 46  ARG A CD   1 
ATOM   375  N  NE   . ARG A 1 46  ? 6.364   5.844   15.184  1.00 39.80 ? 46  ARG A NE   1 
ATOM   376  C  CZ   . ARG A 1 46  ? 5.873   4.941   14.338  1.00 40.60 ? 46  ARG A CZ   1 
ATOM   377  N  NH1  . ARG A 1 46  ? 4.648   5.115   13.831  1.00 40.60 ? 46  ARG A NH1  1 
ATOM   378  N  NH2  . ARG A 1 46  ? 6.312   3.682   14.518  1.00 41.80 ? 46  ARG A NH2  1 
ATOM   379  N  N    . PHE A 1 47  ? 8.939   10.112  11.257  1.00 29.80 ? 47  PHE A N    1 
ATOM   380  C  CA   . PHE A 1 47  ? 10.106  9.822   10.389  1.00 29.40 ? 47  PHE A CA   1 
ATOM   381  C  C    . PHE A 1 47  ? 10.648  11.020  9.629   1.00 29.40 ? 47  PHE A C    1 
ATOM   382  O  O    . PHE A 1 47  ? 11.594  10.867  8.876   1.00 28.90 ? 47  PHE A O    1 
ATOM   383  C  CB   . PHE A 1 47  ? 9.773   8.798   9.312   1.00 29.00 ? 47  PHE A CB   1 
ATOM   384  C  CG   . PHE A 1 47  ? 9.119   7.587   9.883   1.00 28.80 ? 47  PHE A CG   1 
ATOM   385  C  CD1  . PHE A 1 47  ? 9.714   6.952   10.954  1.00 28.40 ? 47  PHE A CD1  1 
ATOM   386  C  CD2  . PHE A 1 47  ? 7.898   7.184   9.373   1.00 29.00 ? 47  PHE A CD2  1 
ATOM   387  C  CE1  . PHE A 1 47  ? 9.068   5.886   11.540  1.00 28.60 ? 47  PHE A CE1  1 
ATOM   388  C  CE2  . PHE A 1 47  ? 7.252   6.128   9.965   1.00 28.80 ? 47  PHE A CE2  1 
ATOM   389  C  CZ   . PHE A 1 47  ? 7.839   5.477   11.051  1.00 29.30 ? 47  PHE A CZ   1 
ATOM   390  N  N    . LYS A 1 48  ? 9.880   12.109  9.579   1.00 29.30 ? 48  LYS A N    1 
ATOM   391  C  CA   . LYS A 1 48  ? 10.300  13.311  8.879   1.00 29.50 ? 48  LYS A CA   1 
ATOM   392  C  C    . LYS A 1 48  ? 11.787  13.553  8.831   1.00 28.70 ? 48  LYS A C    1 
ATOM   393  O  O    . LYS A 1 48  ? 12.182  14.381  8.029   1.00 29.00 ? 48  LYS A O    1 
ATOM   394  C  CB   . LYS A 1 48  ? 9.735   14.527  9.597   1.00 30.70 ? 48  LYS A CB   1 
ATOM   395  C  CG   . LYS A 1 48  ? 8.620   15.161  8.845   1.00 32.50 ? 48  LYS A CG   1 
ATOM   396  C  CD   . LYS A 1 48  ? 7.775   15.950  9.827   1.00 34.00 ? 48  LYS A CD   1 
ATOM   397  C  CE   . LYS A 1 48  ? 8.680   16.823  10.691  1.00 35.50 ? 48  LYS A CE   1 
ATOM   398  N  NZ   . LYS A 1 48  ? 7.840   17.591  11.599  1.00 37.10 ? 48  LYS A NZ   1 
ATOM   399  N  N    . HIS A 1 49  ? 12.398  13.490  10.010  1.00 27.80 ? 49  HIS A N    1 
ATOM   400  C  CA   . HIS A 1 49  ? 13.812  13.782  10.150  1.00 27.60 ? 49  HIS A CA   1 
ATOM   401  C  C    . HIS A 1 49  ? 14.780  12.921  9.377   1.00 27.10 ? 49  HIS A C    1 
ATOM   402  O  O    . HIS A 1 49  ? 15.932  13.310  9.255   1.00 27.60 ? 49  HIS A O    1 
ATOM   403  C  CB   . HIS A 1 49  ? 14.244  13.713  11.600  1.00 27.60 ? 49  HIS A CB   1 
ATOM   404  C  CG   . HIS A 1 49  ? 14.102  12.300  12.084  1.00 28.50 ? 49  HIS A CG   1 
ATOM   405  N  ND1  . HIS A 1 49  ? 12.866  11.745  12.371  1.00 28.90 ? 49  HIS A ND1  1 
ATOM   406  C  CD2  . HIS A 1 49  ? 15.152  11.421  12.352  1.00 29.20 ? 49  HIS A CD2  1 
ATOM   407  C  CE1  . HIS A 1 49  ? 13.178  10.516  12.851  1.00 29.60 ? 49  HIS A CE1  1 
ATOM   408  N  NE2  . HIS A 1 49  ? 14.465  10.302  12.855  1.00 29.20 ? 49  HIS A NE2  1 
ATOM   409  N  N    . LEU A 1 50  ? 14.408  11.734  8.928   1.00 26.40 ? 50  LEU A N    1 
ATOM   410  C  CA   . LEU A 1 50  ? 15.376  10.892  8.205   1.00 25.80 ? 50  LEU A CA   1 
ATOM   411  C  C    . LEU A 1 50  ? 15.874  11.553  6.926   1.00 25.30 ? 50  LEU A C    1 
ATOM   412  O  O    . LEU A 1 50  ? 15.108  12.076  6.119   1.00 25.60 ? 50  LEU A O    1 
ATOM   413  C  CB   . LEU A 1 50  ? 14.759  9.517   7.917   1.00 25.30 ? 50  LEU A CB   1 
ATOM   414  C  CG   . LEU A 1 50  ? 14.203  8.748   9.115   1.00 25.70 ? 50  LEU A CG   1 
ATOM   415  C  CD1  . LEU A 1 50  ? 13.276  7.637   8.657   1.00 25.20 ? 50  LEU A CD1  1 
ATOM   416  C  CD2  . LEU A 1 50  ? 15.332  8.176   9.956   1.00 25.90 ? 50  LEU A CD2  1 
ATOM   417  N  N    . LYS A 1 51  ? 17.193  11.696  6.800   1.00 25.10 ? 51  LYS A N    1 
ATOM   418  C  CA   . LYS A 1 51  ? 17.757  12.408  5.658   1.00 24.90 ? 51  LYS A CA   1 
ATOM   419  C  C    . LYS A 1 51  ? 18.181  11.545  4.480   1.00 24.20 ? 51  LYS A C    1 
ATOM   420  O  O    . LYS A 1 51  ? 18.090  11.978  3.347   1.00 24.70 ? 51  LYS A O    1 
ATOM   421  C  CB   . LYS A 1 51  ? 18.983  13.167  6.150   1.00 25.90 ? 51  LYS A CB   1 
ATOM   422  C  CG   . LYS A 1 51  ? 18.682  14.234  7.214   1.00 26.80 ? 51  LYS A CG   1 
ATOM   423  C  CD   . LYS A 1 51  ? 19.955  14.662  7.943   1.00 27.20 ? 51  LYS A CD   1 
ATOM   424  C  CE   . LYS A 1 51  ? 19.663  15.728  8.989   1.00 27.90 ? 51  LYS A CE   1 
ATOM   425  N  NZ   . LYS A 1 51  ? 19.100  16.922  8.385   1.00 27.40 ? 51  LYS A NZ   1 
ATOM   426  N  N    . THR A 1 52  ? 18.629  10.312  4.703   1.00 23.50 ? 52  THR A N    1 
ATOM   427  C  CA   . THR A 1 52  ? 19.082  9.480   3.620   1.00 22.90 ? 52  THR A CA   1 
ATOM   428  C  C    . THR A 1 52  ? 18.454  8.109   3.655   1.00 23.20 ? 52  THR A C    1 
ATOM   429  O  O    . THR A 1 52  ? 17.944  7.639   4.705   1.00 23.30 ? 52  THR A O    1 
ATOM   430  C  CB   . THR A 1 52  ? 20.612  9.318   3.749   1.00 22.80 ? 52  THR A CB   1 
ATOM   431  O  OG1  . THR A 1 52  ? 20.839  8.609   4.962   1.00 22.60 ? 52  THR A OG1  1 
ATOM   432  C  CG2  . THR A 1 52  ? 21.329  10.649  3.838   1.00 23.00 ? 52  THR A CG2  1 
ATOM   433  N  N    . GLU A 1 53  ? 18.705  7.342   2.568   1.00 23.40 ? 53  GLU A N    1 
ATOM   434  C  CA   . GLU A 1 53  ? 18.231  5.964   2.525   1.00 23.40 ? 53  GLU A CA   1 
ATOM   435  C  C    . GLU A 1 53  ? 18.926  5.080   3.537   1.00 23.20 ? 53  GLU A C    1 
ATOM   436  O  O    . GLU A 1 53  ? 18.309  4.184   4.156   1.00 23.50 ? 53  GLU A O    1 
ATOM   437  C  CB   . GLU A 1 53  ? 18.458  5.379   1.155   1.00 24.40 ? 53  GLU A CB   1 
ATOM   438  C  CG   . GLU A 1 53  ? 17.864  3.992   1.055   1.00 26.50 ? 53  GLU A CG   1 
ATOM   439  C  CD   . GLU A 1 53  ? 17.955  3.379   -0.357  1.00 28.50 ? 53  GLU A CD   1 
ATOM   440  O  OE1  . GLU A 1 53  ? 18.060  4.109   -1.382  1.00 28.90 ? 53  GLU A OE1  1 
ATOM   441  O  OE2  . GLU A 1 53  ? 18.099  2.154   -0.386  1.00 30.00 ? 53  GLU A OE2  1 
ATOM   442  N  N    . ALA A 1 54  ? 20.192  5.355   3.854   1.00 22.80 ? 54  ALA A N    1 
ATOM   443  C  CA   . ALA A 1 54  ? 20.831  4.521   4.853   1.00 22.70 ? 54  ALA A CA   1 
ATOM   444  C  C    . ALA A 1 54  ? 20.141  4.731   6.196   1.00 22.80 ? 54  ALA A C    1 
ATOM   445  O  O    . ALA A 1 54  ? 19.804  3.764   6.912   1.00 22.70 ? 54  ALA A O    1 
ATOM   446  C  CB   . ALA A 1 54  ? 22.280  4.940   5.028   1.00 22.50 ? 54  ALA A CB   1 
ATOM   447  N  N    . GLU A 1 55  ? 19.781  6.018   6.505   1.00 22.70 ? 55  GLU A N    1 
ATOM   448  C  CA   . GLU A 1 55  ? 19.105  6.323   7.769   1.00 22.40 ? 55  GLU A CA   1 
ATOM   449  C  C    . GLU A 1 55  ? 17.768  5.643   7.813   1.00 21.70 ? 55  GLU A C    1 
ATOM   450  O  O    . GLU A 1 55  ? 17.423  5.028   8.812   1.00 20.80 ? 55  GLU A O    1 
ATOM   451  C  CB   . GLU A 1 55  ? 18.895  7.832   7.929   1.00 23.10 ? 55  GLU A CB   1 
ATOM   452  C  CG   . GLU A 1 55  ? 20.102  8.444   8.610   1.00 24.40 ? 55  GLU A CG   1 
ATOM   453  C  CD   . GLU A 1 55  ? 20.185  9.973   8.620   1.00 25.40 ? 55  GLU A CD   1 
ATOM   454  O  OE1  . GLU A 1 55  ? 19.158  10.644  8.468   1.00 25.90 ? 55  GLU A OE1  1 
ATOM   455  O  OE2  . GLU A 1 55  ? 21.170  10.448  9.175   1.00 25.60 ? 55  GLU A OE2  1 
ATOM   456  N  N    . MET A 1 56  ? 17.068  5.648   6.665   1.00 21.50 ? 56  MET A N    1 
ATOM   457  C  CA   . MET A 1 56  ? 15.788  4.971   6.613   1.00 21.90 ? 56  MET A CA   1 
ATOM   458  C  C    . MET A 1 56  ? 15.945  3.457   6.855   1.00 22.40 ? 56  MET A C    1 
ATOM   459  O  O    . MET A 1 56  ? 15.136  2.792   7.516   1.00 21.70 ? 56  MET A O    1 
ATOM   460  C  CB   . MET A 1 56  ? 15.211  5.162   5.228   1.00 21.70 ? 56  MET A CB   1 
ATOM   461  C  CG   . MET A 1 56  ? 14.699  6.583   5.103   1.00 22.70 ? 56  MET A CG   1 
ATOM   462  S  SD   . MET A 1 56  ? 14.001  6.917   3.485   1.00 23.40 ? 56  MET A SD   1 
ATOM   463  C  CE   . MET A 1 56  ? 13.988  8.706   3.643   1.00 24.10 ? 56  MET A CE   1 
ATOM   464  N  N    . LYS A 1 57  ? 16.960  2.843   6.200   1.00 23.10 ? 57  LYS A N    1 
ATOM   465  C  CA   . LYS A 1 57  ? 17.121  1.429   6.391   1.00 24.00 ? 57  LYS A CA   1 
ATOM   466  C  C    . LYS A 1 57  ? 17.449  1.132   7.796   1.00 23.60 ? 57  LYS A C    1 
ATOM   467  O  O    . LYS A 1 57  ? 17.329  -0.020  8.141   1.00 24.20 ? 57  LYS A O    1 
ATOM   468  C  CB   . LYS A 1 57  ? 18.228  0.832   5.543   1.00 25.00 ? 57  LYS A CB   1 
ATOM   469  C  CG   . LYS A 1 57  ? 17.770  0.813   4.117   1.00 27.10 ? 57  LYS A CG   1 
ATOM   470  C  CD   . LYS A 1 57  ? 18.749  -0.027  3.326   1.00 28.90 ? 57  LYS A CD   1 
ATOM   471  C  CE   . LYS A 1 57  ? 18.963  0.486   1.902   1.00 29.50 ? 57  LYS A CE   1 
ATOM   472  N  NZ   . LYS A 1 57  ? 19.844  -0.530  1.319   1.00 31.10 ? 57  LYS A NZ   1 
ATOM   473  N  N    . ALA A 1 58  ? 18.165  1.999   8.484   1.00 23.00 ? 58  ALA A N    1 
ATOM   474  C  CA   . ALA A 1 58  ? 18.507  1.601   9.833   1.00 23.00 ? 58  ALA A CA   1 
ATOM   475  C  C    . ALA A 1 58  ? 17.422  1.905   10.881  1.00 23.40 ? 58  ALA A C    1 
ATOM   476  O  O    . ALA A 1 58  ? 17.498  1.490   12.049  1.00 23.70 ? 58  ALA A O    1 
ATOM   477  C  CB   . ALA A 1 58  ? 19.781  2.343   10.198  1.00 22.90 ? 58  ALA A CB   1 
ATOM   478  N  N    . SER A 1 59  ? 16.305  2.530   10.495  1.00 23.10 ? 59  SER A N    1 
ATOM   479  C  CA   . SER A 1 59  ? 15.319  2.848   11.474  1.00 22.80 ? 59  SER A CA   1 
ATOM   480  C  C    . SER A 1 59  ? 14.491  1.627   11.805  1.00 23.20 ? 59  SER A C    1 
ATOM   481  O  O    . SER A 1 59  ? 13.820  1.092   10.921  1.00 22.40 ? 59  SER A O    1 
ATOM   482  C  CB   . SER A 1 59  ? 14.408  3.963   10.941  1.00 22.90 ? 59  SER A CB   1 
ATOM   483  O  OG   . SER A 1 59  ? 13.211  4.075   11.721  1.00 21.10 ? 59  SER A OG   1 
ATOM   484  N  N    . GLU A 1 60  ? 14.511  1.187   13.076  1.00 23.60 ? 60  GLU A N    1 
ATOM   485  C  CA   . GLU A 1 60  ? 13.693  0.041   13.470  1.00 24.70 ? 60  GLU A CA   1 
ATOM   486  C  C    . GLU A 1 60  ? 12.212  0.441   13.487  1.00 23.80 ? 60  GLU A C    1 
ATOM   487  O  O    . GLU A 1 60  ? 11.326  -0.360  13.213  1.00 23.30 ? 60  GLU A O    1 
ATOM   488  C  CB   . GLU A 1 60  ? 14.098  -0.399  14.857  1.00 27.00 ? 60  GLU A CB   1 
ATOM   489  C  CG   . GLU A 1 60  ? 14.091  -1.905  15.060  1.00 31.30 ? 60  GLU A CG   1 
ATOM   490  C  CD   . GLU A 1 60  ? 15.086  -2.611  14.151  1.00 33.30 ? 60  GLU A CD   1 
ATOM   491  O  OE1  . GLU A 1 60  ? 15.670  -1.924  13.318  1.00 35.20 ? 60  GLU A OE1  1 
ATOM   492  O  OE2  . GLU A 1 60  ? 15.565  -3.686  14.538  1.00 35.80 ? 60  GLU A OE2  1 
ATOM   493  N  N    . ASP A 1 61  ? 11.943  1.703   13.831  1.00 23.40 ? 61  ASP A N    1 
ATOM   494  C  CA   . ASP A 1 61  ? 10.599  2.233   13.869  1.00 23.70 ? 61  ASP A CA   1 
ATOM   495  C  C    . ASP A 1 61  ? 9.968   2.202   12.502  1.00 22.40 ? 61  ASP A C    1 
ATOM   496  O  O    . ASP A 1 61  ? 8.770   1.982   12.414  1.00 21.90 ? 61  ASP A O    1 
ATOM   497  C  CB   . ASP A 1 61  ? 10.588  3.701   14.305  1.00 25.90 ? 61  ASP A CB   1 
ATOM   498  C  CG   . ASP A 1 61  ? 10.427  3.917   15.816  1.00 28.50 ? 61  ASP A CG   1 
ATOM   499  O  OD1  . ASP A 1 61  ? 10.666  2.985   16.628  1.00 29.60 ? 61  ASP A OD1  1 
ATOM   500  O  OD2  . ASP A 1 61  ? 9.926   4.995   16.154  1.00 30.40 ? 61  ASP A OD2  1 
ATOM   501  N  N    . LEU A 1 62  ? 10.692  2.641   11.468  1.00 20.70 ? 62  LEU A N    1 
ATOM   502  C  CA   . LEU A 1 62  ? 10.143  2.613   10.111  1.00 20.30 ? 62  LEU A CA   1 
ATOM   503  C  C    . LEU A 1 62  ? 9.851   1.186   9.611   1.00 19.80 ? 62  LEU A C    1 
ATOM   504  O  O    . LEU A 1 62  ? 8.769   0.919   9.046   1.00 18.70 ? 62  LEU A O    1 
ATOM   505  C  CB   . LEU A 1 62  ? 11.092  3.308   9.149   1.00 20.70 ? 62  LEU A CB   1 
ATOM   506  C  CG   . LEU A 1 62  ? 10.641  3.490   7.717   1.00 20.90 ? 62  LEU A CG   1 
ATOM   507  C  CD1  . LEU A 1 62  ? 11.575  4.467   7.037   1.00 21.90 ? 62  LEU A CD1  1 
ATOM   508  C  CD2  . LEU A 1 62  ? 10.855  2.208   6.918   1.00 21.90 ? 62  LEU A CD2  1 
ATOM   509  N  N    . LYS A 1 63  ? 10.732  0.243   9.971   1.00 18.70 ? 63  LYS A N    1 
ATOM   510  C  CA   . LYS A 1 63  ? 10.510  -1.116  9.589   1.00 19.60 ? 63  LYS A CA   1 
ATOM   511  C  C    . LYS A 1 63  ? 9.279   -1.671  10.315  1.00 19.00 ? 63  LYS A C    1 
ATOM   512  O  O    . LYS A 1 63  ? 8.552   -2.459  9.711   1.00 18.70 ? 63  LYS A O    1 
ATOM   513  C  CB   . LYS A 1 63  ? 11.736  -1.942  9.981   1.00 21.90 ? 63  LYS A CB   1 
ATOM   514  C  CG   . LYS A 1 63  ? 11.584  -3.431  9.798   1.00 23.80 ? 63  LYS A CG   1 
ATOM   515  C  CD   . LYS A 1 63  ? 12.984  -4.034  9.884   1.00 26.80 ? 63  LYS A CD   1 
ATOM   516  C  CE   . LYS A 1 63  ? 13.170  -4.663  11.241  1.00 28.50 ? 63  LYS A CE   1 
ATOM   517  N  NZ   . LYS A 1 63  ? 14.051  -5.817  11.082  1.00 31.00 ? 63  LYS A NZ   1 
ATOM   518  N  N    . LYS A 1 64  ? 9.057   -1.368  11.615  1.00 18.60 ? 64  LYS A N    1 
ATOM   519  C  CA   . LYS A 1 64  ? 7.860   -1.897  12.268  1.00 18.90 ? 64  LYS A CA   1 
ATOM   520  C  C    . LYS A 1 64  ? 6.605   -1.349  11.588  1.00 17.70 ? 64  LYS A C    1 
ATOM   521  O  O    . LYS A 1 64  ? 5.631   -2.069  11.372  1.00 18.20 ? 64  LYS A O    1 
ATOM   522  C  CB   . LYS A 1 64  ? 7.812   -1.458  13.726  1.00 20.80 ? 64  LYS A CB   1 
ATOM   523  C  CG   . LYS A 1 64  ? 9.182   -1.613  14.360  1.00 25.10 ? 64  LYS A CG   1 
ATOM   524  C  CD   . LYS A 1 64  ? 9.088   -2.503  15.583  1.00 28.60 ? 64  LYS A CD   1 
ATOM   525  C  CE   . LYS A 1 64  ? 8.681   -1.620  16.768  1.00 30.70 ? 64  LYS A CE   1 
ATOM   526  N  NZ   . LYS A 1 64  ? 9.604   -0.495  16.880  1.00 33.30 ? 64  LYS A NZ   1 
ATOM   527  N  N    . HIS A 1 65  ? 6.580   -0.056  11.269  1.00 16.60 ? 65  HIS A N    1 
ATOM   528  C  CA   . HIS A 1 65  ? 5.420   0.529   10.637  1.00 15.40 ? 65  HIS A CA   1 
ATOM   529  C  C    . HIS A 1 65  ? 5.148   -0.125  9.303   1.00 15.30 ? 65  HIS A C    1 
ATOM   530  O  O    . HIS A 1 65  ? 3.976   -0.223  8.954   1.00 15.10 ? 65  HIS A O    1 
ATOM   531  C  CB   . HIS A 1 65  ? 5.631   2.014   10.423  1.00 16.00 ? 65  HIS A CB   1 
ATOM   532  C  CG   . HIS A 1 65  ? 4.321   2.716   10.110  1.00 16.30 ? 65  HIS A CG   1 
ATOM   533  N  ND1  . HIS A 1 65  ? 3.257   2.629   10.973  1.00 17.60 ? 65  HIS A ND1  1 
ATOM   534  C  CD2  . HIS A 1 65  ? 3.976   3.343   8.917   1.00 17.10 ? 65  HIS A CD2  1 
ATOM   535  C  CE1  . HIS A 1 65  ? 2.247   3.217   10.284  1.00 17.80 ? 65  HIS A CE1  1 
ATOM   536  N  NE2  . HIS A 1 65  ? 2.634   3.626   9.111   1.00 17.30 ? 65  HIS A NE2  1 
ATOM   537  N  N    . GLY A 1 66  ? 6.208   -0.449  8.496   1.00 14.10 ? 66  GLY A N    1 
ATOM   538  C  CA   . GLY A 1 66  ? 6.024   -1.096  7.219   1.00 13.70 ? 66  GLY A CA   1 
ATOM   539  C  C    . GLY A 1 66  ? 5.351   -2.465  7.381   1.00 13.60 ? 66  GLY A C    1 
ATOM   540  O  O    . GLY A 1 66  ? 4.452   -2.805  6.607   1.00 13.50 ? 66  GLY A O    1 
ATOM   541  N  N    . VAL A 1 67  ? 5.605   -3.162  8.500   1.00 13.30 ? 67  VAL A N    1 
ATOM   542  C  CA   . VAL A 1 67  ? 4.913   -4.430  8.763   1.00 13.80 ? 67  VAL A CA   1 
ATOM   543  C  C    . VAL A 1 67  ? 3.434   -4.108  9.111   1.00 13.90 ? 67  VAL A C    1 
ATOM   544  O  O    . VAL A 1 67  ? 2.510   -4.840  8.741   1.00 14.20 ? 67  VAL A O    1 
ATOM   545  C  CB   . VAL A 1 67  ? 5.586   -5.199  9.938   1.00 13.80 ? 67  VAL A CB   1 
ATOM   546  C  CG1  . VAL A 1 67  ? 4.711   -6.364  10.377  1.00 14.50 ? 67  VAL A CG1  1 
ATOM   547  C  CG2  . VAL A 1 67  ? 6.976   -5.702  9.516   1.00 13.20 ? 67  VAL A CG2  1 
ATOM   548  N  N    . THR A 1 68  ? 3.177   -3.113  9.956   1.00 13.50 ? 68  THR A N    1 
ATOM   549  C  CA   . THR A 1 68  ? 1.793   -2.769  10.229  1.00 14.30 ? 68  THR A CA   1 
ATOM   550  C  C    . THR A 1 68  ? 0.978   -2.504  8.914   1.00 14.30 ? 68  THR A C    1 
ATOM   551  O  O    . THR A 1 68  ? -0.229  -2.866  8.764   1.00 14.60 ? 68  THR A O    1 
ATOM   552  C  CB   . THR A 1 68  ? 1.781   -1.498  11.125  1.00 14.90 ? 68  THR A CB   1 
ATOM   553  O  OG1  . THR A 1 68  ? 2.496   -1.797  12.341  1.00 16.30 ? 68  THR A OG1  1 
ATOM   554  C  CG2  . THR A 1 68  ? 0.344   -1.085  11.471  1.00 15.70 ? 68  THR A CG2  1 
ATOM   555  N  N    . VAL A 1 69  ? 1.532   -1.648  8.048   1.00 13.40 ? 69  VAL A N    1 
ATOM   556  C  CA   . VAL A 1 69  ? 0.917   -1.272  6.782   1.00 13.60 ? 69  VAL A CA   1 
ATOM   557  C  C    . VAL A 1 69  ? 0.677   -2.477  5.906   1.00 13.60 ? 69  VAL A C    1 
ATOM   558  O  O    . VAL A 1 69  ? -0.422  -2.603  5.345   1.00 13.40 ? 69  VAL A O    1 
ATOM   559  C  CB   . VAL A 1 69  ? 1.808   -0.219  6.047   1.00 13.20 ? 69  VAL A CB   1 
ATOM   560  C  CG1  . VAL A 1 69  ? 1.319   0.094   4.608   1.00 13.50 ? 69  VAL A CG1  1 
ATOM   561  C  CG2  . VAL A 1 69  ? 1.789   1.080   6.888   1.00 14.60 ? 69  VAL A CG2  1 
ATOM   562  N  N    . LEU A 1 70  ? 1.728   -3.310  5.703   1.00 13.40 ? 70  LEU A N    1 
ATOM   563  C  CA   . LEU A 1 70  ? 1.515   -4.442  4.811   1.00 14.10 ? 70  LEU A CA   1 
ATOM   564  C  C    . LEU A 1 70  ? 0.557   -5.501  5.376   1.00 14.60 ? 70  LEU A C    1 
ATOM   565  O  O    . LEU A 1 70  ? -0.236  -6.091  4.617   1.00 14.90 ? 70  LEU A O    1 
ATOM   566  C  CB   . LEU A 1 70  ? 2.818   -5.067  4.398   1.00 14.00 ? 70  LEU A CB   1 
ATOM   567  C  CG   . LEU A 1 70  ? 3.669   -4.340  3.342   1.00 15.00 ? 70  LEU A CG   1 
ATOM   568  C  CD1  . LEU A 1 70  ? 4.615   -5.350  2.668   1.00 16.40 ? 70  LEU A CD1  1 
ATOM   569  C  CD2  . LEU A 1 70  ? 2.880   -3.597  2.305   1.00 16.10 ? 70  LEU A CD2  1 
ATOM   570  N  N    . THR A 1 71  ? 0.493   -5.621  6.703   1.00 14.10 ? 71  THR A N    1 
ATOM   571  C  CA   . THR A 1 71  ? -0.436  -6.550  7.285   1.00 14.90 ? 71  THR A CA   1 
ATOM   572  C  C    . THR A 1 71  ? -1.868  -6.043  7.040   1.00 14.50 ? 71  THR A C    1 
ATOM   573  O  O    . THR A 1 71  ? -2.765  -6.817  6.741   1.00 14.40 ? 71  THR A O    1 
ATOM   574  C  CB   . THR A 1 71  ? -0.186  -6.702  8.814   1.00 15.40 ? 71  THR A CB   1 
ATOM   575  O  OG1  . THR A 1 71  ? 1.162   -7.194  8.932   1.00 17.00 ? 71  THR A OG1  1 
ATOM   576  C  CG2  . THR A 1 71  ? -1.177  -7.671  9.483   1.00 16.20 ? 71  THR A CG2  1 
ATOM   577  N  N    . ALA A 1 72  ? -2.114  -4.756  7.240   1.00 13.90 ? 72  ALA A N    1 
ATOM   578  C  CA   . ALA A 1 72  ? -3.432  -4.193  7.027   1.00 13.80 ? 72  ALA A CA   1 
ATOM   579  C  C    . ALA A 1 72  ? -3.858  -4.307  5.542   1.00 13.40 ? 72  ALA A C    1 
ATOM   580  O  O    . ALA A 1 72  ? -4.957  -4.727  5.234   1.00 13.00 ? 72  ALA A O    1 
ATOM   581  C  CB   . ALA A 1 72  ? -3.408  -2.694  7.390   1.00 13.80 ? 72  ALA A CB   1 
ATOM   582  N  N    . LEU A 1 73  ? -2.928  -4.077  4.610   1.00 13.30 ? 73  LEU A N    1 
ATOM   583  C  CA   . LEU A 1 73  ? -3.214  -4.190  3.182   1.00 13.50 ? 73  LEU A CA   1 
ATOM   584  C  C    . LEU A 1 73  ? -3.468  -5.633  2.791   1.00 13.10 ? 73  LEU A C    1 
ATOM   585  O  O    . LEU A 1 73  ? -4.446  -5.922  2.115   1.00 13.00 ? 73  LEU A O    1 
ATOM   586  C  CB   . LEU A 1 73  ? -2.059  -3.625  2.340   1.00 14.10 ? 73  LEU A CB   1 
ATOM   587  C  CG   . LEU A 1 73  ? -2.289  -3.682  0.799   1.00 15.50 ? 73  LEU A CG   1 
ATOM   588  C  CD1  . LEU A 1 73  ? -3.533  -2.844  0.444   1.00 15.30 ? 73  LEU A CD1  1 
ATOM   589  C  CD2  . LEU A 1 73  ? -1.079  -3.225  -0.031  1.00 15.60 ? 73  LEU A CD2  1 
ATOM   590  N  N    . GLY A 1 74  ? -2.697  -6.557  3.383   1.00 13.30 ? 74  GLY A N    1 
ATOM   591  C  CA   . GLY A 1 74  ? -2.851  -7.975  3.124   1.00 13.80 ? 74  GLY A CA   1 
ATOM   592  C  C    . GLY A 1 74  ? -4.231  -8.453  3.564   1.00 13.90 ? 74  GLY A C    1 
ATOM   593  O  O    . GLY A 1 74  ? -4.841  -9.247  2.852   1.00 13.30 ? 74  GLY A O    1 
ATOM   594  N  N    . ALA A 1 75  ? -4.735  -7.958  4.713   1.00 14.20 ? 75  ALA A N    1 
ATOM   595  C  CA   . ALA A 1 75  ? -6.050  -8.430  5.193   1.00 15.20 ? 75  ALA A CA   1 
ATOM   596  C  C    . ALA A 1 75  ? -7.148  -7.864  4.277   1.00 15.40 ? 75  ALA A C    1 
ATOM   597  O  O    . ALA A 1 75  ? -8.141  -8.567  3.993   1.00 17.10 ? 75  ALA A O    1 
ATOM   598  C  CB   . ALA A 1 75  ? -6.320  -7.965  6.620   1.00 14.70 ? 75  ALA A CB   1 
ATOM   599  N  N    . ILE A 1 76  ? -6.876  -6.767  3.590   1.00 14.50 ? 76  ILE A N    1 
ATOM   600  C  CA   . ILE A 1 76  ? -7.888  -6.247  2.722   1.00 14.00 ? 76  ILE A CA   1 
ATOM   601  C  C    . ILE A 1 76  ? -7.921  -7.032  1.445   1.00 14.30 ? 76  ILE A C    1 
ATOM   602  O  O    . ILE A 1 76  ? -8.956  -7.534  0.991   1.00 14.50 ? 76  ILE A O    1 
ATOM   603  C  CB   . ILE A 1 76  ? -7.599  -4.760  2.486   1.00 14.70 ? 76  ILE A CB   1 
ATOM   604  C  CG1  . ILE A 1 76  ? -8.069  -3.929  3.710   1.00 15.10 ? 76  ILE A CG1  1 
ATOM   605  C  CG2  . ILE A 1 76  ? -8.293  -4.267  1.202   1.00 15.10 ? 76  ILE A CG2  1 
ATOM   606  C  CD1  . ILE A 1 76  ? -7.541  -2.466  3.725   1.00 15.90 ? 76  ILE A CD1  1 
ATOM   607  N  N    . LEU A 1 77  ? -6.751  -7.282  0.881   1.00 14.20 ? 77  LEU A N    1 
ATOM   608  C  CA   . LEU A 1 77  ? -6.695  -8.072  -0.354  1.00 14.70 ? 77  LEU A CA   1 
ATOM   609  C  C    . LEU A 1 77  ? -7.272  -9.486  -0.215  1.00 15.30 ? 77  LEU A C    1 
ATOM   610  O  O    . LEU A 1 77  ? -7.966  -9.989  -1.147  1.00 16.10 ? 77  LEU A O    1 
ATOM   611  C  CB   . LEU A 1 77  ? -5.257  -8.181  -0.785  1.00 15.00 ? 77  LEU A CB   1 
ATOM   612  C  CG   . LEU A 1 77  ? -4.552  -6.893  -1.223  1.00 15.20 ? 77  LEU A CG   1 
ATOM   613  C  CD1  . LEU A 1 77  ? -3.076  -7.225  -1.555  1.00 15.10 ? 77  LEU A CD1  1 
ATOM   614  C  CD2  . LEU A 1 77  ? -5.275  -6.249  -2.412  1.00 15.60 ? 77  LEU A CD2  1 
ATOM   615  N  N    . LYS A 1 78  ? -7.054  -10.139 0.951   1.00 14.80 ? 78  LYS A N    1 
ATOM   616  C  CA   . LYS A 1 78  ? -7.551  -11.494 1.122   1.00 15.20 ? 78  LYS A CA   1 
ATOM   617  C  C    . LYS A 1 78  ? -9.083  -11.538 1.165   1.00 15.80 ? 78  LYS A C    1 
ATOM   618  O  O    . LYS A 1 78  ? -9.673  -12.635 1.180   1.00 15.90 ? 78  LYS A O    1 
ATOM   619  C  CB   . LYS A 1 78  ? -6.955  -12.083 2.370   1.00 15.30 ? 78  LYS A CB   1 
ATOM   620  C  CG   . LYS A 1 78  ? -5.525  -12.554 2.135   1.00 17.00 ? 78  LYS A CG   1 
ATOM   621  C  CD   . LYS A 1 78  ? -4.863  -12.762 3.472   1.00 17.60 ? 78  LYS A CD   1 
ATOM   622  C  CE   . LYS A 1 78  ? -3.391  -12.926 3.209   1.00 19.10 ? 78  LYS A CE   1 
ATOM   623  N  NZ   . LYS A 1 78  ? -2.731  -13.482 4.377   1.00 20.10 ? 78  LYS A NZ   1 
ATOM   624  N  N    . LYS A 1 79  ? -9.719  -10.389 1.465   1.00 16.00 ? 79  LYS A N    1 
ATOM   625  C  CA   . LYS A 1 79  ? -11.185 -10.321 1.448   1.00 17.10 ? 79  LYS A CA   1 
ATOM   626  C  C    . LYS A 1 79  ? -11.768 -10.378 0.014   1.00 16.70 ? 79  LYS A C    1 
ATOM   627  O  O    . LYS A 1 79  ? -13.001 -10.472 -0.114  1.00 16.30 ? 79  LYS A O    1 
ATOM   628  C  CB   . LYS A 1 79  ? -11.711 -9.029  2.051   1.00 17.90 ? 79  LYS A CB   1 
ATOM   629  C  CG   . LYS A 1 79  ? -11.528 -8.845  3.564   1.00 19.80 ? 79  LYS A CG   1 
ATOM   630  C  CD   . LYS A 1 79  ? -11.495 -10.123 4.367   1.00 21.70 ? 79  LYS A CD   1 
ATOM   631  C  CE   . LYS A 1 79  ? -12.867 -10.714 4.352   1.00 22.50 ? 79  LYS A CE   1 
ATOM   632  N  NZ   . LYS A 1 79  ? -13.803 -9.719  4.829   1.00 25.30 ? 79  LYS A NZ   1 
ATOM   633  N  N    . LYS A 1 80  ? -10.916 -10.169 -1.025  1.00 16.40 ? 80  LYS A N    1 
ATOM   634  C  CA   . LYS A 1 80  ? -11.320 -10.251 -2.448  1.00 16.90 ? 80  LYS A CA   1 
ATOM   635  C  C    . LYS A 1 80  ? -12.466 -9.339  -2.816  1.00 17.40 ? 80  LYS A C    1 
ATOM   636  O  O    . LYS A 1 80  ? -13.457 -9.814  -3.388  1.00 18.10 ? 80  LYS A O    1 
ATOM   637  C  CB   . LYS A 1 80  ? -11.650 -11.689 -2.868  1.00 17.20 ? 80  LYS A CB   1 
ATOM   638  C  CG   . LYS A 1 80  ? -10.356 -12.531 -2.802  1.00 18.50 ? 80  LYS A CG   1 
ATOM   639  C  CD   . LYS A 1 80  ? -10.572 -14.022 -2.622  1.00 20.90 ? 80  LYS A CD   1 
ATOM   640  C  CE   . LYS A 1 80  ? -11.346 -14.623 -3.782  1.00 21.70 ? 80  LYS A CE   1 
ATOM   641  N  NZ   . LYS A 1 80  ? -11.232 -16.098 -3.781  1.00 22.90 ? 80  LYS A NZ   1 
ATOM   642  N  N    . GLY A 1 81  ? -12.486 -8.097  -2.271  1.00 17.10 ? 81  GLY A N    1 
ATOM   643  C  CA   . GLY A 1 81  ? -13.523 -7.152  -2.641  1.00 17.30 ? 81  GLY A CA   1 
ATOM   644  C  C    . GLY A 1 81  ? -14.511 -6.889  -1.500  1.00 17.40 ? 81  GLY A C    1 
ATOM   645  O  O    . GLY A 1 81  ? -15.237 -5.891  -1.526  1.00 17.60 ? 81  GLY A O    1 
ATOM   646  N  N    . HIS A 1 82  ? -14.741 -7.868  -0.631  1.00 18.00 ? 82  HIS A N    1 
ATOM   647  C  CA   . HIS A 1 82  ? -15.682 -7.727  0.493   1.00 18.50 ? 82  HIS A CA   1 
ATOM   648  C  C    . HIS A 1 82  ? -14.939 -7.145  1.694   1.00 18.30 ? 82  HIS A C    1 
ATOM   649  O  O    . HIS A 1 82  ? -14.993 -7.721  2.788   1.00 18.20 ? 82  HIS A O    1 
ATOM   650  C  CB   . HIS A 1 82  ? -16.166 -9.096  0.909   1.00 19.10 ? 82  HIS A CB   1 
ATOM   651  C  CG   . HIS A 1 82  ? -16.880 -9.792  -0.209  1.00 20.90 ? 82  HIS A CG   1 
ATOM   652  N  ND1  . HIS A 1 82  ? -16.223 -10.695 -1.081  1.00 22.60 ? 82  HIS A ND1  1 
ATOM   653  C  CD2  . HIS A 1 82  ? -18.210 -9.600  -0.551  1.00 22.00 ? 82  HIS A CD2  1 
ATOM   654  C  CE1  . HIS A 1 82  ? -17.180 -11.043 -1.977  1.00 22.80 ? 82  HIS A CE1  1 
ATOM   655  N  NE2  . HIS A 1 82  ? -18.330 -10.429 -1.698  1.00 24.20 ? 82  HIS A NE2  1 
ATOM   656  N  N    . HIS A 1 83  ? -14.476 -5.893  1.568   1.00 18.10 ? 83  HIS A N    1 
ATOM   657  C  CA   . HIS A 1 83  ? -13.597 -5.365  2.595   1.00 18.40 ? 83  HIS A CA   1 
ATOM   658  C  C    . HIS A 1 83  ? -14.208 -4.186  3.365   1.00 19.50 ? 83  HIS A C    1 
ATOM   659  O  O    . HIS A 1 83  ? -13.489 -3.307  3.814   1.00 18.50 ? 83  HIS A O    1 
ATOM   660  C  CB   . HIS A 1 83  ? -12.259 -4.992  1.907   1.00 17.40 ? 83  HIS A CB   1 
ATOM   661  C  CG   . HIS A 1 83  ? -12.435 -4.136  0.649   1.00 17.00 ? 83  HIS A CG   1 
ATOM   662  N  ND1  . HIS A 1 83  ? -11.788 -4.430  -0.508  1.00 17.10 ? 83  HIS A ND1  1 
ATOM   663  C  CD2  . HIS A 1 83  ? -13.338 -3.061  0.449   1.00 17.10 ? 83  HIS A CD2  1 
ATOM   664  C  CE1  . HIS A 1 83  ? -12.273 -3.547  -1.419  1.00 17.30 ? 83  HIS A CE1  1 
ATOM   665  N  NE2  . HIS A 1 83  ? -13.173 -2.754  -0.907  1.00 17.00 ? 83  HIS A NE2  1 
ATOM   666  N  N    . GLU A 1 84  ? -15.462 -3.893  3.055   1.00 20.70 ? 84  GLU A N    1 
ATOM   667  C  CA   . GLU A 1 84  ? -16.138 -2.797  3.716   1.00 22.70 ? 84  GLU A CA   1 
ATOM   668  C  C    . GLU A 1 84  ? -15.763 -2.592  5.196   1.00 22.50 ? 84  GLU A C    1 
ATOM   669  O  O    . GLU A 1 84  ? -15.384 -1.502  5.617   1.00 21.80 ? 84  GLU A O    1 
ATOM   670  C  CB   . GLU A 1 84  ? -17.670 -3.024  3.621   1.00 25.10 ? 84  GLU A CB   1 
ATOM   671  C  CG   . GLU A 1 84  ? -18.070 -4.090  2.584   1.00 29.70 ? 84  GLU A CG   1 
ATOM   672  C  CD   . GLU A 1 84  ? -17.801 -5.568  2.986   1.00 32.10 ? 84  GLU A CD   1 
ATOM   673  O  OE1  . GLU A 1 84  ? -17.824 -5.986  4.184   1.00 33.90 ? 84  GLU A OE1  1 
ATOM   674  O  OE2  . GLU A 1 84  ? -17.724 -6.349  2.067   1.00 33.50 ? 84  GLU A OE2  1 
ATOM   675  N  N    . ALA A 1 85  ? -15.727 -3.655  5.996   1.00 22.60 ? 85  ALA A N    1 
ATOM   676  C  CA   . ALA A 1 85  ? -15.442 -3.403  7.385   1.00 22.80 ? 85  ALA A CA   1 
ATOM   677  C  C    . ALA A 1 85  ? -14.016 -2.963  7.623   1.00 22.90 ? 85  ALA A C    1 
ATOM   678  O  O    . ALA A 1 85  ? -13.749 -2.316  8.629   1.00 23.10 ? 85  ALA A O    1 
ATOM   679  C  CB   . ALA A 1 85  ? -15.654 -4.646  8.210   1.00 22.80 ? 85  ALA A CB   1 
ATOM   680  N  N    . GLU A 1 86  ? -13.064 -3.593  6.968   1.00 22.10 ? 86  GLU A N    1 
ATOM   681  C  CA   . GLU A 1 86  ? -11.676 -3.226  7.192   1.00 22.00 ? 86  GLU A CA   1 
ATOM   682  C  C    . GLU A 1 86  ? -11.385 -1.821  6.734   1.00 21.50 ? 86  GLU A C    1 
ATOM   683  O  O    . GLU A 1 86  ? -10.379 -1.233  7.135   1.00 21.50 ? 86  GLU A O    1 
ATOM   684  C  CB   . GLU A 1 86  ? -10.732 -4.131  6.392   1.00 22.90 ? 86  GLU A CB   1 
ATOM   685  C  CG   . GLU A 1 86  ? -10.541 -5.547  6.913   1.00 24.10 ? 86  GLU A CG   1 
ATOM   686  C  CD   . GLU A 1 86  ? -11.752 -6.435  6.650   1.00 24.90 ? 86  GLU A CD   1 
ATOM   687  O  OE1  . GLU A 1 86  ? -12.657 -6.107  5.867   1.00 24.80 ? 86  GLU A OE1  1 
ATOM   688  O  OE2  . GLU A 1 86  ? -11.839 -7.438  7.319   1.00 27.00 ? 86  GLU A OE2  1 
ATOM   689  N  N    . LEU A 1 87  ? -12.067 -1.372  5.695   1.00 21.10 ? 87  LEU A N    1 
ATOM   690  C  CA   . LEU A 1 87  ? -11.774 -0.055  5.160   1.00 21.30 ? 87  LEU A CA   1 
ATOM   691  C  C    . LEU A 1 87  ? -12.233 1.109   6.038   1.00 21.10 ? 87  LEU A C    1 
ATOM   692  O  O    . LEU A 1 87  ? -11.619 2.145   6.047   1.00 20.20 ? 87  LEU A O    1 
ATOM   693  C  CB   . LEU A 1 87  ? -12.435 0.089   3.790   1.00 22.60 ? 87  LEU A CB   1 
ATOM   694  C  CG   . LEU A 1 87  ? -11.595 0.476   2.578   1.00 24.40 ? 87  LEU A CG   1 
ATOM   695  C  CD1  . LEU A 1 87  ? -10.628 -0.638  2.195   1.00 24.90 ? 87  LEU A CD1  1 
ATOM   696  C  CD2  . LEU A 1 87  ? -12.479 0.764   1.373   1.00 25.20 ? 87  LEU A CD2  1 
ATOM   697  N  N    . LYS A 1 88  ? -13.292 0.905   6.824   1.00 20.90 ? 88  LYS A N    1 
ATOM   698  C  CA   . LYS A 1 88  ? -13.835 1.955   7.647   1.00 21.40 ? 88  LYS A CA   1 
ATOM   699  C  C    . LYS A 1 88  ? -12.828 2.641   8.576   1.00 19.80 ? 88  LYS A C    1 
ATOM   700  O  O    . LYS A 1 88  ? -12.704 3.869   8.546   1.00 18.80 ? 88  LYS A O    1 
ATOM   701  C  CB   . LYS A 1 88  ? -14.991 1.382   8.458   1.00 23.40 ? 88  LYS A CB   1 
ATOM   702  C  CG   . LYS A 1 88  ? -16.318 1.590   7.762   1.00 26.50 ? 88  LYS A CG   1 
ATOM   703  C  CD   . LYS A 1 88  ? -17.179 0.378   8.116   1.00 29.50 ? 88  LYS A CD   1 
ATOM   704  C  CE   . LYS A 1 88  ? -18.323 0.715   9.050   1.00 31.00 ? 88  LYS A CE   1 
ATOM   705  N  NZ   . LYS A 1 88  ? -19.571 0.753   8.289   1.00 32.80 ? 88  LYS A NZ   1 
ATOM   706  N  N    . PRO A 1 89  ? -12.245 1.930   9.542   1.00 18.80 ? 89  PRO A N    1 
ATOM   707  C  CA   . PRO A 1 89  ? -11.303 2.559   10.461  1.00 18.20 ? 89  PRO A CA   1 
ATOM   708  C  C    . PRO A 1 89  ? -10.081 3.178   9.726   1.00 17.70 ? 89  PRO A C    1 
ATOM   709  O  O    . PRO A 1 89  ? -9.589  4.233   10.158  1.00 17.30 ? 89  PRO A O    1 
ATOM   710  C  CB   . PRO A 1 89  ? -10.899 1.420   11.363  1.00 18.30 ? 89  PRO A CB   1 
ATOM   711  C  CG   . PRO A 1 89  ? -11.286 0.131   10.668  1.00 18.40 ? 89  PRO A CG   1 
ATOM   712  C  CD   . PRO A 1 89  ? -12.363 0.480   9.679   1.00 18.50 ? 89  PRO A CD   1 
ATOM   713  N  N    . LEU A 1 90  ? -9.628  2.560   8.581   1.00 17.20 ? 90  LEU A N    1 
ATOM   714  C  CA   . LEU A 1 90  ? -8.463  3.024   7.807   1.00 16.90 ? 90  LEU A CA   1 
ATOM   715  C  C    . LEU A 1 90  ? -8.753  4.358   7.177   1.00 16.20 ? 90  LEU A C    1 
ATOM   716  O  O    . LEU A 1 90  ? -7.946  5.283   7.240   1.00 15.40 ? 90  LEU A O    1 
ATOM   717  C  CB   . LEU A 1 90  ? -8.250  2.025   6.699   1.00 19.30 ? 90  LEU A CB   1 
ATOM   718  C  CG   . LEU A 1 90  ? -6.873  1.614   6.192   1.00 22.20 ? 90  LEU A CG   1 
ATOM   719  C  CD1  . LEU A 1 90  ? -6.702  1.940   4.689   1.00 22.00 ? 90  LEU A CD1  1 
ATOM   720  C  CD2  . LEU A 1 90  ? -5.775  2.141   7.132   1.00 23.50 ? 90  LEU A CD2  1 
ATOM   721  N  N    . ALA A 1 91  ? -9.914  4.442   6.514   1.00 15.40 ? 91  ALA A N    1 
ATOM   722  C  CA   . ALA A 1 91  ? -10.360 5.695   5.883   1.00 15.70 ? 91  ALA A CA   1 
ATOM   723  C  C    . ALA A 1 91  ? -10.563 6.825   6.906   1.00 15.10 ? 91  ALA A C    1 
ATOM   724  O  O    . ALA A 1 91  ? -10.170 7.973   6.681   1.00 14.60 ? 91  ALA A O    1 
ATOM   725  C  CB   . ALA A 1 91  ? -11.726 5.508   5.200   1.00 16.20 ? 91  ALA A CB   1 
ATOM   726  N  N    . GLN A 1 92  ? -11.142 6.477   8.053   1.00 15.00 ? 92  GLN A N    1 
ATOM   727  C  CA   . GLN A 1 92  ? -11.377 7.509   9.080   1.00 15.00 ? 92  GLN A CA   1 
ATOM   728  C  C    . GLN A 1 92  ? -10.078 8.087   9.617   1.00 15.20 ? 92  GLN A C    1 
ATOM   729  O  O    . GLN A 1 92  ? -9.900  9.339   9.646   1.00 14.40 ? 92  GLN A O    1 
ATOM   730  C  CB   . GLN A 1 92  ? -12.191 7.007   10.261  1.00 14.50 ? 92  GLN A CB   1 
ATOM   731  C  CG   . GLN A 1 92  ? -12.369 8.127   11.273  1.00 15.10 ? 92  GLN A CG   1 
ATOM   732  C  CD   . GLN A 1 92  ? -13.316 7.762   12.425  1.00 14.90 ? 92  GLN A CD   1 
ATOM   733  O  OE1  . GLN A 1 92  ? -13.151 6.725   13.070  1.00 16.30 ? 92  GLN A OE1  1 
ATOM   734  N  NE2  . GLN A 1 92  ? -14.294 8.618   12.708  1.00 13.80 ? 92  GLN A NE2  1 
ATOM   735  N  N    . SER A 1 93  ? -9.089  7.217   9.927   1.00 15.00 ? 93  SER A N    1 
ATOM   736  C  CA   . SER A 1 93  ? -7.837  7.789   10.411  1.00 15.30 ? 93  SER A CA   1 
ATOM   737  C  C    . SER A 1 93  ? -7.044  8.501   9.335   1.00 15.30 ? 93  SER A C    1 
ATOM   738  O  O    . SER A 1 93  ? -6.407  9.530   9.567   1.00 15.20 ? 93  SER A O    1 
ATOM   739  C  CB   . SER A 1 93  ? -6.936  6.735   11.089  1.00 15.80 ? 93  SER A CB   1 
ATOM   740  O  OG   . SER A 1 93  ? -6.422  5.835   10.142  1.00 15.30 ? 93  SER A OG   1 
ATOM   741  N  N    . HIS A 1 94  ? -7.041  7.989   8.118   1.00 15.50 ? 94  HIS A N    1 
ATOM   742  C  CA   . HIS A 1 94  ? -6.226  8.680   7.104   1.00 15.90 ? 94  HIS A CA   1 
ATOM   743  C  C    . HIS A 1 94  ? -6.940  9.937   6.602   1.00 16.10 ? 94  HIS A C    1 
ATOM   744  O  O    . HIS A 1 94  ? -6.293  10.789  6.020   1.00 16.50 ? 94  HIS A O    1 
ATOM   745  C  CB   . HIS A 1 94  ? -5.885  7.734   5.924   1.00 15.50 ? 94  HIS A CB   1 
ATOM   746  C  CG   . HIS A 1 94  ? -4.923  6.636   6.366   1.00 15.00 ? 94  HIS A CG   1 
ATOM   747  N  ND1  . HIS A 1 94  ? -5.157  5.833   7.481   1.00 15.40 ? 94  HIS A ND1  1 
ATOM   748  C  CD2  . HIS A 1 94  ? -3.641  6.449   5.876   1.00 15.00 ? 94  HIS A CD2  1 
ATOM   749  C  CE1  . HIS A 1 94  ? -4.011  5.149   7.680   1.00 15.30 ? 94  HIS A CE1  1 
ATOM   750  N  NE2  . HIS A 1 94  ? -3.139  5.486   6.768   1.00 14.80 ? 94  HIS A NE2  1 
ATOM   751  N  N    . ALA A 1 95  ? -8.266  10.030  6.662   1.00 16.10 ? 95  ALA A N    1 
ATOM   752  C  CA   . ALA A 1 95  ? -8.842  11.287  6.166   1.00 17.40 ? 95  ALA A CA   1 
ATOM   753  C  C    . ALA A 1 95  ? -8.952  12.359  7.259   1.00 18.40 ? 95  ALA A C    1 
ATOM   754  O  O    . ALA A 1 95  ? -8.507  13.465  7.011   1.00 19.00 ? 95  ALA A O    1 
ATOM   755  C  CB   . ALA A 1 95  ? -10.255 11.059  5.696   1.00 16.40 ? 95  ALA A CB   1 
ATOM   756  N  N    . THR A 1 96  ? -9.167  11.977  8.519   1.00 18.70 ? 96  THR A N    1 
ATOM   757  C  CA   . THR A 1 96  ? -9.382  12.943  9.609   1.00 20.20 ? 96  THR A CA   1 
ATOM   758  C  C    . THR A 1 96  ? -8.135  13.202  10.470  1.00 20.70 ? 96  THR A C    1 
ATOM   759  O  O    . THR A 1 96  ? -7.989  14.286  11.035  1.00 20.90 ? 96  THR A O    1 
ATOM   760  C  CB   . THR A 1 96  ? -10.496 12.379  10.534  1.00 21.00 ? 96  THR A CB   1 
ATOM   761  O  OG1  . THR A 1 96  ? -11.549 11.929  9.667   1.00 21.90 ? 96  THR A OG1  1 
ATOM   762  C  CG2  . THR A 1 96  ? -10.988 13.356  11.618  1.00 20.60 ? 96  THR A CG2  1 
ATOM   763  N  N    . LYS A 1 97  ? -7.378  12.141  10.818  1.00 20.50 ? 97  LYS A N    1 
ATOM   764  C  CA   . LYS A 1 97  ? -6.218  12.338  11.634  1.00 21.40 ? 97  LYS A CA   1 
ATOM   765  C  C    . LYS A 1 97  ? -4.931  12.593  10.870  1.00 21.50 ? 97  LYS A C    1 
ATOM   766  O  O    . LYS A 1 97  ? -4.526  13.754  10.775  1.00 22.00 ? 97  LYS A O    1 
ATOM   767  C  CB   . LYS A 1 97  ? -6.045  11.135  12.490  1.00 22.80 ? 97  LYS A CB   1 
ATOM   768  C  CG   . LYS A 1 97  ? -4.835  11.440  13.330  1.00 26.20 ? 97  LYS A CG   1 
ATOM   769  C  CD   . LYS A 1 97  ? -4.926  10.654  14.578  1.00 28.20 ? 97  LYS A CD   1 
ATOM   770  C  CE   . LYS A 1 97  ? -3.579  10.757  15.210  1.00 30.30 ? 97  LYS A CE   1 
ATOM   771  N  NZ   . LYS A 1 97  ? -3.285  9.400   15.652  1.00 32.90 ? 97  LYS A NZ   1 
ATOM   772  N  N    . HIS A 1 98  ? -4.650  11.763  9.856   1.00 21.10 ? 98  HIS A N    1 
ATOM   773  C  CA   . HIS A 1 98  ? -3.403  11.970  9.153   1.00 20.50 ? 98  HIS A CA   1 
ATOM   774  C  C    . HIS A 1 98  ? -3.572  12.909  7.956   1.00 21.00 ? 98  HIS A C    1 
ATOM   775  O  O    . HIS A 1 98  ? -2.560  13.453  7.502   1.00 20.90 ? 98  HIS A O    1 
ATOM   776  C  CB   . HIS A 1 98  ? -2.871  10.627  8.676   1.00 20.00 ? 98  HIS A CB   1 
ATOM   777  C  CG   . HIS A 1 98  ? -2.924  9.498   9.709   1.00 19.90 ? 98  HIS A CG   1 
ATOM   778  N  ND1  . HIS A 1 98  ? -2.532  9.652   11.047  1.00 19.90 ? 98  HIS A ND1  1 
ATOM   779  C  CD2  . HIS A 1 98  ? -3.352  8.187   9.454   1.00 19.60 ? 98  HIS A CD2  1 
ATOM   780  C  CE1  . HIS A 1 98  ? -2.731  8.431   11.620  1.00 19.00 ? 98  HIS A CE1  1 
ATOM   781  N  NE2  . HIS A 1 98  ? -3.193  7.582   10.734  1.00 19.70 ? 98  HIS A NE2  1 
ATOM   782  N  N    . LYS A 1 99  ? -4.788  12.998  7.329   1.00 21.00 ? 99  LYS A N    1 
ATOM   783  C  CA   . LYS A 1 99  ? -5.060  13.867  6.171   1.00 21.50 ? 99  LYS A CA   1 
ATOM   784  C  C    . LYS A 1 99  ? -4.202  13.429  4.996   1.00 21.70 ? 99  LYS A C    1 
ATOM   785  O  O    . LYS A 1 99  ? -3.451  14.229  4.451   1.00 21.80 ? 99  LYS A O    1 
ATOM   786  C  CB   . LYS A 1 99  ? -4.733  15.322  6.454   1.00 23.00 ? 99  LYS A CB   1 
ATOM   787  C  CG   . LYS A 1 99  ? -5.782  16.044  7.316   1.00 25.20 ? 99  LYS A CG   1 
ATOM   788  C  CD   . LYS A 1 99  ? -5.440  15.849  8.777   1.00 27.10 ? 99  LYS A CD   1 
ATOM   789  C  CE   . LYS A 1 99  ? -6.316  16.722  9.686   1.00 28.80 ? 99  LYS A CE   1 
ATOM   790  N  NZ   . LYS A 1 99  ? -6.026  16.411  11.111  1.00 30.30 ? 99  LYS A NZ   1 
ATOM   791  N  N    . ILE A 1 100 ? -4.613  12.370  4.322   1.00 20.70 ? 100 ILE A N    1 
ATOM   792  C  CA   . ILE A 1 100 ? -3.779  11.896  3.263   1.00 20.10 ? 100 ILE A CA   1 
ATOM   793  C  C    . ILE A 1 100 ? -4.589  11.989  2.019   1.00 20.50 ? 100 ILE A C    1 
ATOM   794  O  O    . ILE A 1 100 ? -5.488  11.152  1.850   1.00 20.80 ? 100 ILE A O    1 
ATOM   795  C  CB   . ILE A 1 100 ? -3.396  10.400  3.529   1.00 19.60 ? 100 ILE A CB   1 
ATOM   796  C  CG1  . ILE A 1 100 ? -2.693  10.177  4.890   1.00 18.80 ? 100 ILE A CG1  1 
ATOM   797  C  CG2  . ILE A 1 100 ? -2.602  9.851   2.322   1.00 19.10 ? 100 ILE A CG2  1 
ATOM   798  C  CD1  . ILE A 1 100 ? -1.421  11.010  5.165   1.00 18.40 ? 100 ILE A CD1  1 
ATOM   799  N  N    . PRO A 1 101 ? -4.120  12.773  1.030   1.00 20.40 ? 101 PRO A N    1 
ATOM   800  C  CA   . PRO A 1 101 ? -4.816  12.953  -0.240  1.00 20.80 ? 101 PRO A CA   1 
ATOM   801  C  C    . PRO A 1 101 ? -4.830  11.676  -1.074  1.00 21.20 ? 101 PRO A C    1 
ATOM   802  O  O    . PRO A 1 101 ? -3.892  10.834  -1.033  1.00 20.90 ? 101 PRO A O    1 
ATOM   803  C  CB   . PRO A 1 101 ? -4.039  14.044  -0.964  1.00 20.60 ? 101 PRO A CB   1 
ATOM   804  C  CG   . PRO A 1 101 ? -2.870  14.438  -0.096  1.00 20.60 ? 101 PRO A CG   1 
ATOM   805  C  CD   . PRO A 1 101 ? -3.115  13.809  1.272   1.00 20.90 ? 101 PRO A CD   1 
ATOM   806  N  N    . ILE A 1 102 ? -5.850  11.542  -1.911  1.00 21.10 ? 102 ILE A N    1 
ATOM   807  C  CA   . ILE A 1 102 ? -5.923  10.349  -2.728  1.00 22.00 ? 102 ILE A CA   1 
ATOM   808  C  C    . ILE A 1 102 ? -4.718  10.216  -3.623  1.00 22.00 ? 102 ILE A C    1 
ATOM   809  O  O    . ILE A 1 102 ? -4.216  9.104   -3.835  1.00 22.70 ? 102 ILE A O    1 
ATOM   810  C  CB   . ILE A 1 102 ? -7.199  10.346  -3.612  1.00 22.60 ? 102 ILE A CB   1 
ATOM   811  C  CG1  . ILE A 1 102 ? -8.429  10.099  -2.747  1.00 22.50 ? 102 ILE A CG1  1 
ATOM   812  C  CG2  . ILE A 1 102 ? -7.040  9.280   -4.710  1.00 21.80 ? 102 ILE A CG2  1 
ATOM   813  C  CD1  . ILE A 1 102 ? -8.507  8.630   -2.223  1.00 23.70 ? 102 ILE A CD1  1 
ATOM   814  N  N    . LYS A 1 103 ? -4.114  11.338  -3.998  1.00 21.20 ? 103 LYS A N    1 
ATOM   815  C  CA   . LYS A 1 103 ? -2.982  11.255  -4.853  1.00 21.40 ? 103 LYS A CA   1 
ATOM   816  C  C    . LYS A 1 103 ? -1.783  10.536  -4.166  1.00 19.80 ? 103 LYS A C    1 
ATOM   817  O  O    . LYS A 1 103 ? -1.005  9.853   -4.854  1.00 18.70 ? 103 LYS A O    1 
ATOM   818  C  CB   . LYS A 1 103 ? -2.755  12.693  -5.282  1.00 24.00 ? 103 LYS A CB   1 
ATOM   819  C  CG   . LYS A 1 103 ? -1.456  13.240  -4.829  1.00 27.20 ? 103 LYS A CG   1 
ATOM   820  C  CD   . LYS A 1 103 ? -0.506  12.636  -5.828  1.00 30.60 ? 103 LYS A CD   1 
ATOM   821  C  CE   . LYS A 1 103 ? -1.141  12.554  -7.218  1.00 32.60 ? 103 LYS A CE   1 
ATOM   822  N  NZ   . LYS A 1 103 ? -0.493  11.481  -8.005  1.00 35.20 ? 103 LYS A NZ   1 
ATOM   823  N  N    . TYR A 1 104 ? -1.638  10.638  -2.819  1.00 18.10 ? 104 TYR A N    1 
ATOM   824  C  CA   . TYR A 1 104 ? -0.562  9.921   -2.121  1.00 17.00 ? 104 TYR A CA   1 
ATOM   825  C  C    . TYR A 1 104 ? -0.819  8.390   -2.105  1.00 15.90 ? 104 TYR A C    1 
ATOM   826  O  O    . TYR A 1 104 ? 0.092   7.580   -2.002  1.00 15.30 ? 104 TYR A O    1 
ATOM   827  C  CB   . TYR A 1 104 ? -0.385  10.431  -0.687  1.00 17.10 ? 104 TYR A CB   1 
ATOM   828  C  CG   . TYR A 1 104 ? 0.214   11.847  -0.553  1.00 17.60 ? 104 TYR A CG   1 
ATOM   829  C  CD1  . TYR A 1 104 ? 0.427   12.616  -1.696  1.00 18.50 ? 104 TYR A CD1  1 
ATOM   830  C  CD2  . TYR A 1 104 ? 0.580   12.304  0.700   1.00 17.40 ? 104 TYR A CD2  1 
ATOM   831  C  CE1  . TYR A 1 104 ? 1.006   13.877  -1.603  1.00 19.40 ? 104 TYR A CE1  1 
ATOM   832  C  CE2  . TYR A 1 104 ? 1.163   13.546  0.826   1.00 18.50 ? 104 TYR A CE2  1 
ATOM   833  C  CZ   . TYR A 1 104 ? 1.358   14.326  -0.328  1.00 20.20 ? 104 TYR A CZ   1 
ATOM   834  O  OH   . TYR A 1 104 ? 1.759   15.655  -0.195  1.00 21.60 ? 104 TYR A OH   1 
ATOM   835  N  N    . LEU A 1 105 ? -2.077  7.974   -2.107  1.00 15.60 ? 105 LEU A N    1 
ATOM   836  C  CA   . LEU A 1 105 ? -2.398  6.567   -2.193  1.00 16.00 ? 105 LEU A CA   1 
ATOM   837  C  C    . LEU A 1 105 ? -1.987  6.099   -3.582  1.00 16.30 ? 105 LEU A C    1 
ATOM   838  O  O    . LEU A 1 105 ? -1.645  4.934   -3.756  1.00 16.60 ? 105 LEU A O    1 
ATOM   839  C  CB   . LEU A 1 105 ? -3.886  6.351   -1.966  1.00 16.40 ? 105 LEU A CB   1 
ATOM   840  C  CG   . LEU A 1 105 ? -4.378  6.783   -0.571  1.00 17.50 ? 105 LEU A CG   1 
ATOM   841  C  CD1  . LEU A 1 105 ? -5.848  6.431   -0.395  1.00 18.30 ? 105 LEU A CD1  1 
ATOM   842  C  CD2  . LEU A 1 105 ? -3.615  6.090   0.557   1.00 18.00 ? 105 LEU A CD2  1 
ATOM   843  N  N    . GLU A 1 106 ? -2.118  6.935   -4.623  1.00 16.00 ? 106 GLU A N    1 
ATOM   844  C  CA   . GLU A 1 106 ? -1.626  6.531   -5.951  1.00 16.90 ? 106 GLU A CA   1 
ATOM   845  C  C    . GLU A 1 106 ? -0.117  6.318   -5.884  1.00 15.90 ? 106 GLU A C    1 
ATOM   846  O  O    . GLU A 1 106 ? 0.390   5.374   -6.480  1.00 15.00 ? 106 GLU A O    1 
ATOM   847  C  CB   . GLU A 1 106 ? -1.928  7.607   -7.009  1.00 18.80 ? 106 GLU A CB   1 
ATOM   848  C  CG   . GLU A 1 106 ? -3.417  7.540   -7.320  1.00 22.00 ? 106 GLU A CG   1 
ATOM   849  C  CD   . GLU A 1 106 ? -3.906  8.609   -8.272  1.00 25.10 ? 106 GLU A CD   1 
ATOM   850  O  OE1  . GLU A 1 106 ? -3.144  9.577   -8.405  1.00 26.80 ? 106 GLU A OE1  1 
ATOM   851  O  OE2  . GLU A 1 106 ? -5.131  8.806   -8.233  1.00 26.50 ? 106 GLU A OE2  1 
ATOM   852  N  N    . PHE A 1 107 ? 0.622   7.240   -5.234  1.00 14.80 ? 107 PHE A N    1 
ATOM   853  C  CA   . PHE A 1 107 ? 2.067   7.092   -5.108  1.00 14.90 ? 107 PHE A CA   1 
ATOM   854  C  C    . PHE A 1 107 ? 2.460   5.807   -4.385  1.00 14.70 ? 107 PHE A C    1 
ATOM   855  O  O    . PHE A 1 107 ? 3.389   5.126   -4.838  1.00 14.60 ? 107 PHE A O    1 
ATOM   856  C  CB   . PHE A 1 107 ? 2.747   8.238   -4.358  1.00 15.20 ? 107 PHE A CB   1 
ATOM   857  C  CG   . PHE A 1 107 ? 2.554   9.645   -4.986  1.00 17.10 ? 107 PHE A CG   1 
ATOM   858  C  CD1  . PHE A 1 107 ? 2.375   9.809   -6.345  1.00 17.90 ? 107 PHE A CD1  1 
ATOM   859  C  CD2  . PHE A 1 107 ? 2.597   10.753  -4.174  1.00 17.10 ? 107 PHE A CD2  1 
ATOM   860  C  CE1  . PHE A 1 107 ? 2.259   11.087  -6.910  1.00 19.20 ? 107 PHE A CE1  1 
ATOM   861  C  CE2  . PHE A 1 107 ? 2.486   12.022  -4.718  1.00 18.30 ? 107 PHE A CE2  1 
ATOM   862  C  CZ   . PHE A 1 107 ? 2.327   12.187  -6.079  1.00 18.90 ? 107 PHE A CZ   1 
ATOM   863  N  N    . ILE A 1 108 ? 1.797   5.388   -3.295  1.00 14.20 ? 108 ILE A N    1 
ATOM   864  C  CA   . ILE A 1 108 ? 2.243   4.126   -2.698  1.00 13.80 ? 108 ILE A CA   1 
ATOM   865  C  C    . ILE A 1 108 ? 1.826   2.929   -3.565  1.00 13.90 ? 108 ILE A C    1 
ATOM   866  O  O    . ILE A 1 108 ? 2.525   1.926   -3.616  1.00 13.60 ? 108 ILE A O    1 
ATOM   867  C  CB   . ILE A 1 108 ? 1.738   3.958   -1.232  1.00 14.30 ? 108 ILE A CB   1 
ATOM   868  C  CG1  . ILE A 1 108 ? 2.511   2.825   -0.547  1.00 14.10 ? 108 ILE A CG1  1 
ATOM   869  C  CG2  . ILE A 1 108 ? 0.233   3.714   -1.174  1.00 13.20 ? 108 ILE A CG2  1 
ATOM   870  C  CD1  . ILE A 1 108 ? 2.302   2.722   0.980   1.00 15.90 ? 108 ILE A CD1  1 
ATOM   871  N  N    . SER A 1 109 ? 0.756   3.050   -4.378  1.00 13.70 ? 109 SER A N    1 
ATOM   872  C  CA   . SER A 1 109 ? 0.354   1.923   -5.241  1.00 14.30 ? 109 SER A CA   1 
ATOM   873  C  C    . SER A 1 109 ? 1.497   1.638   -6.236  1.00 14.50 ? 109 SER A C    1 
ATOM   874  O  O    . SER A 1 109 ? 1.829   0.485   -6.531  1.00 14.00 ? 109 SER A O    1 
ATOM   875  C  CB   . SER A 1 109 ? -0.964  2.251   -5.999  1.00 14.40 ? 109 SER A CB   1 
ATOM   876  O  OG   . SER A 1 109 ? -2.089  2.354   -5.071  1.00 15.40 ? 109 SER A OG   1 
ATOM   877  N  N    . GLU A 1 110 ? 2.030   2.746   -6.815  1.00 15.10 ? 110 GLU A N    1 
ATOM   878  C  CA   . GLU A 1 110 ? 3.139   2.710   -7.742  1.00 16.10 ? 110 GLU A CA   1 
ATOM   879  C  C    . GLU A 1 110 ? 4.333   2.078   -7.067  1.00 14.50 ? 110 GLU A C    1 
ATOM   880  O  O    . GLU A 1 110 ? 5.056   1.294   -7.711  1.00 13.60 ? 110 GLU A O    1 
ATOM   881  C  CB   . GLU A 1 110 ? 3.406   4.180   -8.134  1.00 19.50 ? 110 GLU A CB   1 
ATOM   882  C  CG   . GLU A 1 110 ? 4.672   4.432   -8.943  1.00 26.20 ? 110 GLU A CG   1 
ATOM   883  C  CD   . GLU A 1 110 ? 5.103   5.908   -8.763  1.00 30.10 ? 110 GLU A CD   1 
ATOM   884  O  OE1  . GLU A 1 110 ? 4.233   6.816   -8.745  1.00 32.00 ? 110 GLU A OE1  1 
ATOM   885  O  OE2  . GLU A 1 110 ? 6.306   6.142   -8.531  1.00 32.90 ? 110 GLU A OE2  1 
ATOM   886  N  N    . ALA A 1 111 ? 4.605   2.471   -5.814  1.00 12.70 ? 111 ALA A N    1 
ATOM   887  C  CA   . ALA A 1 111 ? 5.730   1.902   -5.107  1.00 13.20 ? 111 ALA A CA   1 
ATOM   888  C  C    . ALA A 1 111 ? 5.546   0.369   -4.905  1.00 13.30 ? 111 ALA A C    1 
ATOM   889  O  O    . ALA A 1 111 ? 6.508   -0.405  -5.009  1.00 13.20 ? 111 ALA A O    1 
ATOM   890  C  CB   . ALA A 1 111 ? 5.895   2.544   -3.717  1.00 12.20 ? 111 ALA A CB   1 
ATOM   891  N  N    . ILE A 1 112 ? 4.323   -0.085  -4.582  1.00 12.80 ? 112 ILE A N    1 
ATOM   892  C  CA   . ILE A 1 112 ? 4.128   -1.518  -4.383  1.00 13.00 ? 112 ILE A CA   1 
ATOM   893  C  C    . ILE A 1 112 ? 4.356   -2.294  -5.686  1.00 13.10 ? 112 ILE A C    1 
ATOM   894  O  O    . ILE A 1 112 ? 5.095   -3.309  -5.762  1.00 12.70 ? 112 ILE A O    1 
ATOM   895  C  CB   . ILE A 1 112 ? 2.704   -1.715  -3.877  1.00 12.80 ? 112 ILE A CB   1 
ATOM   896  C  CG1  . ILE A 1 112 ? 2.561   -1.244  -2.415  1.00 13.80 ? 112 ILE A CG1  1 
ATOM   897  C  CG2  . ILE A 1 112 ? 2.297   -3.178  -4.030  1.00 12.70 ? 112 ILE A CG2  1 
ATOM   898  C  CD1  . ILE A 1 112 ? 1.095   -1.029  -2.056  1.00 13.00 ? 112 ILE A CD1  1 
ATOM   899  N  N    . ILE A 1 113 ? 3.847   -1.736  -6.782  1.00 12.90 ? 113 ILE A N    1 
ATOM   900  C  CA   . ILE A 1 113 ? 4.019   -2.385  -8.071  1.00 13.50 ? 113 ILE A CA   1 
ATOM   901  C  C    . ILE A 1 113 ? 5.492   -2.395  -8.495  1.00 13.80 ? 113 ILE A C    1 
ATOM   902  O  O    . ILE A 1 113 ? 5.931   -3.445  -8.957  1.00 14.30 ? 113 ILE A O    1 
ATOM   903  C  CB   . ILE A 1 113 ? 3.123   -1.674  -9.100  1.00 14.00 ? 113 ILE A CB   1 
ATOM   904  C  CG1  . ILE A 1 113 ? 1.694   -2.162  -8.905  1.00 14.30 ? 113 ILE A CG1  1 
ATOM   905  C  CG2  . ILE A 1 113 ? 3.613   -1.956  -10.531 1.00 14.00 ? 113 ILE A CG2  1 
ATOM   906  C  CD1  . ILE A 1 113 ? 0.703   -1.300  -9.690  1.00 16.60 ? 113 ILE A CD1  1 
ATOM   907  N  N    . HIS A 1 114 ? 6.287   -1.370  -8.176  1.00 13.70 ? 114 HIS A N    1 
ATOM   908  C  CA   . HIS A 1 114 ? 7.698   -1.316  -8.499  1.00 14.80 ? 114 HIS A CA   1 
ATOM   909  C  C    . HIS A 1 114 ? 8.500   -2.403  -7.732  1.00 15.00 ? 114 HIS A C    1 
ATOM   910  O  O    . HIS A 1 114 ? 9.379   -3.147  -8.278  1.00 15.20 ? 114 HIS A O    1 
ATOM   911  C  CB   . HIS A 1 114 ? 8.277   0.023   -8.050  1.00 16.60 ? 114 HIS A CB   1 
ATOM   912  C  CG   . HIS A 1 114 ? 9.799   0.141   -8.236  1.00 19.00 ? 114 HIS A CG   1 
ATOM   913  N  ND1  . HIS A 1 114 ? 10.381  0.549   -9.444  1.00 20.80 ? 114 HIS A ND1  1 
ATOM   914  C  CD2  . HIS A 1 114 ? 10.770  -0.257  -7.328  1.00 20.50 ? 114 HIS A CD2  1 
ATOM   915  C  CE1  . HIS A 1 114 ? 11.697  0.385   -9.284  1.00 20.40 ? 114 HIS A CE1  1 
ATOM   916  N  NE2  . HIS A 1 114 ? 11.940  -0.069  -8.102  1.00 21.60 ? 114 HIS A NE2  1 
ATOM   917  N  N    . VAL A 1 115 ? 8.195   -2.547  -6.446  1.00 13.90 ? 115 VAL A N    1 
ATOM   918  C  CA   . VAL A 1 115 ? 8.944   -3.502  -5.651  1.00 14.20 ? 115 VAL A CA   1 
ATOM   919  C  C    . VAL A 1 115 ? 8.541   -4.912  -6.009  1.00 13.90 ? 115 VAL A C    1 
ATOM   920  O  O    . VAL A 1 115 ? 9.413   -5.793  -6.022  1.00 13.40 ? 115 VAL A O    1 
ATOM   921  C  CB   . VAL A 1 115 ? 8.717   -3.232  -4.110  1.00 14.20 ? 115 VAL A CB   1 
ATOM   922  C  CG1  . VAL A 1 115 ? 9.285   -4.339  -3.196  1.00 13.20 ? 115 VAL A CG1  1 
ATOM   923  C  CG2  . VAL A 1 115 ? 9.362   -1.883  -3.749  1.00 14.20 ? 115 VAL A CG2  1 
ATOM   924  N  N    . LEU A 1 116 ? 7.249   -5.185  -6.310  1.00 13.80 ? 116 LEU A N    1 
ATOM   925  C  CA   . LEU A 1 116 ? 6.915   -6.587  -6.677  1.00 14.20 ? 116 LEU A CA   1 
ATOM   926  C  C    . LEU A 1 116 ? 7.558   -6.899  -7.999  1.00 14.50 ? 116 LEU A C    1 
ATOM   927  O  O    . LEU A 1 116 ? 7.976   -8.020  -8.234  1.00 14.00 ? 116 LEU A O    1 
ATOM   928  C  CB   . LEU A 1 116 ? 5.410   -6.861  -6.843  1.00 14.40 ? 116 LEU A CB   1 
ATOM   929  C  CG   . LEU A 1 116 ? 4.534   -6.565  -5.627  1.00 16.60 ? 116 LEU A CG   1 
ATOM   930  C  CD1  . LEU A 1 116 ? 3.044   -6.809  -5.943  1.00 17.70 ? 116 LEU A CD1  1 
ATOM   931  C  CD2  . LEU A 1 116 ? 4.972   -7.362  -4.436  1.00 17.00 ? 116 LEU A CD2  1 
ATOM   932  N  N    . HIS A 1 117 ? 7.623   -5.894  -8.885  1.00 14.60 ? 117 HIS A N    1 
ATOM   933  C  CA   . HIS A 1 117 ? 8.214   -6.150  -10.147 1.00 15.60 ? 117 HIS A CA   1 
ATOM   934  C  C    . HIS A 1 117 ? 9.669   -6.511  -9.970  1.00 15.60 ? 117 HIS A C    1 
ATOM   935  O  O    . HIS A 1 117 ? 10.185  -7.341  -10.685 1.00 14.40 ? 117 HIS A O    1 
ATOM   936  C  CB   . HIS A 1 117 ? 8.043   -4.938  -11.046 1.00 17.00 ? 117 HIS A CB   1 
ATOM   937  C  CG   . HIS A 1 117 ? 8.660   -5.079  -12.465 1.00 19.40 ? 117 HIS A CG   1 
ATOM   938  N  ND1  . HIS A 1 117 ? 8.008   -5.744  -13.516 1.00 20.80 ? 117 HIS A ND1  1 
ATOM   939  C  CD2  . HIS A 1 117 ? 9.871   -4.499  -12.900 1.00 19.70 ? 117 HIS A CD2  1 
ATOM   940  C  CE1  . HIS A 1 117 ? 8.839   -5.537  -14.593 1.00 21.10 ? 117 HIS A CE1  1 
ATOM   941  N  NE2  . HIS A 1 117 ? 9.893   -4.833  -14.267 1.00 21.10 ? 117 HIS A NE2  1 
ATOM   942  N  N    . SER A 1 118 ? 10.387  -5.799  -9.133  1.00 15.60 ? 118 SER A N    1 
ATOM   943  C  CA   . SER A 1 118 ? 11.796  -6.118  -8.978  1.00 16.20 ? 118 SER A CA   1 
ATOM   944  C  C    . SER A 1 118 ? 12.051  -7.448  -8.290  1.00 15.50 ? 118 SER A C    1 
ATOM   945  O  O    . SER A 1 118 ? 13.013  -8.106  -8.649  1.00 15.40 ? 118 SER A O    1 
ATOM   946  C  CB   . SER A 1 118 ? 12.595  -5.143  -8.088  1.00 16.90 ? 118 SER A CB   1 
ATOM   947  O  OG   . SER A 1 118 ? 12.299  -3.828  -8.422  1.00 22.60 ? 118 SER A OG   1 
ATOM   948  N  N    . ARG A 1 119 ? 11.352  -7.711  -7.190  1.00 14.40 ? 119 ARG A N    1 
ATOM   949  C  CA   . ARG A 1 119 ? 11.621  -8.901  -6.433  1.00 14.80 ? 119 ARG A CA   1 
ATOM   950  C  C    . ARG A 1 119 ? 10.999  -10.196 -6.974  1.00 14.30 ? 119 ARG A C    1 
ATOM   951  O  O    . ARG A 1 119 ? 11.465  -11.265 -6.609  1.00 14.50 ? 119 ARG A O    1 
ATOM   952  C  CB   . ARG A 1 119 ? 11.121  -8.662  -4.984  1.00 15.60 ? 119 ARG A CB   1 
ATOM   953  C  CG   . ARG A 1 119 ? 12.036  -7.734  -4.184  1.00 17.10 ? 119 ARG A CG   1 
ATOM   954  C  CD   . ARG A 1 119 ? 11.467  -7.460  -2.775  1.00 17.80 ? 119 ARG A CD   1 
ATOM   955  N  NE   . ARG A 1 119 ? 11.698  -8.598  -1.913  1.00 19.80 ? 119 ARG A NE   1 
ATOM   956  C  CZ   . ARG A 1 119 ? 12.159  -8.528  -0.634  1.00 20.60 ? 119 ARG A CZ   1 
ATOM   957  N  NH1  . ARG A 1 119 ? 12.419  -7.351  -0.028  1.00 20.60 ? 119 ARG A NH1  1 
ATOM   958  N  NH2  . ARG A 1 119 ? 12.305  -9.687  0.033   1.00 19.90 ? 119 ARG A NH2  1 
ATOM   959  N  N    . HIS A 1 120 ? 9.828   -10.118 -7.652  1.00 13.80 ? 120 HIS A N    1 
ATOM   960  C  CA   . HIS A 1 120 ? 9.106   -11.292 -8.101  1.00 14.00 ? 120 HIS A CA   1 
ATOM   961  C  C    . HIS A 1 120 ? 8.791   -11.295 -9.625  1.00 14.70 ? 120 HIS A C    1 
ATOM   962  O  O    . HIS A 1 120 ? 7.643   -11.578 -10.032 1.00 14.50 ? 120 HIS A O    1 
ATOM   963  C  CB   . HIS A 1 120 ? 7.800   -11.339 -7.321  1.00 13.10 ? 120 HIS A CB   1 
ATOM   964  C  CG   . HIS A 1 120 ? 8.061   -11.378 -5.801  1.00 13.90 ? 120 HIS A CG   1 
ATOM   965  N  ND1  . HIS A 1 120 ? 8.564   -12.508 -5.186  1.00 13.80 ? 120 HIS A ND1  1 
ATOM   966  C  CD2  . HIS A 1 120 ? 7.858   -10.346 -4.874  1.00 13.80 ? 120 HIS A CD2  1 
ATOM   967  C  CE1  . HIS A 1 120 ? 8.641   -12.133 -3.876  1.00 14.30 ? 120 HIS A CE1  1 
ATOM   968  N  NE2  . HIS A 1 120 ? 8.261   -10.911 -3.661  1.00 14.30 ? 120 HIS A NE2  1 
ATOM   969  N  N    . PRO A 1 121 ? 9.813   -11.257 -10.496 1.00 15.70 ? 121 PRO A N    1 
ATOM   970  C  CA   . PRO A 1 121 ? 9.567   -11.100 -11.913 1.00 16.70 ? 121 PRO A CA   1 
ATOM   971  C  C    . PRO A 1 121 ? 8.865   -12.325 -12.455 1.00 17.10 ? 121 PRO A C    1 
ATOM   972  O  O    . PRO A 1 121 ? 7.957   -12.222 -13.273 1.00 17.50 ? 121 PRO A O    1 
ATOM   973  C  CB   . PRO A 1 121 ? 10.955  -10.949 -12.542 1.00 17.50 ? 121 PRO A CB   1 
ATOM   974  C  CG   . PRO A 1 121 ? 11.971  -11.296 -11.475 1.00 16.80 ? 121 PRO A CG   1 
ATOM   975  C  CD   . PRO A 1 121 ? 11.242  -11.121 -10.140 1.00 16.00 ? 121 PRO A CD   1 
ATOM   976  N  N    . GLY A 1 122 ? 9.095   -13.442 -11.804 1.00 17.20 ? 122 GLY A N    1 
ATOM   977  C  CA   . GLY A 1 122 ? 8.492   -14.651 -12.330 1.00 18.00 ? 122 GLY A CA   1 
ATOM   978  C  C    . GLY A 1 122 ? 7.010   -14.757 -12.031 1.00 18.30 ? 122 GLY A C    1 
ATOM   979  O  O    . GLY A 1 122 ? 6.352   -15.672 -12.528 1.00 18.70 ? 122 GLY A O    1 
ATOM   980  N  N    . ASN A 1 123 ? 6.612   -14.200 -10.902 1.00 17.30 ? 123 ASN A N    1 
ATOM   981  C  CA   . ASN A 1 123 ? 5.212   -14.254 -10.546 1.00 17.00 ? 123 ASN A CA   1 
ATOM   982  C  C    . ASN A 1 123 ? 4.553   -12.901 -10.801 1.00 16.80 ? 123 ASN A C    1 
ATOM   983  O  O    . ASN A 1 123 ? 3.557   -12.545 -10.155 1.00 17.20 ? 123 ASN A O    1 
ATOM   984  C  CB   . ASN A 1 123 ? 5.103   -14.630 -9.057  1.00 17.60 ? 123 ASN A CB   1 
ATOM   985  C  CG   . ASN A 1 123 ? 5.525   -16.101 -8.855  1.00 19.10 ? 123 ASN A CG   1 
ATOM   986  O  OD1  . ASN A 1 123 ? 5.074   -16.975 -9.613  1.00 21.20 ? 123 ASN A OD1  1 
ATOM   987  N  ND2  . ASN A 1 123 ? 6.492   -16.433 -7.972  1.00 18.10 ? 123 ASN A ND2  1 
ATOM   988  D  DD21 . ASN A 1 123 ? 7.385   -16.646 -8.317  1.00 0.00  ? 123 ASN A DD21 1 
ATOM   989  D  DD22 . ASN A 1 123 ? 6.283   -16.383 -7.018  1.00 0.00  ? 123 ASN A DD22 1 
ATOM   990  N  N    . PHE A 1 124 ? 5.211   -11.984 -11.500 1.00 15.70 ? 124 PHE A N    1 
ATOM   991  C  CA   . PHE A 1 124 ? 4.567   -10.684 -11.701 1.00 14.60 ? 124 PHE A CA   1 
ATOM   992  C  C    . PHE A 1 124 ? 4.673   -10.187 -13.141 1.00 15.00 ? 124 PHE A C    1 
ATOM   993  O  O    . PHE A 1 124 ? 5.418   -9.239  -13.415 1.00 14.70 ? 124 PHE A O    1 
ATOM   994  C  CB   . PHE A 1 124 ? 5.187   -9.665  -10.779 1.00 13.80 ? 124 PHE A CB   1 
ATOM   995  C  CG   . PHE A 1 124 ? 4.257   -8.502  -10.462 1.00 13.80 ? 124 PHE A CG   1 
ATOM   996  C  CD1  . PHE A 1 124 ? 3.110   -8.704  -9.720  1.00 13.60 ? 124 PHE A CD1  1 
ATOM   997  C  CD2  . PHE A 1 124 ? 4.637   -7.214  -10.827 1.00 14.40 ? 124 PHE A CD2  1 
ATOM   998  C  CE1  . PHE A 1 124 ? 2.359   -7.623  -9.328  1.00 13.90 ? 124 PHE A CE1  1 
ATOM   999  C  CE2  . PHE A 1 124 ? 3.870   -6.150  -10.418 1.00 14.20 ? 124 PHE A CE2  1 
ATOM   1000 C  CZ   . PHE A 1 124 ? 2.743   -6.361  -9.678  1.00 13.70 ? 124 PHE A CZ   1 
ATOM   1001 N  N    . GLY A 1 125 ? 4.367   -11.097 -14.082 1.00 14.60 ? 125 GLY A N    1 
ATOM   1002 C  CA   . GLY A 1 125 ? 4.354   -10.764 -15.494 1.00 14.30 ? 125 GLY A CA   1 
ATOM   1003 C  C    . GLY A 1 125 ? 3.224   -9.761  -15.725 1.00 14.60 ? 125 GLY A C    1 
ATOM   1004 O  O    . GLY A 1 125 ? 2.583   -9.261  -14.789 1.00 13.40 ? 125 GLY A O    1 
ATOM   1005 N  N    . ALA A 1 126 ? 2.939   -9.479  -16.995 1.00 14.60 ? 126 ALA A N    1 
ATOM   1006 C  CA   . ALA A 1 126 ? 1.979   -8.449  -17.349 1.00 14.60 ? 126 ALA A CA   1 
ATOM   1007 C  C    . ALA A 1 126 ? 0.590   -8.733  -16.828 1.00 14.60 ? 126 ALA A C    1 
ATOM   1008 O  O    . ALA A 1 126 ? -0.062  -7.834  -16.301 1.00 14.10 ? 126 ALA A O    1 
ATOM   1009 C  CB   . ALA A 1 126 ? 1.903   -8.349  -18.886 1.00 14.70 ? 126 ALA A CB   1 
ATOM   1010 N  N    . ASP A 1 127 ? 0.108   -9.970  -17.015 1.00 14.80 ? 127 ASP A N    1 
ATOM   1011 C  CA   . ASP A 1 127 ? -1.231  -10.252 -16.543 1.00 15.60 ? 127 ASP A CA   1 
ATOM   1012 C  C    . ASP A 1 127 ? -1.306  -10.136 -15.027 1.00 14.90 ? 127 ASP A C    1 
ATOM   1013 O  O    . ASP A 1 127 ? -2.268  -9.602  -14.508 1.00 14.00 ? 127 ASP A O    1 
ATOM   1014 C  CB   . ASP A 1 127 ? -1.711  -11.633 -16.957 1.00 17.80 ? 127 ASP A CB   1 
ATOM   1015 C  CG   . ASP A 1 127 ? -2.047  -11.798 -18.472 1.00 19.90 ? 127 ASP A CG   1 
ATOM   1016 O  OD1  . ASP A 1 127 ? -2.172  -10.825 -19.188 1.00 21.10 ? 127 ASP A OD1  1 
ATOM   1017 O  OD2  . ASP A 1 127 ? -1.722  -12.868 -18.968 1.00 22.70 ? 127 ASP A OD2  1 
ATOM   1018 N  N    . ALA A 1 128 ? -0.303  -10.606 -14.285 1.00 14.50 ? 128 ALA A N    1 
ATOM   1019 C  CA   . ALA A 1 128 ? -0.395  -10.487 -12.825 1.00 14.00 ? 128 ALA A CA   1 
ATOM   1020 C  C    . ALA A 1 128 ? -0.276  -9.029  -12.370 1.00 14.00 ? 128 ALA A C    1 
ATOM   1021 O  O    . ALA A 1 128 ? -0.927  -8.603  -11.399 1.00 14.20 ? 128 ALA A O    1 
ATOM   1022 C  CB   . ALA A 1 128 ? 0.764   -11.312 -12.214 1.00 14.40 ? 128 ALA A CB   1 
ATOM   1023 N  N    . GLN A 1 129 ? 0.494   -8.191  -13.089 1.00 13.30 ? 129 GLN A N    1 
ATOM   1024 C  CA   . GLN A 1 129 ? 0.611   -6.789  -12.703 1.00 13.60 ? 129 GLN A CA   1 
ATOM   1025 C  C    . GLN A 1 129 ? -0.724  -6.104  -12.986 1.00 13.40 ? 129 GLN A C    1 
ATOM   1026 O  O    . GLN A 1 129 ? -1.100  -5.139  -12.318 1.00 13.40 ? 129 GLN A O    1 
ATOM   1027 C  CB   . GLN A 1 129 ? 1.749   -6.087  -13.502 1.00 13.80 ? 129 GLN A CB   1 
ATOM   1028 C  CG   . GLN A 1 129 ? 1.806   -4.579  -13.259 1.00 14.80 ? 129 GLN A CG   1 
ATOM   1029 C  CD   . GLN A 1 129 ? 3.080   -3.882  -13.783 1.00 15.30 ? 129 GLN A CD   1 
ATOM   1030 O  OE1  . GLN A 1 129 ? 4.118   -4.493  -14.023 1.00 16.70 ? 129 GLN A OE1  1 
ATOM   1031 N  NE2  . GLN A 1 129 ? 3.017   -2.585  -14.037 1.00 16.40 ? 129 GLN A NE2  1 
ATOM   1032 N  N    . GLY A 1 130 ? -1.348  -6.463  -14.118 1.00 13.00 ? 130 GLY A N    1 
ATOM   1033 C  CA   . GLY A 1 130 ? -2.659  -5.885  -14.447 1.00 12.60 ? 130 GLY A CA   1 
ATOM   1034 C  C    . GLY A 1 130 ? -3.682  -6.255  -13.355 1.00 12.80 ? 130 GLY A C    1 
ATOM   1035 O  O    . GLY A 1 130 ? -4.498  -5.408  -12.946 1.00 12.70 ? 130 GLY A O    1 
ATOM   1036 N  N    . ALA A 1 131 ? -3.642  -7.490  -12.831 1.00 12.60 ? 131 ALA A N    1 
ATOM   1037 C  CA   . ALA A 1 131 ? -4.593  -7.835  -11.786 1.00 13.60 ? 131 ALA A CA   1 
ATOM   1038 C  C    . ALA A 1 131 ? -4.289  -7.077  -10.467 1.00 13.40 ? 131 ALA A C    1 
ATOM   1039 O  O    . ALA A 1 131 ? -5.202  -6.595  -9.766  1.00 12.60 ? 131 ALA A O    1 
ATOM   1040 C  CB   . ALA A 1 131 ? -4.525  -9.318  -11.461 1.00 13.20 ? 131 ALA A CB   1 
ATOM   1041 N  N    . MET A 1 132 ? -2.992  -6.928  -10.134 1.00 13.90 ? 132 MET A N    1 
ATOM   1042 C  CA   . MET A 1 132 ? -2.630  -6.168  -8.921  1.00 14.00 ? 132 MET A CA   1 
ATOM   1043 C  C    . MET A 1 132 ? -3.042  -4.691  -9.053  1.00 13.60 ? 132 MET A C    1 
ATOM   1044 O  O    . MET A 1 132 ? -3.477  -4.019  -8.112  1.00 12.10 ? 132 MET A O    1 
ATOM   1045 C  CB   . MET A 1 132 ? -1.111  -6.277  -8.691  1.00 14.40 ? 132 MET A CB   1 
ATOM   1046 C  CG   . MET A 1 132 ? -0.673  -5.615  -7.371  1.00 16.50 ? 132 MET A CG   1 
ATOM   1047 S  SD   . MET A 1 132 ? -1.503  -6.277  -5.876  1.00 18.10 ? 132 MET A SD   1 
ATOM   1048 C  CE   . MET A 1 132 ? -0.509  -7.681  -5.712  1.00 17.40 ? 132 MET A CE   1 
ATOM   1049 N  N    . ASN A 1 133 ? -2.791  -4.116  -10.255 1.00 13.90 ? 133 ASN A N    1 
ATOM   1050 C  CA   . ASN A 1 133 ? -3.200  -2.739  -10.473 1.00 14.10 ? 133 ASN A CA   1 
ATOM   1051 C  C    . ASN A 1 133 ? -4.719  -2.614  -10.320 1.00 14.10 ? 133 ASN A C    1 
ATOM   1052 O  O    . ASN A 1 133 ? -5.223  -1.633  -9.740  1.00 13.90 ? 133 ASN A O    1 
ATOM   1053 C  CB   . ASN A 1 133 ? -2.799  -2.304  -11.874 1.00 14.80 ? 133 ASN A CB   1 
ATOM   1054 C  CG   . ASN A 1 133 ? -3.335  -0.929  -12.142 1.00 15.80 ? 133 ASN A CG   1 
ATOM   1055 O  OD1  . ASN A 1 133 ? -3.025  0.010   -11.442 1.00 16.80 ? 133 ASN A OD1  1 
ATOM   1056 N  ND2  . ASN A 1 133 ? -4.185  -0.788  -13.128 1.00 17.00 ? 133 ASN A ND2  1 
ATOM   1057 D  DD21 . ASN A 1 133 ? -5.142  -0.833  -12.926 1.00 0.00  ? 133 ASN A DD21 1 
ATOM   1058 D  DD22 . ASN A 1 133 ? -3.830  -0.624  -14.025 1.00 0.00  ? 133 ASN A DD22 1 
ATOM   1059 N  N    . LYS A 1 134 ? -5.486  -3.581  -10.831 1.00 14.10 ? 134 LYS A N    1 
ATOM   1060 C  CA   . LYS A 1 134 ? -6.934  -3.523  -10.684 1.00 15.30 ? 134 LYS A CA   1 
ATOM   1061 C  C    . LYS A 1 134 ? -7.362  -3.616  -9.206  1.00 14.90 ? 134 LYS A C    1 
ATOM   1062 O  O    . LYS A 1 134 ? -8.325  -2.928  -8.746  1.00 13.90 ? 134 LYS A O    1 
ATOM   1063 C  CB   . LYS A 1 134 ? -7.507  -4.708  -11.406 1.00 17.60 ? 134 LYS A CB   1 
ATOM   1064 C  CG   . LYS A 1 134 ? -8.922  -4.491  -11.889 1.00 21.10 ? 134 LYS A CG   1 
ATOM   1065 C  CD   . LYS A 1 134 ? -9.246  -5.470  -13.032 1.00 24.20 ? 134 LYS A CD   1 
ATOM   1066 C  CE   . LYS A 1 134 ? -10.766 -5.741  -12.972 1.00 26.40 ? 134 LYS A CE   1 
ATOM   1067 N  NZ   . LYS A 1 134 ? -11.221 -6.616  -14.058 1.00 28.10 ? 134 LYS A NZ   1 
ATOM   1068 N  N    . ALA A 1 135 ? -6.623  -4.461  -8.436  1.00 14.00 ? 135 ALA A N    1 
ATOM   1069 C  CA   . ALA A 1 135 ? -6.960  -4.625  -7.015  1.00 14.30 ? 135 ALA A CA   1 
ATOM   1070 C  C    . ALA A 1 135 ? -6.641  -3.369  -6.218  1.00 14.60 ? 135 ALA A C    1 
ATOM   1071 O  O    . ALA A 1 135 ? -7.473  -2.892  -5.424  1.00 14.90 ? 135 ALA A O    1 
ATOM   1072 C  CB   . ALA A 1 135 ? -6.180  -5.739  -6.361  1.00 13.60 ? 135 ALA A CB   1 
ATOM   1073 N  N    . LEU A 1 136 ? -5.594  -2.635  -6.610  1.00 14.70 ? 136 LEU A N    1 
ATOM   1074 C  CA   . LEU A 1 136 ? -5.282  -1.425  -5.858  1.00 15.20 ? 136 LEU A CA   1 
ATOM   1075 C  C    . LEU A 1 136 ? -6.240  -0.290  -6.302  1.00 16.00 ? 136 LEU A C    1 
ATOM   1076 O  O    . LEU A 1 136 ? -6.368  0.690   -5.556  1.00 16.20 ? 136 LEU A O    1 
ATOM   1077 C  CB   . LEU A 1 136 ? -3.809  -1.089  -6.100  1.00 15.40 ? 136 LEU A CB   1 
ATOM   1078 C  CG   . LEU A 1 136 ? -2.804  -2.067  -5.479  1.00 16.20 ? 136 LEU A CG   1 
ATOM   1079 C  CD1  . LEU A 1 136 ? -1.367  -1.748  -5.921  1.00 16.80 ? 136 LEU A CD1  1 
ATOM   1080 C  CD2  . LEU A 1 136 ? -2.945  -2.028  -3.963  1.00 15.60 ? 136 LEU A CD2  1 
ATOM   1081 N  N    . GLU A 1 137 ? -6.582  -0.218  -7.642  1.00 16.40 ? 137 GLU A N    1 
ATOM   1082 C  CA   . GLU A 1 137 ? -7.530  0.797   -8.118  1.00 17.10 ? 137 GLU A CA   1 
ATOM   1083 C  C    . GLU A 1 137 ? -8.855  0.643   -7.361  1.00 16.70 ? 137 GLU A C    1 
ATOM   1084 O  O    . GLU A 1 137 ? -9.502  1.646   -7.032  1.00 16.20 ? 137 GLU A O    1 
ATOM   1085 C  CB   . GLU A 1 137 ? -7.819  0.651   -9.604  1.00 18.70 ? 137 GLU A CB   1 
ATOM   1086 C  CG   . GLU A 1 137 ? -6.619  1.179   -10.384 1.00 24.00 ? 137 GLU A CG   1 
ATOM   1087 C  CD   . GLU A 1 137 ? -6.777  1.138   -11.908 1.00 26.50 ? 137 GLU A CD   1 
ATOM   1088 O  OE1  . GLU A 1 137 ? -7.948  0.892   -12.307 1.00 29.10 ? 137 GLU A OE1  1 
ATOM   1089 O  OE2  . GLU A 1 137 ? -5.938  1.757   -12.628 1.00 27.90 ? 137 GLU A OE2  1 
ATOM   1090 N  N    . LEU A 1 138 ? -9.274  -0.643  -7.148  1.00 16.10 ? 138 LEU A N    1 
ATOM   1091 C  CA   . LEU A 1 138 ? -10.505 -0.930  -6.442  1.00 16.00 ? 138 LEU A CA   1 
ATOM   1092 C  C    . LEU A 1 138 ? -10.376 -0.367  -5.022  1.00 15.50 ? 138 LEU A C    1 
ATOM   1093 O  O    . LEU A 1 138 ? -11.263 0.349   -4.533  1.00 15.00 ? 138 LEU A O    1 
ATOM   1094 C  CB   . LEU A 1 138 ? -10.753 -2.445  -6.383  1.00 16.90 ? 138 LEU A CB   1 
ATOM   1095 C  CG   . LEU A 1 138 ? -12.000 -2.823  -5.553  1.00 18.00 ? 138 LEU A CG   1 
ATOM   1096 C  CD1  . LEU A 1 138 ? -13.222 -2.073  -6.121  1.00 18.90 ? 138 LEU A CD1  1 
ATOM   1097 C  CD2  . LEU A 1 138 ? -12.192 -4.341  -5.400  1.00 18.50 ? 138 LEU A CD2  1 
ATOM   1098 N  N    . PHE A 1 139 ? -9.256  -0.686  -4.361  1.00 14.80 ? 139 PHE A N    1 
ATOM   1099 C  CA   . PHE A 1 139 ? -9.012  -0.173  -3.024  1.00 15.10 ? 139 PHE A CA   1 
ATOM   1100 C  C    . PHE A 1 139 ? -9.092  1.389   -2.990  1.00 14.70 ? 139 PHE A C    1 
ATOM   1101 O  O    . PHE A 1 139 ? -9.735  1.976   -2.127  1.00 14.40 ? 139 PHE A O    1 
ATOM   1102 C  CB   . PHE A 1 139 ? -7.624  -0.659  -2.614  1.00 16.10 ? 139 PHE A CB   1 
ATOM   1103 C  CG   . PHE A 1 139 ? -7.065  -0.025  -1.366  1.00 17.40 ? 139 PHE A CG   1 
ATOM   1104 C  CD1  . PHE A 1 139 ? -7.598  -0.336  -0.119  1.00 17.60 ? 139 PHE A CD1  1 
ATOM   1105 C  CD2  . PHE A 1 139 ? -6.017  0.879   -1.507  1.00 18.20 ? 139 PHE A CD2  1 
ATOM   1106 C  CE1  . PHE A 1 139 ? -7.064  0.285   0.983   1.00 18.50 ? 139 PHE A CE1  1 
ATOM   1107 C  CE2  . PHE A 1 139 ? -5.499  1.490   -0.373  1.00 19.60 ? 139 PHE A CE2  1 
ATOM   1108 C  CZ   . PHE A 1 139 ? -6.024  1.184   0.874   1.00 18.50 ? 139 PHE A CZ   1 
ATOM   1109 N  N    . ARG A 1 140 ? -8.426  2.074   -3.914  1.00 14.60 ? 140 ARG A N    1 
ATOM   1110 C  CA   . ARG A 1 140 ? -8.443  3.547   -3.939  1.00 15.60 ? 140 ARG A CA   1 
ATOM   1111 C  C    . ARG A 1 140 ? -9.827  4.111   -4.237  1.00 16.40 ? 140 ARG A C    1 
ATOM   1112 O  O    . ARG A 1 140 ? -10.219 5.148   -3.707  1.00 16.40 ? 140 ARG A O    1 
ATOM   1113 C  CB   . ARG A 1 140 ? -7.457  4.107   -4.977  1.00 16.00 ? 140 ARG A CB   1 
ATOM   1114 C  CG   . ARG A 1 140 ? -6.019  3.765   -4.623  1.00 16.30 ? 140 ARG A CG   1 
ATOM   1115 C  CD   . ARG A 1 140 ? -4.989  4.640   -5.341  1.00 16.80 ? 140 ARG A CD   1 
ATOM   1116 N  NE   . ARG A 1 140 ? -5.186  4.698   -6.780  1.00 17.60 ? 140 ARG A NE   1 
ATOM   1117 C  CZ   . ARG A 1 140 ? -4.733  3.728   -7.606  1.00 17.30 ? 140 ARG A CZ   1 
ATOM   1118 N  NH1  . ARG A 1 140 ? -3.872  2.789   -7.219  1.00 16.40 ? 140 ARG A NH1  1 
ATOM   1119 N  NH2  . ARG A 1 140 ? -4.962  3.897   -8.904  1.00 17.40 ? 140 ARG A NH2  1 
ATOM   1120 N  N    . LYS A 1 141 ? -10.594 3.484   -5.141  1.00 17.40 ? 141 LYS A N    1 
ATOM   1121 C  CA   . LYS A 1 141 ? -11.933 3.967   -5.419  1.00 18.50 ? 141 LYS A CA   1 
ATOM   1122 C  C    . LYS A 1 141 ? -12.863 3.827   -4.182  1.00 18.50 ? 141 LYS A C    1 
ATOM   1123 O  O    . LYS A 1 141 ? -13.665 4.705   -3.884  1.00 17.80 ? 141 LYS A O    1 
ATOM   1124 C  CB   . LYS A 1 141 ? -12.512 3.126   -6.538  1.00 20.80 ? 141 LYS A CB   1 
ATOM   1125 C  CG   . LYS A 1 141 ? -13.967 3.539   -6.781  1.00 24.40 ? 141 LYS A CG   1 
ATOM   1126 C  CD   . LYS A 1 141 ? -14.497 3.037   -8.122  1.00 27.40 ? 141 LYS A CD   1 
ATOM   1127 C  CE   . LYS A 1 141 ? -15.540 1.979   -7.796  1.00 29.50 ? 141 LYS A CE   1 
ATOM   1128 N  NZ   . LYS A 1 141 ? -14.890 0.844   -7.109  1.00 30.60 ? 141 LYS A NZ   1 
ATOM   1129 N  N    . ASP A 1 142 ? -12.794 2.702   -3.477  1.00 17.80 ? 142 ASP A N    1 
ATOM   1130 C  CA   . ASP A 1 142 ? -13.626 2.450   -2.290  1.00 18.70 ? 142 ASP A CA   1 
ATOM   1131 C  C    . ASP A 1 142 ? -13.214 3.330   -1.124  1.00 18.30 ? 142 ASP A C    1 
ATOM   1132 O  O    . ASP A 1 142 ? -14.067 3.922   -0.459  1.00 17.90 ? 142 ASP A O    1 
ATOM   1133 C  CB   . ASP A 1 142 ? -13.592 0.968   -1.855  1.00 18.90 ? 142 ASP A CB   1 
ATOM   1134 C  CG   . ASP A 1 142 ? -14.589 0.165   -2.699  1.00 19.90 ? 142 ASP A CG   1 
ATOM   1135 O  OD1  . ASP A 1 142 ? -15.203 0.785   -3.594  1.00 21.40 ? 142 ASP A OD1  1 
ATOM   1136 O  OD2  . ASP A 1 142 ? -14.679 -1.055  -2.583  1.00 20.00 ? 142 ASP A OD2  1 
ATOM   1137 N  N    . ILE A 1 143 ? -11.920 3.656   -1.060  1.00 17.90 ? 143 ILE A N    1 
ATOM   1138 C  CA   . ILE A 1 143 ? -11.445 4.550   -0.001  1.00 18.00 ? 143 ILE A CA   1 
ATOM   1139 C  C    . ILE A 1 143 ? -11.871 5.952   -0.376  1.00 17.10 ? 143 ILE A C    1 
ATOM   1140 O  O    . ILE A 1 143 ? -12.216 6.716   0.519   1.00 17.30 ? 143 ILE A O    1 
ATOM   1141 C  CB   . ILE A 1 143 ? -9.905  4.521   0.107   1.00 19.00 ? 143 ILE A CB   1 
ATOM   1142 C  CG1  . ILE A 1 143 ? -9.449  3.392   0.991   1.00 20.20 ? 143 ILE A CG1  1 
ATOM   1143 C  CG2  . ILE A 1 143 ? -9.366  5.855   0.627   1.00 20.50 ? 143 ILE A CG2  1 
ATOM   1144 C  CD1  . ILE A 1 143 ? -9.675  3.731   2.478   1.00 20.90 ? 143 ILE A CD1  1 
ATOM   1145 N  N    . ALA A 1 144 ? -11.791 6.329   -1.676  1.00 16.00 ? 144 ALA A N    1 
ATOM   1146 C  CA   . ALA A 1 144 ? -12.187 7.694   -2.060  1.00 15.50 ? 144 ALA A CA   1 
ATOM   1147 C  C    . ALA A 1 144 ? -13.659 7.953   -1.714  1.00 15.70 ? 144 ALA A C    1 
ATOM   1148 O  O    . ALA A 1 144 ? -14.048 9.020   -1.260  1.00 15.10 ? 144 ALA A O    1 
ATOM   1149 C  CB   . ALA A 1 144 ? -12.036 7.912   -3.589  1.00 15.00 ? 144 ALA A CB   1 
ATOM   1150 N  N    . ALA A 1 145 ? -14.517 6.965   -1.941  1.00 16.10 ? 145 ALA A N    1 
ATOM   1151 C  CA   . ALA A 1 145 ? -15.916 7.109   -1.672  1.00 16.60 ? 145 ALA A CA   1 
ATOM   1152 C  C    . ALA A 1 145 ? -16.124 7.276   -0.177  1.00 17.50 ? 145 ALA A C    1 
ATOM   1153 O  O    . ALA A 1 145 ? -16.965 8.059   0.240   1.00 16.70 ? 145 ALA A O    1 
ATOM   1154 C  CB   . ALA A 1 145 ? -16.616 5.839   -2.133  1.00 16.50 ? 145 ALA A CB   1 
ATOM   1155 N  N    . LYS A 1 146 ? -15.386 6.535   0.639   1.00 17.70 ? 146 LYS A N    1 
ATOM   1156 C  CA   . LYS A 1 146 ? -15.579 6.727   2.053   1.00 19.00 ? 146 LYS A CA   1 
ATOM   1157 C  C    . LYS A 1 146 ? -15.059 8.110   2.464   1.00 18.30 ? 146 LYS A C    1 
ATOM   1158 O  O    . LYS A 1 146 ? -15.619 8.738   3.344   1.00 18.20 ? 146 LYS A O    1 
ATOM   1159 C  CB   . LYS A 1 146 ? -14.848 5.638   2.845   1.00 20.70 ? 146 LYS A CB   1 
ATOM   1160 C  CG   . LYS A 1 146 ? -15.398 4.252   2.506   1.00 24.20 ? 146 LYS A CG   1 
ATOM   1161 C  CD   . LYS A 1 146 ? -16.048 4.181   1.081   1.00 26.20 ? 146 LYS A CD   1 
ATOM   1162 C  CE   . LYS A 1 146 ? -16.193 2.701   0.654   1.00 26.80 ? 146 LYS A CE   1 
ATOM   1163 N  NZ   . LYS A 1 146 ? -16.803 2.600   -0.655  1.00 28.20 ? 146 LYS A NZ   1 
ATOM   1164 N  N    . TYR A 1 147 ? -13.962 8.577   1.907   1.00 17.70 ? 147 TYR A N    1 
ATOM   1165 C  CA   . TYR A 1 147 ? -13.463 9.875   2.287   1.00 18.50 ? 147 TYR A CA   1 
ATOM   1166 C  C    . TYR A 1 147 ? -14.589 10.903  2.159   1.00 19.20 ? 147 TYR A C    1 
ATOM   1167 O  O    . TYR A 1 147 ? -14.741 11.820  2.982   1.00 18.90 ? 147 TYR A O    1 
ATOM   1168 C  CB   . TYR A 1 147 ? -12.332 10.288  1.344   1.00 18.10 ? 147 TYR A CB   1 
ATOM   1169 C  CG   . TYR A 1 147 ? -10.895 9.907   1.763   1.00 18.60 ? 147 TYR A CG   1 
ATOM   1170 C  CD1  . TYR A 1 147 ? -10.601 8.964   2.768   1.00 17.50 ? 147 TYR A CD1  1 
ATOM   1171 C  CD2  . TYR A 1 147 ? -9.855  10.544  1.094   1.00 18.90 ? 147 TYR A CD2  1 
ATOM   1172 C  CE1  . TYR A 1 147 ? -9.295  8.712   3.142   1.00 17.50 ? 147 TYR A CE1  1 
ATOM   1173 C  CE2  . TYR A 1 147 ? -8.536  10.235  1.439   1.00 18.80 ? 147 TYR A CE2  1 
ATOM   1174 C  CZ   . TYR A 1 147 ? -8.268  9.363   2.475   1.00 18.30 ? 147 TYR A CZ   1 
ATOM   1175 O  OH   . TYR A 1 147 ? -6.940  9.226   2.874   1.00 18.30 ? 147 TYR A OH   1 
ATOM   1176 N  N    . LYS A 1 148 ? -15.266 10.846  1.012   1.00 20.20 ? 148 LYS A N    1 
ATOM   1177 C  CA   . LYS A 1 148 ? -16.375 11.747  0.701   1.00 21.50 ? 148 LYS A CA   1 
ATOM   1178 C  C    . LYS A 1 148 ? -17.482 11.681  1.747   1.00 21.10 ? 148 LYS A C    1 
ATOM   1179 O  O    . LYS A 1 148 ? -17.905 12.716  2.277   1.00 21.30 ? 148 LYS A O    1 
ATOM   1180 C  CB   . LYS A 1 148 ? -16.927 11.392  -0.678  1.00 23.10 ? 148 LYS A CB   1 
ATOM   1181 C  CG   . LYS A 1 148 ? -17.993 12.372  -1.087  1.00 25.90 ? 148 LYS A CG   1 
ATOM   1182 C  CD   . LYS A 1 148 ? -17.661 12.752  -2.493  1.00 28.70 ? 148 LYS A CD   1 
ATOM   1183 C  CE   . LYS A 1 148 ? -18.222 14.153  -2.806  1.00 30.20 ? 148 LYS A CE   1 
ATOM   1184 N  NZ   . LYS A 1 148 ? -18.706 14.802  -1.598  1.00 32.00 ? 148 LYS A NZ   1 
ATOM   1185 N  N    . GLU A 1 149 ? -17.830 10.461  2.168   1.00 21.20 ? 149 GLU A N    1 
ATOM   1186 C  CA   . GLU A 1 149 ? -18.851 10.260  3.191   1.00 21.70 ? 149 GLU A CA   1 
ATOM   1187 C  C    . GLU A 1 149 ? -18.400 10.820  4.535   1.00 20.80 ? 149 GLU A C    1 
ATOM   1188 O  O    . GLU A 1 149 ? -19.203 11.417  5.238   1.00 20.20 ? 149 GLU A O    1 
ATOM   1189 C  CB   . GLU A 1 149 ? -19.132 8.778   3.441   1.00 22.80 ? 149 GLU A CB   1 
ATOM   1190 C  CG   . GLU A 1 149 ? -20.240 8.211   2.581   1.00 26.10 ? 149 GLU A CG   1 
ATOM   1191 C  CD   . GLU A 1 149 ? -20.251 6.684   2.500   1.00 27.60 ? 149 GLU A CD   1 
ATOM   1192 O  OE1  . GLU A 1 149 ? -20.062 6.044   3.508   1.00 28.60 ? 149 GLU A OE1  1 
ATOM   1193 O  OE2  . GLU A 1 149 ? -19.942 6.174   1.424   1.00 30.40 ? 149 GLU A OE2  1 
ATOM   1194 N  N    . LEU A 1 150 ? -17.086 10.906  4.737   1.00 20.20 ? 150 LEU A N    1 
ATOM   1195 C  CA   . LEU A 1 150 ? -16.560 11.357  5.978   1.00 20.70 ? 150 LEU A CA   1 
ATOM   1196 C  C    . LEU A 1 150 ? -16.344 12.862  6.002   1.00 22.10 ? 150 LEU A C    1 
ATOM   1197 O  O    . LEU A 1 150 ? -15.898 13.422  7.031   1.00 22.20 ? 150 LEU A O    1 
ATOM   1198 C  CB   . LEU A 1 150 ? -15.262 10.607  6.294   1.00 20.80 ? 150 LEU A CB   1 
ATOM   1199 C  CG   . LEU A 1 150 ? -15.384 9.116   6.619   1.00 20.40 ? 150 LEU A CG   1 
ATOM   1200 C  CD1  . LEU A 1 150 ? -14.019 8.435   6.691   1.00 20.60 ? 150 LEU A CD1  1 
ATOM   1201 C  CD2  . LEU A 1 150 ? -16.115 8.919   7.925   1.00 21.30 ? 150 LEU A CD2  1 
ATOM   1202 N  N    . GLY A 1 151 ? -16.400 13.471  4.820   1.00 22.80 ? 151 GLY A N    1 
ATOM   1203 C  CA   . GLY A 1 151 ? -16.280 14.893  4.687   1.00 24.60 ? 151 GLY A CA   1 
ATOM   1204 C  C    . GLY A 1 151 ? -14.929 15.367  4.225   1.00 26.50 ? 151 GLY A C    1 
ATOM   1205 O  O    . GLY A 1 151 ? -14.597 16.533  4.413   1.00 26.50 ? 151 GLY A O    1 
ATOM   1206 N  N    . TYR A 1 152 ? -14.085 14.530  3.656   1.00 28.10 ? 152 TYR A N    1 
ATOM   1207 C  CA   . TYR A 1 152 ? -12.801 15.038  3.296   1.00 30.80 ? 152 TYR A CA   1 
ATOM   1208 C  C    . TYR A 1 152 ? -12.555 14.876  1.816   1.00 33.10 ? 152 TYR A C    1 
ATOM   1209 O  O    . TYR A 1 152 ? -12.179 15.805  1.125   1.00 33.00 ? 152 TYR A O    1 
ATOM   1210 C  CB   . TYR A 1 152 ? -11.755 14.256  4.076   1.00 30.70 ? 152 TYR A CB   1 
ATOM   1211 C  CG   . TYR A 1 152 ? -10.306 14.397  3.589   1.00 31.20 ? 152 TYR A CG   1 
ATOM   1212 C  CD1  . TYR A 1 152 ? -9.553  15.503  3.957   1.00 31.50 ? 152 TYR A CD1  1 
ATOM   1213 C  CD2  . TYR A 1 152 ? -9.682  13.374  2.890   1.00 31.90 ? 152 TYR A CD2  1 
ATOM   1214 C  CE1  . TYR A 1 152 ? -8.205  15.578  3.631   1.00 31.70 ? 152 TYR A CE1  1 
ATOM   1215 C  CE2  . TYR A 1 152 ? -8.335  13.442  2.566   1.00 31.60 ? 152 TYR A CE2  1 
ATOM   1216 C  CZ   . TYR A 1 152 ? -7.602  14.550  2.938   1.00 31.80 ? 152 TYR A CZ   1 
ATOM   1217 O  OH   . TYR A 1 152 ? -6.232  14.607  2.663   1.00 31.60 ? 152 TYR A OH   1 
ATOM   1218 N  N    . GLN A 1 153 ? -12.947 13.756  1.251   1.00 36.20 ? 153 GLN A N    1 
ATOM   1219 C  CA   . GLN A 1 153 ? -12.664 13.541  -0.183  1.00 40.10 ? 153 GLN A CA   1 
ATOM   1220 C  C    . GLN A 1 153 ? -11.408 14.303  -0.706  1.00 41.40 ? 153 GLN A C    1 
ATOM   1221 O  O    . GLN A 1 153 ? -11.527 15.506  -0.962  1.00 42.20 ? 153 GLN A O    1 
ATOM   1222 C  CB   . GLN A 1 153 ? -13.889 13.922  -1.027  1.00 40.50 ? 153 GLN A CB   1 
ATOM   1223 C  CG   . GLN A 1 153 ? -13.681 13.612  -2.499  1.00 42.30 ? 153 GLN A CG   1 
ATOM   1224 C  CD   . GLN A 1 153 ? -12.779 12.390  -2.740  1.00 43.10 ? 153 GLN A CD   1 
ATOM   1225 O  OE1  . GLN A 1 153 ? -12.755 11.403  -2.006  1.00 42.60 ? 153 GLN A OE1  1 
ATOM   1226 N  NE2  . GLN A 1 153 ? -11.997 12.458  -3.812  1.00 43.90 ? 153 GLN A NE2  1 
ATOM   1227 N  N    . GLY A 1 154 ? -10.202 13.859  -0.316  1.00 42.70 ? 154 GLY A N    1 
ATOM   1228 C  CA   . GLY A 1 154 ? -8.982  14.501  -0.790  1.00 43.90 ? 154 GLY A CA   1 
ATOM   1229 C  C    . GLY A 1 154 ? -8.363  13.625  -1.877  1.00 44.70 ? 154 GLY A C    1 
ATOM   1230 O  O    . GLY A 1 154 ? -7.431  14.026  -2.585  1.00 44.70 ? 154 GLY A O    1 
ATOM   1231 O  OXT  . GLY A 1 154 ? -8.603  12.421  -1.782  1.00 46.30 ? 154 GLY A OXT  1 
HETATM 1232 S  S    . SO4 B 2 .   ? 21.490  8.530   0.186   1.00 45.80 ? 157 SO4 A S    1 
HETATM 1233 O  O1   . SO4 B 2 .   ? 21.672  7.401   -0.680  1.00 46.60 ? 157 SO4 A O1   1 
HETATM 1234 O  O2   . SO4 B 2 .   ? 20.213  8.393   0.761   1.00 45.10 ? 157 SO4 A O2   1 
HETATM 1235 O  O3   . SO4 B 2 .   ? 21.513  9.746   -0.579  1.00 45.70 ? 157 SO4 A O3   1 
HETATM 1236 O  O4   . SO4 B 2 .   ? 22.544  8.522   1.146   1.00 45.10 ? 157 SO4 A O4   1 
HETATM 1237 C  CHA  . HEM C 3 .   ? -0.793  4.986   10.000  1.00 16.00 ? 155 HEM A CHA  1 
HETATM 1238 C  CHB  . HEM C 3 .   ? -2.189  1.741   6.757   1.00 14.30 ? 155 HEM A CHB  1 
HETATM 1239 C  CHC  . HEM C 3 .   ? -1.185  4.620   3.102   1.00 14.10 ? 155 HEM A CHC  1 
HETATM 1240 C  CHD  . HEM C 3 .   ? 0.219   7.963   6.259   1.00 14.50 ? 155 HEM A CHD  1 
HETATM 1241 C  C1A  . HEM C 3 .   ? -1.187  3.772   9.342   1.00 15.00 ? 155 HEM A C1A  1 
HETATM 1242 C  C2A  . HEM C 3 .   ? -1.592  2.545   10.088  1.00 15.70 ? 155 HEM A C2A  1 
HETATM 1243 C  C3A  . HEM C 3 .   ? -2.055  1.654   9.254   1.00 14.90 ? 155 HEM A C3A  1 
HETATM 1244 C  C4A  . HEM C 3 .   ? -1.902  2.373   7.930   1.00 14.30 ? 155 HEM A C4A  1 
HETATM 1245 C  CMA  . HEM C 3 .   ? -2.618  0.354   9.556   1.00 13.40 ? 155 HEM A CMA  1 
HETATM 1246 C  CAA  . HEM C 3 .   ? -1.852  2.406   11.672  1.00 16.40 ? 155 HEM A CAA  1 
HETATM 1247 C  CBA  . HEM C 3 .   ? -3.235  2.751   12.254  1.00 18.10 ? 155 HEM A CBA  1 
HETATM 1248 C  CGA  . HEM C 3 .   ? -3.809  4.044   11.729  1.00 19.80 ? 155 HEM A CGA  1 
HETATM 1249 O  O1A  . HEM C 3 .   ? -3.360  5.127   12.138  1.00 20.50 ? 155 HEM A O1A  1 
HETATM 1250 O  O2A  . HEM C 3 .   ? -4.878  3.951   11.117  1.00 21.20 ? 155 HEM A O2A  1 
HETATM 1251 C  C1B  . HEM C 3 .   ? -2.037  2.298   5.473   1.00 14.20 ? 155 HEM A C1B  1 
HETATM 1252 C  C2B  . HEM C 3 .   ? -2.306  1.494   4.195   1.00 14.50 ? 155 HEM A C2B  1 
HETATM 1253 C  C3B  . HEM C 3 .   ? -1.973  2.322   3.208   1.00 13.90 ? 155 HEM A C3B  1 
HETATM 1254 C  C4B  . HEM C 3 .   ? -1.566  3.549   3.839   1.00 13.70 ? 155 HEM A C4B  1 
HETATM 1255 C  CMB  . HEM C 3 .   ? -2.889  0.004   4.157   1.00 13.60 ? 155 HEM A CMB  1 
HETATM 1256 C  CAB  . HEM C 3 .   ? -2.061  2.019   1.765   1.00 14.60 ? 155 HEM A CAB  1 
HETATM 1257 C  CBB  . HEM C 3 .   ? -1.388  0.841   1.286   1.00 15.30 ? 155 HEM A CBB  1 
HETATM 1258 C  C1C  . HEM C 3 .   ? -0.574  5.765   3.696   1.00 14.50 ? 155 HEM A C1C  1 
HETATM 1259 C  C2C  . HEM C 3 .   ? 0.036   6.902   2.903   1.00 14.90 ? 155 HEM A C2C  1 
HETATM 1260 C  C3C  . HEM C 3 .   ? 0.350   7.886   3.814   1.00 15.30 ? 155 HEM A C3C  1 
HETATM 1261 C  C4C  . HEM C 3 .   ? -0.055  7.331   5.101   1.00 14.90 ? 155 HEM A C4C  1 
HETATM 1262 C  CMC  . HEM C 3 .   ? 0.104   6.872   1.376   1.00 13.80 ? 155 HEM A CMC  1 
HETATM 1263 C  CAC  . HEM C 3 .   ? 0.971   9.159   3.671   1.00 15.90 ? 155 HEM A CAC  1 
HETATM 1264 C  CBC  . HEM C 3 .   ? 1.801   9.508   2.540   1.00 17.00 ? 155 HEM A CBC  1 
HETATM 1265 C  C1D  . HEM C 3 .   ? 0.032   7.479   7.591   1.00 15.40 ? 155 HEM A C1D  1 
HETATM 1266 C  C2D  . HEM C 3 .   ? 0.395   8.200   8.841   1.00 16.50 ? 155 HEM A C2D  1 
HETATM 1267 C  C3D  . HEM C 3 .   ? 0.182   7.319   9.885   1.00 16.90 ? 155 HEM A C3D  1 
HETATM 1268 C  C4D  . HEM C 3 .   ? -0.342  6.119   9.255   1.00 15.90 ? 155 HEM A C4D  1 
HETATM 1269 C  CMD  . HEM C 3 .   ? 0.998   9.610   8.951   1.00 16.50 ? 155 HEM A CMD  1 
HETATM 1270 C  CAD  . HEM C 3 .   ? 0.533   7.438   11.291  1.00 19.50 ? 155 HEM A CAD  1 
HETATM 1271 C  CBD  . HEM C 3 .   ? 1.846   6.685   11.551  1.00 23.60 ? 155 HEM A CBD  1 
HETATM 1272 C  CGD  . HEM C 3 .   ? 2.272   6.757   13.041  1.00 25.90 ? 155 HEM A CGD  1 
HETATM 1273 O  O1D  . HEM C 3 .   ? 2.712   7.837   13.446  1.00 27.90 ? 155 HEM A O1D  1 
HETATM 1274 O  O2D  . HEM C 3 .   ? 1.747   5.984   13.856  1.00 27.50 ? 155 HEM A O2D  1 
HETATM 1275 N  NA   . HEM C 3 .   ? -1.323  3.619   8.005   1.00 14.50 ? 155 HEM A NA   1 
HETATM 1276 N  NB   . HEM C 3 .   ? -1.581  3.479   5.172   1.00 14.10 ? 155 HEM A NB   1 
HETATM 1277 N  NC   . HEM C 3 .   ? -0.615  6.095   4.989   1.00 14.70 ? 155 HEM A NC   1 
HETATM 1278 N  ND   . HEM C 3 .   ? -0.426  6.252   7.902   1.00 15.20 ? 155 HEM A ND   1 
HETATM 1279 FE FE   . HEM C 3 .   ? -1.039  4.798   6.496   1.00 15.30 ? 155 HEM A FE   1 
HETATM 1280 N  N    . ETN D 4 .   ? 2.051   4.459   6.198   0.90 15.20 ? 156 ETN A N    1 
HETATM 1281 C  C    . ETN D 4 .   ? 0.905   4.234   6.144   0.90 14.80 ? 156 ETN A C    1 
HETATM 1282 C  C1   . ETN D 4 .   ? 3.044   4.033   5.213   0.90 15.80 ? 156 ETN A C1   1 
HETATM 1283 C  C2   . ETN D 4 .   ? 2.768   4.743   3.886   0.90 15.80 ? 156 ETN A C2   1 
HETATM 1284 O  O    . HOH E 5 .   ? -0.814  11.906  11.953  0.62 17.70 ? 201 HOH A O    1 
HETATM 1285 O  O    . HOH E 5 .   ? 13.152  0.711   -2.005  1.00 24.70 ? 202 HOH A O    1 
HETATM 1286 O  O    . HOH E 5 .   ? 5.958   5.715   -5.718  1.00 26.80 ? 203 HOH A O    1 
HETATM 1287 O  O    . HOH E 5 .   ? -6.802  6.898   -7.606  0.93 27.10 ? 204 HOH A O    1 
HETATM 1288 O  O    . HOH E 5 .   ? -15.451 -3.828  -3.337  0.99 26.90 ? 205 HOH A O    1 
HETATM 1289 O  O    . HOH E 5 .   ? -9.514  7.250   13.578  1.00 27.20 ? 206 HOH A O    1 
HETATM 1290 O  O    . HOH E 5 .   ? -2.375  1.137   -9.138  1.00 22.90 ? 207 HOH A O    1 
HETATM 1291 O  O    . HOH E 5 .   ? -3.963  2.758   -11.506 1.00 27.90 ? 208 HOH A O    1 
HETATM 1292 O  O    . HOH E 5 .   ? -15.788 -5.361  -5.809  0.89 25.70 ? 209 HOH A O    1 
HETATM 1293 O  O    . HOH E 5 .   ? -13.891 -7.374  -6.876  1.00 19.00 ? 210 HOH A O    1 
HETATM 1294 O  O    . HOH E 5 .   ? -14.593 -10.012 -7.021  1.00 19.90 ? 211 HOH A O    1 
HETATM 1295 O  O    . HOH E 5 .   ? -14.475 -11.981 -5.073  0.99 23.60 ? 212 HOH A O    1 
HETATM 1296 O  O    . HOH E 5 .   ? 9.574   -14.531 -9.441  1.00 21.30 ? 214 HOH A O    1 
HETATM 1297 O  O    . HOH E 5 .   ? 8.475   -14.701 -6.798  1.00 14.90 ? 215 HOH A O    1 
HETATM 1298 O  O    . HOH E 5 .   ? 11.636  -13.541 -4.799  1.00 16.70 ? 216 HOH A O    1 
HETATM 1299 O  O    . HOH E 5 .   ? 11.480  -15.597 -10.944 1.00 24.40 ? 217 HOH A O    1 
HETATM 1300 O  O    . HOH E 5 .   ? 7.009   -17.986 -13.487 0.51 16.80 ? 218 HOH A O    1 
HETATM 1301 O  O    . HOH E 5 .   ? -1.342  -8.008  -19.847 0.74 22.50 ? 219 HOH A O    1 
HETATM 1302 O  O    . HOH E 5 .   ? 0.987   -14.021 -9.570  1.00 18.90 ? 220 HOH A O    1 
HETATM 1303 O  O    . HOH E 5 .   ? 3.450   0.749   13.506  0.83 30.50 ? 221 HOH A O    1 
HETATM 1304 O  O    . HOH E 5 .   ? -14.152 -14.585 -6.230  0.59 19.70 ? 222 HOH A O    1 
HETATM 1305 O  O    . HOH E 5 .   ? -10.224 -6.497  -1.313  1.00 14.80 ? 223 HOH A O    1 
HETATM 1306 O  O    . HOH E 5 .   ? 2.846   -22.824 -17.522 1.00 41.70 ? 224 HOH A O    1 
HETATM 1307 O  O    . HOH E 5 .   ? -1.817  -14.880 -0.257  0.65 19.80 ? 225 HOH A O    1 
HETATM 1308 O  O    . HOH E 5 .   ? 1.523   -12.717 -15.438 0.93 21.40 ? 226 HOH A O    1 
HETATM 1309 O  O    . HOH E 5 .   ? 10.864  13.093  13.527  0.86 27.10 ? 227 HOH A O    1 
HETATM 1310 O  O    . HOH E 5 .   ? 8.388   -10.054 8.798   0.93 16.30 ? 229 HOH A O    1 
HETATM 1311 O  O    . HOH E 5 .   ? 9.718   -12.965 -0.371  0.79 18.80 ? 230 HOH A O    1 
HETATM 1312 O  O    . HOH E 5 .   ? 4.829   -10.258 -19.136 1.00 30.80 ? 232 HOH A O    1 
HETATM 1313 O  O    . HOH E 5 .   ? 10.817  -11.131 7.653   0.80 21.50 ? 233 HOH A O    1 
HETATM 1314 O  O    . HOH E 5 .   ? 8.654   -3.042  7.123   1.00 21.70 ? 235 HOH A O    1 
HETATM 1315 O  O    . HOH E 5 .   ? 7.252   4.254   -7.481  1.00 29.00 ? 237 HOH A O    1 
HETATM 1316 O  O    . HOH E 5 .   ? 10.454  15.410  2.573   0.74 34.30 ? 240 HOH A O    1 
HETATM 1317 O  O    . HOH E 5 .   ? 2.573   11.697  11.576  1.00 37.10 ? 241 HOH A O    1 
HETATM 1318 O  O    . HOH E 5 .   ? -0.111  13.259  9.164   0.57 16.50 ? 242 HOH A O    1 
HETATM 1319 O  O    . HOH E 5 .   ? 4.410   10.005  12.066  0.45 19.40 ? 243 HOH A O    1 
HETATM 1320 O  O    . HOH E 5 .   ? -0.472  -16.409 2.123   1.00 40.10 ? 245 HOH A O    1 
HETATM 1321 O  O    . HOH E 5 .   ? 15.703  0.366   -0.164  0.78 30.40 ? 246 HOH A O    1 
HETATM 1322 O  O    . HOH E 5 .   ? 13.944  3.562   15.237  1.00 33.70 ? 247 HOH A O    1 
HETATM 1323 O  O    . HOH E 5 .   ? -1.896  -3.685  10.654  0.79 20.00 ? 248 HOH A O    1 
HETATM 1324 O  O    . HOH E 5 .   ? 1.558   -12.741 -18.638 0.88 30.30 ? 249 HOH A O    1 
HETATM 1325 O  O    . HOH E 5 .   ? -2.284  -9.659  6.382   0.63 18.20 ? 250 HOH A O    1 
HETATM 1326 O  O    . HOH E 5 .   ? 8.987   -7.319  -19.679 0.51 14.80 ? 252 HOH A O    1 
HETATM 1327 O  O    . HOH E 5 .   ? 15.206  -9.439  -7.472  0.68 16.60 ? 253 HOH A O    1 
HETATM 1328 O  O    . HOH E 5 .   ? 0.141   -9.543  5.204   1.00 35.00 ? 254 HOH A O    1 
HETATM 1329 O  O    . HOH E 5 .   ? -8.747  -10.819 5.667   1.00 20.20 ? 255 HOH A O    1 
HETATM 1330 O  O    . HOH E 5 .   ? -7.183  -4.257  7.135   0.95 19.70 ? 256 HOH A O    1 
HETATM 1331 O  O    . HOH E 5 .   ? -14.288 -12.582 0.764   1.00 25.40 ? 257 HOH A O    1 
HETATM 1332 O  O    . HOH E 5 .   ? -15.703 -6.548  5.439   1.00 29.40 ? 258 HOH A O    1 
HETATM 1333 O  O    . HOH E 5 .   ? -8.361  -2.160  8.248   0.78 24.60 ? 260 HOH A O    1 
HETATM 1334 O  O    . HOH E 5 .   ? -15.758 -1.718  10.502  0.42 15.50 ? 261 HOH A O    1 
HETATM 1335 O  O    . HOH E 5 .   ? -6.017  -5.080  -16.312 0.74 39.00 ? 262 HOH A O    1 
HETATM 1336 O  O    . HOH E 5 .   ? -9.035  14.412  15.753  1.00 30.20 ? 263 HOH A O    1 
HETATM 1337 O  O    . HOH E 5 .   ? -8.309  11.375  20.817  1.00 28.20 ? 264 HOH A O    1 
HETATM 1338 O  O    . HOH E 5 .   ? -5.539  14.001  -4.134  0.99 23.90 ? 265 HOH A O    1 
HETATM 1339 O  O    . HOH E 5 .   ? -4.133  -6.635  -17.978 0.63 27.40 ? 268 HOH A O    1 
HETATM 1340 O  O    . HOH E 5 .   ? -4.805  2.622   -14.841 1.00 43.60 ? 269 HOH A O    1 
HETATM 1341 O  O    . HOH E 5 .   ? -16.443 -1.414  0.046   0.57 20.70 ? 271 HOH A O    1 
HETATM 1342 O  O    . HOH E 5 .   ? 1.467   -15.785 -11.598 0.66 37.30 ? 273 HOH A O    1 
HETATM 1343 O  O    . HOH E 5 .   ? -21.790 12.866  2.437   0.95 52.90 ? 274 HOH A O    1 
HETATM 1344 O  O    . HOH E 5 .   ? -21.918 11.535  4.750   0.70 23.00 ? 275 HOH A O    1 
HETATM 1345 O  O    . HOH E 5 .   ? -19.376 8.186   -1.010  0.49 15.90 ? 276 HOH A O    1 
HETATM 1346 O  O    . HOH E 5 .   ? -10.150 -14.267 -15.243 1.00 43.60 ? 281 HOH A O    1 
HETATM 1347 O  O    . HOH E 5 .   ? -5.135  -10.048 -15.516 0.94 30.70 ? 282 HOH A O    1 
HETATM 1348 O  O    . HOH E 5 .   ? -0.684  -9.870  -8.894  0.81 30.50 ? 283 HOH A O    1 
HETATM 1349 O  O    . HOH E 5 .   ? -3.528  -16.244 3.672   1.00 37.10 ? 284 HOH A O    1 
HETATM 1350 O  O    . HOH E 5 .   ? 4.158   -20.010 -1.615  1.00 52.00 ? 286 HOH A O    1 
HETATM 1351 O  O    . HOH E 5 .   ? 17.893  5.793   11.258  0.63 17.30 ? 287 HOH A O    1 
HETATM 1352 O  O    . HOH E 5 .   ? 13.426  -12.533 1.388   1.00 45.10 ? 288 HOH A O    1 
HETATM 1353 O  O    . HOH E 5 .   ? 13.828  -9.135  5.652   0.77 26.30 ? 289 HOH A O    1 
HETATM 1354 O  O    . HOH E 5 .   ? 9.992   -13.871 7.764   1.00 20.80 ? 291 HOH A O    1 
HETATM 1355 O  O    . HOH E 5 .   ? 8.034   -9.605  -15.006 0.72 24.60 ? 293 HOH A O    1 
HETATM 1356 O  O    . HOH E 5 .   ? -17.282 4.269   4.312   1.00 35.00 ? 294 HOH A O    1 
HETATM 1357 O  O    . HOH E 5 .   ? 13.840  0.401   8.306   1.00 26.10 ? 295 HOH A O    1 
HETATM 1358 O  O    . HOH E 5 .   ? 13.138  11.586  0.682   0.73 24.30 ? 297 HOH A O    1 
HETATM 1359 O  O    . HOH E 5 .   ? 21.950  1.622   7.161   1.00 30.00 ? 299 HOH A O    1 
HETATM 1360 O  O    . HOH E 5 .   ? 16.603  2.618   15.000  0.43 15.20 ? 300 HOH A O    1 
HETATM 1361 O  O    . HOH E 5 .   ? 10.872  7.040   14.286  0.89 44.70 ? 301 HOH A O    1 
HETATM 1362 O  O    . HOH E 5 .   ? 1.530   -5.771  12.398  0.56 19.40 ? 302 HOH A O    1 
HETATM 1363 O  O    . HOH E 5 .   ? -14.994 -14.028 -1.458  0.67 40.60 ? 303 HOH A O    1 
HETATM 1364 O  O    . HOH E 5 .   ? -6.914  2.201   11.091  0.46 14.90 ? 304 HOH A O    1 
HETATM 1365 O  O    . HOH E 5 .   ? 3.140   -13.819 -13.649 0.67 21.40 ? 308 HOH A O    1 
HETATM 1366 O  O    . HOH E 5 .   ? -1.695  5.366   13.897  1.00 28.40 ? 310 HOH A O    1 
HETATM 1367 O  O    . HOH E 5 .   ? 13.436  5.855   13.495  1.00 46.80 ? 311 HOH A O    1 
HETATM 1368 O  O    . HOH E 5 .   ? -15.094 6.343   -5.538  1.00 27.00 ? 315 HOH A O    1 
HETATM 1369 O  O    . HOH E 5 .   ? 22.954  0.817   4.226   1.00 40.60 ? 316 HOH A O    1 
HETATM 1370 O  O    . HOH E 5 .   ? -10.190 16.038  7.151   0.67 20.70 ? 317 HOH A O    1 
HETATM 1371 O  O    . HOH E 5 .   ? 6.252   14.032  -6.145  1.00 38.10 ? 318 HOH A O    1 
HETATM 1372 O  O    . HOH E 5 .   ? 7.047   4.064   -9.861  1.00 43.30 ? 321 HOH A O    1 
HETATM 1373 O  O    . HOH E 5 .   ? 6.151   1.390   -10.945 0.98 46.20 ? 322 HOH A O    1 
HETATM 1374 O  O    . HOH E 5 .   ? 14.727  -4.744  2.615   1.00 33.50 ? 323 HOH A O    1 
HETATM 1375 O  O    . HOH E 5 .   ? -12.140 -16.094 -13.191 0.63 18.20 ? 324 HOH A O    1 
HETATM 1376 O  O    . HOH E 5 .   ? -5.898  3.640   -23.745 0.67 24.30 ? 325 HOH A O    1 
HETATM 1377 O  O    . HOH E 5 .   ? -15.535 -17.262 -11.035 1.00 33.00 ? 326 HOH A O    1 
HETATM 1378 O  O    . HOH E 5 .   ? -6.531  -7.835  -15.040 0.38 17.90 ? 327 HOH A O    1 
HETATM 1379 O  O    . HOH E 5 .   ? 12.827  -4.326  -3.952  0.78 33.20 ? 328 HOH A O    1 
HETATM 1380 O  O    . HOH E 5 .   ? -6.624  -11.561 7.203   0.63 20.40 ? 329 HOH A O    1 
HETATM 1381 O  O    . HOH E 5 .   ? 15.338  -9.236  -2.164  1.00 36.00 ? 331 HOH A O    1 
HETATM 1382 O  O    . HOH E 5 .   ? -5.599  -16.879 -12.460 0.75 26.10 ? 332 HOH A O    1 
HETATM 1383 O  O    . HOH E 5 .   ? -8.890  -4.047  -3.024  0.75 24.90 ? 333 HOH A O    1 
HETATM 1384 O  O    . HOH E 5 .   ? 15.315  -5.683  -1.642  0.60 30.20 ? 334 HOH A O    1 
HETATM 1385 O  O    . HOH E 5 .   ? 3.554   -17.818 -11.857 1.00 50.30 ? 335 HOH A O    1 
HETATM 1386 O  O    . HOH E 5 .   ? -3.827  -17.716 -5.819  0.43 14.20 ? 336 HOH A O    1 
HETATM 1387 O  O    . HOH E 5 .   ? 11.794  -7.335  -12.822 0.39 11.70 ? 337 HOH A O    1 
HETATM 1388 O  O    . HOH E 5 .   ? 11.106  -8.558  -15.851 0.52 25.90 ? 338 HOH A O    1 
HETATM 1389 O  O    . HOH E 5 .   ? 17.980  -8.514  -8.568  0.58 25.20 ? 339 HOH A O    1 
HETATM 1390 O  O    . HOH E 5 .   ? -8.774  -15.055 0.520   0.29 7.50  ? 340 HOH A O    1 
HETATM 1391 O  O    . HOH E 5 .   ? 7.195   -9.093  -18.732 0.69 30.20 ? 342 HOH A O    1 
HETATM 1392 O  O    . HOH E 5 .   ? 14.439  2.739   -3.374  0.99 39.00 ? 343 HOH A O    1 
HETATM 1393 O  O    . HOH E 5 .   ? 17.078  -8.107  -11.331 0.97 39.50 ? 344 HOH A O    1 
HETATM 1394 O  O    . HOH E 5 .   ? -10.097 -8.975  7.945   1.00 44.50 ? 345 HOH A O    1 
HETATM 1395 O  O    . HOH E 5 .   ? -15.754 1.187   -11.228 0.75 39.10 ? 346 HOH A O    1 
HETATM 1396 O  O    . HOH E 5 .   ? 3.633   0.917   -13.476 0.72 42.50 ? 348 HOH A O    1 
HETATM 1397 O  O    . HOH E 5 .   ? 5.878   -17.554 0.782   0.97 38.10 ? 349 HOH A O    1 
HETATM 1398 O  O    . HOH E 5 .   ? 20.951  -3.502  -10.820 1.00 46.50 ? 350 HOH A O    1 
HETATM 1399 O  O    . HOH E 5 .   ? -20.861 -7.643  -3.359  0.74 34.00 ? 351 HOH A O    1 
HETATM 1400 O  O    . HOH E 5 .   ? 7.562   -13.271 -15.885 0.55 31.70 ? 352 HOH A O    1 
HETATM 1401 O  O    . HOH E 5 .   ? 8.305   -15.919 -16.684 0.69 29.10 ? 355 HOH A O    1 
HETATM 1402 O  O    . HOH E 5 .   ? 14.936  -1.419  1.808   0.25 5.60  ? 356 HOH A O    1 
HETATM 1403 O  O    . HOH E 5 .   ? -5.538  -4.350  -23.766 0.42 24.20 ? 357 HOH A O    1 
HETATM 1404 O  O    . HOH E 5 .   ? -2.006  -17.656 -2.112  0.98 44.10 ? 358 HOH A O    1 
HETATM 1405 O  O    . HOH E 5 .   ? 17.131  -9.417  -13.591 0.86 29.40 ? 360 HOH A O    1 
HETATM 1406 O  O    . HOH E 5 .   ? -0.100  -18.739 0.850   0.57 28.40 ? 361 HOH A O    1 
HETATM 1407 O  O    . HOH E 5 .   ? 18.408  -8.548  -2.575  0.88 47.20 ? 362 HOH A O    1 
HETATM 1408 O  O    . HOH E 5 .   ? 14.168  2.856   -5.788  0.75 42.10 ? 364 HOH A O    1 
HETATM 1409 O  O    . HOH E 5 .   ? -9.570  7.066   -6.149  0.70 26.60 ? 365 HOH A O    1 
HETATM 1410 O  O    . HOH E 5 .   ? -14.639 -18.592 -4.574  1.00 41.00 ? 366 HOH A O    1 
HETATM 1411 O  O    . HOH E 5 .   ? -1.623  -6.186  -18.211 0.90 39.20 ? 367 HOH A O    1 
HETATM 1412 O  O    . HOH E 5 .   ? 12.009  -5.258  -17.136 0.54 20.00 ? 368 HOH A O    1 
HETATM 1413 O  O    . HOH E 5 .   ? -12.680 -8.854  -14.673 0.47 28.40 ? 369 HOH A O    1 
HETATM 1414 O  O    . HOH E 5 .   ? -0.651  0.712   14.553  0.59 37.70 ? 370 HOH A O    1 
HETATM 1415 O  O    . HOH E 5 .   ? 3.268   16.683  2.219   0.76 39.30 ? 371 HOH A O    1 
HETATM 1416 O  O    . HOH E 5 .   ? 8.132   5.844   17.340  1.00 47.70 ? 372 HOH A O    1 
HETATM 1417 O  O    . HOH E 5 .   ? -14.270 -14.454 -16.014 0.64 33.00 ? 373 HOH A O    1 
HETATM 1418 O  O    . HOH E 5 .   ? -10.340 -20.261 -7.512  0.55 28.80 ? 374 HOH A O    1 
HETATM 1419 O  O    . HOH E 5 .   ? 4.273   -11.478 -21.350 0.67 37.80 ? 375 HOH A O    1 
HETATM 1420 O  O    . HOH E 5 .   ? 8.947   -13.075 -24.748 0.72 34.70 ? 376 HOH A O    1 
HETATM 1421 O  O    . HOH E 5 .   ? 13.326  -5.917  -19.937 0.72 35.30 ? 377 HOH A O    1 
HETATM 1422 O  O    . HOH E 5 .   ? -11.050 18.656  2.585   0.53 25.30 ? 380 HOH A O    1 
HETATM 1423 O  O    . HOH E 5 .   ? 3.908   17.778  15.187  0.61 30.80 ? 381 HOH A O    1 
HETATM 1424 O  O    . HOH E 5 .   ? -7.267  -6.290  9.202   0.48 25.20 ? 382 HOH A O    1 
HETATM 1425 O  O    . HOH E 5 .   ? -12.265 10.980  -5.784  0.48 25.00 ? 383 HOH A O    1 
HETATM 1426 O  O    . HOH E 5 .   ? -13.097 21.037  4.512   0.59 32.30 ? 384 HOH A O    1 
HETATM 1427 O  O    . HOH E 5 .   ? -4.510  -2.056  11.607  0.44 23.30 ? 385 HOH A O    1 
HETATM 1428 O  O    . HOH E 5 .   ? 14.408  -7.444  2.138   0.45 26.10 ? 386 HOH A O    1 
HETATM 1429 O  O    . HOH E 5 .   ? 7.318   -1.494  19.784  0.65 33.80 ? 387 HOH A O    1 
HETATM 1430 O  O    . HOH E 5 .   ? -9.573  4.244   -8.276  0.64 30.20 ? 388 HOH A O    1 
HETATM 1431 O  O    . HOH E 5 .   ? -6.298  -0.432  9.835   0.58 30.40 ? 389 HOH A O    1 
HETATM 1432 O  O    . HOH E 5 .   ? 15.116  -7.983  -20.578 0.70 31.20 ? 390 HOH A O    1 
HETATM 1433 O  O    . HOH E 5 .   ? 6.051   6.001   -10.806 0.74 33.80 ? 391 HOH A O    1 
HETATM 1434 O  O    . HOH E 5 .   ? -4.939  16.889  2.570   0.58 29.10 ? 392 HOH A O    1 
HETATM 1435 O  O    . HOH E 5 .   ? 3.249   23.262  0.437   0.60 32.50 ? 393 HOH A O    1 
# 
